data_2PGK
# 
_entry.id   2PGK 
# 
_audit_conform.dict_name       mmcif_pdbx.dic 
_audit_conform.dict_version    5.387 
_audit_conform.dict_location   http://mmcif.pdb.org/dictionaries/ascii/mmcif_pdbx.dic 
# 
loop_
_database_2.database_id 
_database_2.database_code 
_database_2.pdbx_database_accession 
_database_2.pdbx_DOI 
PDB   2PGK         pdb_00002pgk 10.2210/pdb2pgk/pdb 
WWPDB D_1000178464 ?            ?                   
# 
loop_
_pdbx_audit_revision_history.ordinal 
_pdbx_audit_revision_history.data_content_type 
_pdbx_audit_revision_history.major_revision 
_pdbx_audit_revision_history.minor_revision 
_pdbx_audit_revision_history.revision_date 
1 'Structure model' 1 0 1976-09-01 
2 'Structure model' 1 1 2008-03-21 
3 'Structure model' 1 2 2011-07-13 
4 'Structure model' 1 3 2024-02-21 
# 
_pdbx_audit_revision_details.ordinal             1 
_pdbx_audit_revision_details.revision_ordinal    1 
_pdbx_audit_revision_details.data_content_type   'Structure model' 
_pdbx_audit_revision_details.provider            repository 
_pdbx_audit_revision_details.type                'Initial release' 
_pdbx_audit_revision_details.description         ? 
_pdbx_audit_revision_details.details             ? 
# 
loop_
_pdbx_audit_revision_group.ordinal 
_pdbx_audit_revision_group.revision_ordinal 
_pdbx_audit_revision_group.data_content_type 
_pdbx_audit_revision_group.group 
1 2 'Structure model' 'Version format compliance' 
2 3 'Structure model' 'Version format compliance' 
3 4 'Structure model' 'Database references'       
4 4 'Structure model' Other                       
# 
loop_
_pdbx_audit_revision_category.ordinal 
_pdbx_audit_revision_category.revision_ordinal 
_pdbx_audit_revision_category.data_content_type 
_pdbx_audit_revision_category.category 
1 4 'Structure model' database_2           
2 4 'Structure model' pdbx_database_status 
# 
loop_
_pdbx_audit_revision_item.ordinal 
_pdbx_audit_revision_item.revision_ordinal 
_pdbx_audit_revision_item.data_content_type 
_pdbx_audit_revision_item.item 
1 4 'Structure model' '_database_2.pdbx_DOI'                
2 4 'Structure model' '_database_2.pdbx_database_accession' 
3 4 'Structure model' '_pdbx_database_status.process_site'  
# 
_pdbx_database_status.status_code                     REL 
_pdbx_database_status.entry_id                        2PGK 
_pdbx_database_status.recvd_initial_deposition_date   1976-08-28 
_pdbx_database_status.deposit_site                    ? 
_pdbx_database_status.process_site                    BNL 
_pdbx_database_status.SG_entry                        . 
_pdbx_database_status.pdb_format_compatible           Y 
_pdbx_database_status.status_code_mr                  ? 
_pdbx_database_status.status_code_sf                  ? 
_pdbx_database_status.status_code_cs                  ? 
_pdbx_database_status.status_code_nmr_data            ? 
_pdbx_database_status.methods_development_category    ? 
# 
loop_
_audit_author.name 
_audit_author.pdbx_ordinal 
'Banks, R.D.'   1 
'Blake, C.C.F.' 2 
'Evans, P.R.'   3 
'Maser, R.M.'   4 
# 
loop_
_citation.id 
_citation.title 
_citation.journal_abbrev 
_citation.journal_volume 
_citation.page_first 
_citation.page_last 
_citation.year 
_citation.journal_id_ASTM 
_citation.country 
_citation.journal_id_ISSN 
_citation.journal_id_CSD 
_citation.book_publisher 
_citation.pdbx_database_id_PubMed 
_citation.pdbx_database_id_DOI 
primary 'The Use of Phase Combination in the Refinement of Phosphoglycerate Kinase at 2.5 Angstroms Resolution' 
'Acta Crystallogr.,Sect.A'                        37  491 ? 1981 ACACEQ DK 0108-7673     0621 ?                                 -1 
? 
1       'Phosphoglycerate Kinase' Philos.Trans.R.Soc.London,Ser.B                   293 93  ? 1981 PTRBAE UK 0080-4622     0441 ? 
?  ? 
2       
;Structure of Horse Muscle Phosphoglycerate Kinase, Some Results on the Chain Conformation,Substrate Binding and Evolution of the Molecule from a 3 Angstroms Fourier Map
;
J.Mol.Biol.                                       84  585 ? 1974 JMOBAK UK 0022-2836     0070 ?                                 ?  
? 
3       'Structure of Horse-Muscle Phosphoglycerate Kinase at 6 Angstroms Resolution' 'Nature New Biol.' 235 195 ? 1972 NNBYA7 UK 
0369-4887     0192 ?                                 ?  ? 
4       'X-Ray Studies of Glycolytic Enzymes' 'Essays in Biochem.'                              11  37  ? 1975 ESBIAV UK 0071-1365 
0416 ?                                 ?  ? 
5       ? 'Atlas of Macromolecular Structure on Microfiche' ?   453 ? 1976 ?      ?  0-917934-01-6 0434 
'Tracor Jitco Inc.,Rockville,Md.' ?  ? 
# 
loop_
_citation_author.citation_id 
_citation_author.name 
_citation_author.ordinal 
_citation_author.identifier_ORCID 
primary 'Rice, D.W.'    1 ? 
1       'Blake, C.C.F.' 2 ? 
1       'Rice, D.W.'    3 ? 
2       'Blake, C.C.F.' 4 ? 
2       'Evans, P.R.'   5 ? 
3       'Blake, C.C.F.' 6 ? 
3       'Evans, P.R.'   7 ? 
3       'Scopes, R.K.'  8 ? 
4       'Blake, C.C.F.' 9 ? 
# 
_citation_editor.citation_id   5 
_citation_editor.name          'Feldmann, R.J.' 
_citation_editor.ordinal       1 
# 
_entity.id                         1 
_entity.type                       polymer 
_entity.src_method                 man 
_entity.pdbx_description           'PHOSPHOGLYCERATE KINASE' 
_entity.formula_weight             34740.750 
_entity.pdbx_number_of_molecules   1 
_entity.pdbx_ec                    2.7.2.3 
_entity.pdbx_mutation              ? 
_entity.pdbx_fragment              ? 
_entity.details                    ? 
# 
_entity_poly.entity_id                      1 
_entity_poly.type                           'polypeptide(L)' 
_entity_poly.nstd_linkage                   no 
_entity_poly.nstd_monomer                   no 
_entity_poly.pdbx_seq_one_letter_code       
;(UNK)(UNK)(UNK)(UNK)(UNK)(UNK)(UNK)(UNK)(UNK)(UNK)(UNK)(UNK)(UNK)(UNK)(UNK)(UNK)
(UNK)(UNK)(UNK)(UNK)(UNK)(UNK)(UNK)(UNK)(UNK)(UNK)(UNK)(UNK)(UNK)(UNK)(UNK)(UNK)
(UNK)(UNK)(UNK)(UNK)(UNK)(UNK)(UNK)(UNK)(UNK)(UNK)(UNK)(UNK)(UNK)(UNK)(UNK)(UNK)
(UNK)(UNK)(UNK)(UNK)(UNK)(UNK)(UNK)(UNK)(UNK)(UNK)(UNK)(UNK)(UNK)(UNK)(UNK)(UNK)
(UNK)(UNK)(UNK)(UNK)(UNK)(UNK)(UNK)(UNK)(UNK)(UNK)(UNK)(UNK)(UNK)(UNK)(UNK)(UNK)
(UNK)(UNK)(UNK)(UNK)(UNK)(UNK)(UNK)(UNK)(UNK)(UNK)(UNK)(UNK)(UNK)(UNK)(UNK)(UNK)
(UNK)(UNK)(UNK)(UNK)(UNK)(UNK)(UNK)(UNK)(UNK)(UNK)(UNK)(UNK)(UNK)(UNK)(UNK)(UNK)
(UNK)(UNK)(UNK)(UNK)(UNK)(UNK)(UNK)(UNK)(UNK)(UNK)(UNK)(UNK)(UNK)(UNK)(UNK)(UNK)
(UNK)(UNK)(UNK)(UNK)(UNK)(UNK)(UNK)(UNK)(UNK)(UNK)(UNK)(UNK)(UNK)(UNK)(UNK)(UNK)
(UNK)(UNK)(UNK)(UNK)(UNK)(UNK)(UNK)(UNK)(UNK)(UNK)(UNK)(UNK)(UNK)(UNK)(UNK)(UNK)
(UNK)(UNK)(UNK)(UNK)(UNK)(UNK)(UNK)(UNK)(UNK)(UNK)(UNK)(UNK)(UNK)(UNK)(UNK)(UNK)
(UNK)(UNK)(UNK)(UNK)(UNK)(UNK)(UNK)(UNK)(UNK)(UNK)(UNK)(UNK)(UNK)(UNK)(UNK)(UNK)
(UNK)(UNK)(UNK)(UNK)(UNK)(UNK)(UNK)(UNK)(UNK)(UNK)(UNK)(UNK)(UNK)(UNK)(UNK)(UNK)
(UNK)(UNK)(UNK)(UNK)(UNK)(UNK)(UNK)(UNK)(UNK)(UNK)(UNK)(UNK)(UNK)(UNK)(UNK)(UNK)
(UNK)(UNK)(UNK)(UNK)(UNK)(UNK)(UNK)(UNK)(UNK)(UNK)(UNK)(UNK)(UNK)(UNK)(UNK)(UNK)
(UNK)(UNK)(UNK)(UNK)(UNK)(UNK)(UNK)(UNK)(UNK)(UNK)(UNK)(UNK)(UNK)(UNK)(UNK)(UNK)
(UNK)(UNK)(UNK)(UNK)(UNK)(UNK)(UNK)(UNK)(UNK)(UNK)(UNK)(UNK)(UNK)(UNK)(UNK)(UNK)
(UNK)(UNK)(UNK)(UNK)(UNK)(UNK)(UNK)(UNK)(UNK)(UNK)(UNK)(UNK)(UNK)(UNK)(UNK)(UNK)
(UNK)(UNK)(UNK)(UNK)(UNK)(UNK)(UNK)(UNK)(UNK)(UNK)(UNK)(UNK)(UNK)(UNK)(UNK)(UNK)
(UNK)(UNK)(UNK)(UNK)(UNK)(UNK)(UNK)(UNK)(UNK)(UNK)(UNK)(UNK)(UNK)(UNK)(UNK)(UNK)
(UNK)(UNK)(UNK)(UNK)(UNK)(UNK)(UNK)(UNK)(UNK)(UNK)(UNK)(UNK)(UNK)(UNK)(UNK)(UNK)
(UNK)(UNK)(UNK)(UNK)(UNK)(UNK)(UNK)(UNK)(UNK)(UNK)(UNK)(UNK)(UNK)(UNK)(UNK)(UNK)
(UNK)(UNK)(UNK)(UNK)(UNK)(UNK)(UNK)(UNK)(UNK)(UNK)(UNK)(UNK)(UNK)(UNK)(UNK)(UNK)
(UNK)(UNK)(UNK)(UNK)(UNK)(UNK)(UNK)(UNK)(UNK)(UNK)(UNK)(UNK)(UNK)(UNK)(UNK)(UNK)
(UNK)(UNK)(UNK)(UNK)(UNK)(UNK)(UNK)(UNK)(UNK)(UNK)(UNK)(UNK)(UNK)(UNK)(UNK)(UNK)
(UNK)(UNK)(UNK)(UNK)(UNK)(UNK)(UNK)(UNK)
;
_entity_poly.pdbx_seq_one_letter_code_can   
;XXXXXXXXXXXXXXXXXXXXXXXXXXXXXXXXXXXXXXXXXXXXXXXXXXXXXXXXXXXXXXXXXXXXXXXXXXXXXXXX
XXXXXXXXXXXXXXXXXXXXXXXXXXXXXXXXXXXXXXXXXXXXXXXXXXXXXXXXXXXXXXXXXXXXXXXXXXXXXXXX
XXXXXXXXXXXXXXXXXXXXXXXXXXXXXXXXXXXXXXXXXXXXXXXXXXXXXXXXXXXXXXXXXXXXXXXXXXXXXXXX
XXXXXXXXXXXXXXXXXXXXXXXXXXXXXXXXXXXXXXXXXXXXXXXXXXXXXXXXXXXXXXXXXXXXXXXXXXXXXXXX
XXXXXXXXXXXXXXXXXXXXXXXXXXXXXXXXXXXXXXXXXXXXXXXXXXXXXXXXXXXXXXXXXXXXXXXXXXXXXXXX
XXXXXXXX
;
_entity_poly.pdbx_strand_id                 A 
_entity_poly.pdbx_target_identifier         ? 
# 
loop_
_entity_poly_seq.entity_id 
_entity_poly_seq.num 
_entity_poly_seq.mon_id 
_entity_poly_seq.hetero 
1 1   UNK n 
1 2   UNK n 
1 3   UNK n 
1 4   UNK n 
1 5   UNK n 
1 6   UNK n 
1 7   UNK n 
1 8   UNK n 
1 9   UNK n 
1 10  UNK n 
1 11  UNK n 
1 12  UNK n 
1 13  UNK n 
1 14  UNK n 
1 15  UNK n 
1 16  UNK n 
1 17  UNK n 
1 18  UNK n 
1 19  UNK n 
1 20  UNK n 
1 21  UNK n 
1 22  UNK n 
1 23  UNK n 
1 24  UNK n 
1 25  UNK n 
1 26  UNK n 
1 27  UNK n 
1 28  UNK n 
1 29  UNK n 
1 30  UNK n 
1 31  UNK n 
1 32  UNK n 
1 33  UNK n 
1 34  UNK n 
1 35  UNK n 
1 36  UNK n 
1 37  UNK n 
1 38  UNK n 
1 39  UNK n 
1 40  UNK n 
1 41  UNK n 
1 42  UNK n 
1 43  UNK n 
1 44  UNK n 
1 45  UNK n 
1 46  UNK n 
1 47  UNK n 
1 48  UNK n 
1 49  UNK n 
1 50  UNK n 
1 51  UNK n 
1 52  UNK n 
1 53  UNK n 
1 54  UNK n 
1 55  UNK n 
1 56  UNK n 
1 57  UNK n 
1 58  UNK n 
1 59  UNK n 
1 60  UNK n 
1 61  UNK n 
1 62  UNK n 
1 63  UNK n 
1 64  UNK n 
1 65  UNK n 
1 66  UNK n 
1 67  UNK n 
1 68  UNK n 
1 69  UNK n 
1 70  UNK n 
1 71  UNK n 
1 72  UNK n 
1 73  UNK n 
1 74  UNK n 
1 75  UNK n 
1 76  UNK n 
1 77  UNK n 
1 78  UNK n 
1 79  UNK n 
1 80  UNK n 
1 81  UNK n 
1 82  UNK n 
1 83  UNK n 
1 84  UNK n 
1 85  UNK n 
1 86  UNK n 
1 87  UNK n 
1 88  UNK n 
1 89  UNK n 
1 90  UNK n 
1 91  UNK n 
1 92  UNK n 
1 93  UNK n 
1 94  UNK n 
1 95  UNK n 
1 96  UNK n 
1 97  UNK n 
1 98  UNK n 
1 99  UNK n 
1 100 UNK n 
1 101 UNK n 
1 102 UNK n 
1 103 UNK n 
1 104 UNK n 
1 105 UNK n 
1 106 UNK n 
1 107 UNK n 
1 108 UNK n 
1 109 UNK n 
1 110 UNK n 
1 111 UNK n 
1 112 UNK n 
1 113 UNK n 
1 114 UNK n 
1 115 UNK n 
1 116 UNK n 
1 117 UNK n 
1 118 UNK n 
1 119 UNK n 
1 120 UNK n 
1 121 UNK n 
1 122 UNK n 
1 123 UNK n 
1 124 UNK n 
1 125 UNK n 
1 126 UNK n 
1 127 UNK n 
1 128 UNK n 
1 129 UNK n 
1 130 UNK n 
1 131 UNK n 
1 132 UNK n 
1 133 UNK n 
1 134 UNK n 
1 135 UNK n 
1 136 UNK n 
1 137 UNK n 
1 138 UNK n 
1 139 UNK n 
1 140 UNK n 
1 141 UNK n 
1 142 UNK n 
1 143 UNK n 
1 144 UNK n 
1 145 UNK n 
1 146 UNK n 
1 147 UNK n 
1 148 UNK n 
1 149 UNK n 
1 150 UNK n 
1 151 UNK n 
1 152 UNK n 
1 153 UNK n 
1 154 UNK n 
1 155 UNK n 
1 156 UNK n 
1 157 UNK n 
1 158 UNK n 
1 159 UNK n 
1 160 UNK n 
1 161 UNK n 
1 162 UNK n 
1 163 UNK n 
1 164 UNK n 
1 165 UNK n 
1 166 UNK n 
1 167 UNK n 
1 168 UNK n 
1 169 UNK n 
1 170 UNK n 
1 171 UNK n 
1 172 UNK n 
1 173 UNK n 
1 174 UNK n 
1 175 UNK n 
1 176 UNK n 
1 177 UNK n 
1 178 UNK n 
1 179 UNK n 
1 180 UNK n 
1 181 UNK n 
1 182 UNK n 
1 183 UNK n 
1 184 UNK n 
1 185 UNK n 
1 186 UNK n 
1 187 UNK n 
1 188 UNK n 
1 189 UNK n 
1 190 UNK n 
1 191 UNK n 
1 192 UNK n 
1 193 UNK n 
1 194 UNK n 
1 195 UNK n 
1 196 UNK n 
1 197 UNK n 
1 198 UNK n 
1 199 UNK n 
1 200 UNK n 
1 201 UNK n 
1 202 UNK n 
1 203 UNK n 
1 204 UNK n 
1 205 UNK n 
1 206 UNK n 
1 207 UNK n 
1 208 UNK n 
1 209 UNK n 
1 210 UNK n 
1 211 UNK n 
1 212 UNK n 
1 213 UNK n 
1 214 UNK n 
1 215 UNK n 
1 216 UNK n 
1 217 UNK n 
1 218 UNK n 
1 219 UNK n 
1 220 UNK n 
1 221 UNK n 
1 222 UNK n 
1 223 UNK n 
1 224 UNK n 
1 225 UNK n 
1 226 UNK n 
1 227 UNK n 
1 228 UNK n 
1 229 UNK n 
1 230 UNK n 
1 231 UNK n 
1 232 UNK n 
1 233 UNK n 
1 234 UNK n 
1 235 UNK n 
1 236 UNK n 
1 237 UNK n 
1 238 UNK n 
1 239 UNK n 
1 240 UNK n 
1 241 UNK n 
1 242 UNK n 
1 243 UNK n 
1 244 UNK n 
1 245 UNK n 
1 246 UNK n 
1 247 UNK n 
1 248 UNK n 
1 249 UNK n 
1 250 UNK n 
1 251 UNK n 
1 252 UNK n 
1 253 UNK n 
1 254 UNK n 
1 255 UNK n 
1 256 UNK n 
1 257 UNK n 
1 258 UNK n 
1 259 UNK n 
1 260 UNK n 
1 261 UNK n 
1 262 UNK n 
1 263 UNK n 
1 264 UNK n 
1 265 UNK n 
1 266 UNK n 
1 267 UNK n 
1 268 UNK n 
1 269 UNK n 
1 270 UNK n 
1 271 UNK n 
1 272 UNK n 
1 273 UNK n 
1 274 UNK n 
1 275 UNK n 
1 276 UNK n 
1 277 UNK n 
1 278 UNK n 
1 279 UNK n 
1 280 UNK n 
1 281 UNK n 
1 282 UNK n 
1 283 UNK n 
1 284 UNK n 
1 285 UNK n 
1 286 UNK n 
1 287 UNK n 
1 288 UNK n 
1 289 UNK n 
1 290 UNK n 
1 291 UNK n 
1 292 UNK n 
1 293 UNK n 
1 294 UNK n 
1 295 UNK n 
1 296 UNK n 
1 297 UNK n 
1 298 UNK n 
1 299 UNK n 
1 300 UNK n 
1 301 UNK n 
1 302 UNK n 
1 303 UNK n 
1 304 UNK n 
1 305 UNK n 
1 306 UNK n 
1 307 UNK n 
1 308 UNK n 
1 309 UNK n 
1 310 UNK n 
1 311 UNK n 
1 312 UNK n 
1 313 UNK n 
1 314 UNK n 
1 315 UNK n 
1 316 UNK n 
1 317 UNK n 
1 318 UNK n 
1 319 UNK n 
1 320 UNK n 
1 321 UNK n 
1 322 UNK n 
1 323 UNK n 
1 324 UNK n 
1 325 UNK n 
1 326 UNK n 
1 327 UNK n 
1 328 UNK n 
1 329 UNK n 
1 330 UNK n 
1 331 UNK n 
1 332 UNK n 
1 333 UNK n 
1 334 UNK n 
1 335 UNK n 
1 336 UNK n 
1 337 UNK n 
1 338 UNK n 
1 339 UNK n 
1 340 UNK n 
1 341 UNK n 
1 342 UNK n 
1 343 UNK n 
1 344 UNK n 
1 345 UNK n 
1 346 UNK n 
1 347 UNK n 
1 348 UNK n 
1 349 UNK n 
1 350 UNK n 
1 351 UNK n 
1 352 UNK n 
1 353 UNK n 
1 354 UNK n 
1 355 UNK n 
1 356 UNK n 
1 357 UNK n 
1 358 UNK n 
1 359 UNK n 
1 360 UNK n 
1 361 UNK n 
1 362 UNK n 
1 363 UNK n 
1 364 UNK n 
1 365 UNK n 
1 366 UNK n 
1 367 UNK n 
1 368 UNK n 
1 369 UNK n 
1 370 UNK n 
1 371 UNK n 
1 372 UNK n 
1 373 UNK n 
1 374 UNK n 
1 375 UNK n 
1 376 UNK n 
1 377 UNK n 
1 378 UNK n 
1 379 UNK n 
1 380 UNK n 
1 381 UNK n 
1 382 UNK n 
1 383 UNK n 
1 384 UNK n 
1 385 UNK n 
1 386 UNK n 
1 387 UNK n 
1 388 UNK n 
1 389 UNK n 
1 390 UNK n 
1 391 UNK n 
1 392 UNK n 
1 393 UNK n 
1 394 UNK n 
1 395 UNK n 
1 396 UNK n 
1 397 UNK n 
1 398 UNK n 
1 399 UNK n 
1 400 UNK n 
1 401 UNK n 
1 402 UNK n 
1 403 UNK n 
1 404 UNK n 
1 405 UNK n 
1 406 UNK n 
1 407 UNK n 
1 408 UNK n 
# 
_entity_src_gen.entity_id                          1 
_entity_src_gen.pdbx_src_id                        1 
_entity_src_gen.pdbx_alt_source_flag               sample 
_entity_src_gen.pdbx_seq_type                      ? 
_entity_src_gen.pdbx_beg_seq_num                   ? 
_entity_src_gen.pdbx_end_seq_num                   ? 
_entity_src_gen.gene_src_common_name               horse 
_entity_src_gen.gene_src_genus                     ? 
_entity_src_gen.pdbx_gene_src_gene                 ? 
_entity_src_gen.gene_src_species                   ? 
_entity_src_gen.gene_src_strain                    ? 
_entity_src_gen.gene_src_tissue                    MUSCLE 
_entity_src_gen.gene_src_tissue_fraction           ? 
_entity_src_gen.gene_src_details                   ? 
_entity_src_gen.pdbx_gene_src_fragment             ? 
_entity_src_gen.pdbx_gene_src_scientific_name      'Equus caballus' 
_entity_src_gen.pdbx_gene_src_ncbi_taxonomy_id     9796 
_entity_src_gen.pdbx_gene_src_variant              ? 
_entity_src_gen.pdbx_gene_src_cell_line            ? 
_entity_src_gen.pdbx_gene_src_atcc                 ? 
_entity_src_gen.pdbx_gene_src_organ                ? 
_entity_src_gen.pdbx_gene_src_organelle            ? 
_entity_src_gen.pdbx_gene_src_cell                 ? 
_entity_src_gen.pdbx_gene_src_cellular_location    ? 
_entity_src_gen.host_org_common_name               ? 
_entity_src_gen.pdbx_host_org_scientific_name      ? 
_entity_src_gen.pdbx_host_org_ncbi_taxonomy_id     ? 
_entity_src_gen.host_org_genus                     ? 
_entity_src_gen.pdbx_host_org_gene                 ? 
_entity_src_gen.pdbx_host_org_organ                ? 
_entity_src_gen.host_org_species                   ? 
_entity_src_gen.pdbx_host_org_tissue               ? 
_entity_src_gen.pdbx_host_org_tissue_fraction      ? 
_entity_src_gen.pdbx_host_org_strain               ? 
_entity_src_gen.pdbx_host_org_variant              ? 
_entity_src_gen.pdbx_host_org_cell_line            ? 
_entity_src_gen.pdbx_host_org_atcc                 ? 
_entity_src_gen.pdbx_host_org_culture_collection   ? 
_entity_src_gen.pdbx_host_org_cell                 ? 
_entity_src_gen.pdbx_host_org_organelle            ? 
_entity_src_gen.pdbx_host_org_cellular_location    ? 
_entity_src_gen.pdbx_host_org_vector_type          ? 
_entity_src_gen.pdbx_host_org_vector               ? 
_entity_src_gen.host_org_details                   ? 
_entity_src_gen.expression_system_id               ? 
_entity_src_gen.plasmid_name                       ? 
_entity_src_gen.plasmid_details                    ? 
_entity_src_gen.pdbx_description                   ? 
# 
_chem_comp.id               UNK 
_chem_comp.type             'L-peptide linking' 
_chem_comp.mon_nstd_flag    . 
_chem_comp.name             UNKNOWN 
_chem_comp.pdbx_synonyms    ? 
_chem_comp.formula          'C4 H9 N O2' 
_chem_comp.formula_weight   103.120 
# 
loop_
_pdbx_poly_seq_scheme.asym_id 
_pdbx_poly_seq_scheme.entity_id 
_pdbx_poly_seq_scheme.seq_id 
_pdbx_poly_seq_scheme.mon_id 
_pdbx_poly_seq_scheme.ndb_seq_num 
_pdbx_poly_seq_scheme.pdb_seq_num 
_pdbx_poly_seq_scheme.auth_seq_num 
_pdbx_poly_seq_scheme.pdb_mon_id 
_pdbx_poly_seq_scheme.auth_mon_id 
_pdbx_poly_seq_scheme.pdb_strand_id 
_pdbx_poly_seq_scheme.pdb_ins_code 
_pdbx_poly_seq_scheme.hetero 
A 1 1   UNK 1   0   0   UNK UNK A . n 
A 1 2   UNK 2   1   1   UNK UNK A . n 
A 1 3   UNK 3   2   2   UNK UNK A . n 
A 1 4   UNK 4   3   3   UNK UNK A . n 
A 1 5   UNK 5   4   4   UNK UNK A . n 
A 1 6   UNK 6   5   5   UNK UNK A . n 
A 1 7   UNK 7   6   6   UNK UNK A . n 
A 1 8   UNK 8   7   7   UNK UNK A . n 
A 1 9   UNK 9   8   8   UNK UNK A . n 
A 1 10  UNK 10  9   9   UNK UNK A . n 
A 1 11  UNK 11  10  10  UNK UNK A . n 
A 1 12  UNK 12  11  11  UNK UNK A . n 
A 1 13  UNK 13  12  12  UNK UNK A . n 
A 1 14  UNK 14  13  13  UNK UNK A . n 
A 1 15  UNK 15  14  14  UNK UNK A . n 
A 1 16  UNK 16  15  15  UNK UNK A . n 
A 1 17  UNK 17  16  16  UNK UNK A . n 
A 1 18  UNK 18  17  17  UNK UNK A . n 
A 1 19  UNK 19  18  18  UNK UNK A . n 
A 1 20  UNK 20  19  19  UNK UNK A . n 
A 1 21  UNK 21  20  20  UNK UNK A . n 
A 1 22  UNK 22  21  21  UNK UNK A . n 
A 1 23  UNK 23  22  22  UNK UNK A . n 
A 1 24  UNK 24  23  23  UNK UNK A . n 
A 1 25  UNK 25  24  24  UNK UNK A . n 
A 1 26  UNK 26  25  25  UNK UNK A . n 
A 1 27  UNK 27  26  26  UNK UNK A . n 
A 1 28  UNK 28  27  27  UNK UNK A . n 
A 1 29  UNK 29  28  28  UNK UNK A . n 
A 1 30  UNK 30  29  29  UNK UNK A . n 
A 1 31  UNK 31  30  30  UNK UNK A . n 
A 1 32  UNK 32  31  31  UNK UNK A . n 
A 1 33  UNK 33  32  32  UNK UNK A . n 
A 1 34  UNK 34  33  33  UNK UNK A . n 
A 1 35  UNK 35  34  34  UNK UNK A . n 
A 1 36  UNK 36  35  35  UNK UNK A . n 
A 1 37  UNK 37  36  36  UNK UNK A . n 
A 1 38  UNK 38  37  37  UNK UNK A . n 
A 1 39  UNK 39  38  38  UNK UNK A . n 
A 1 40  UNK 40  39  39  UNK UNK A . n 
A 1 41  UNK 41  40  40  UNK UNK A . n 
A 1 42  UNK 42  41  41  UNK UNK A . n 
A 1 43  UNK 43  42  42  UNK UNK A . n 
A 1 44  UNK 44  43  43  UNK UNK A . n 
A 1 45  UNK 45  44  44  UNK UNK A . n 
A 1 46  UNK 46  45  45  UNK UNK A . n 
A 1 47  UNK 47  46  46  UNK UNK A . n 
A 1 48  UNK 48  47  47  UNK UNK A . n 
A 1 49  UNK 49  48  48  UNK UNK A . n 
A 1 50  UNK 50  49  49  UNK UNK A . n 
A 1 51  UNK 51  50  50  UNK UNK A . n 
A 1 52  UNK 52  51  51  UNK UNK A . n 
A 1 53  UNK 53  52  52  UNK UNK A . n 
A 1 54  UNK 54  53  53  UNK UNK A . n 
A 1 55  UNK 55  54  54  UNK UNK A . n 
A 1 56  UNK 56  55  55  UNK UNK A . n 
A 1 57  UNK 57  56  56  UNK UNK A . n 
A 1 58  UNK 58  57  57  UNK UNK A . n 
A 1 59  UNK 59  58  58  UNK UNK A . n 
A 1 60  UNK 60  59  59  UNK UNK A . n 
A 1 61  UNK 61  60  60  UNK UNK A . n 
A 1 62  UNK 62  61  61  UNK UNK A . n 
A 1 63  UNK 63  62  62  UNK UNK A . n 
A 1 64  UNK 64  63  63  UNK UNK A . n 
A 1 65  UNK 65  64  64  UNK UNK A . n 
A 1 66  UNK 66  65  65  UNK UNK A . n 
A 1 67  UNK 67  66  66  UNK UNK A . n 
A 1 68  UNK 68  67  67  UNK UNK A . n 
A 1 69  UNK 69  68  68  UNK UNK A . n 
A 1 70  UNK 70  69  69  UNK UNK A . n 
A 1 71  UNK 71  70  70  UNK UNK A . n 
A 1 72  UNK 72  71  71  UNK UNK A . n 
A 1 73  UNK 73  72  72  UNK UNK A . n 
A 1 74  UNK 74  73  73  UNK UNK A . n 
A 1 75  UNK 75  74  74  UNK UNK A . n 
A 1 76  UNK 76  75  75  UNK UNK A . n 
A 1 77  UNK 77  76  76  UNK UNK A . n 
A 1 78  UNK 78  77  77  UNK UNK A . n 
A 1 79  UNK 79  78  78  UNK UNK A . n 
A 1 80  UNK 80  79  79  UNK UNK A . n 
A 1 81  UNK 81  80  80  UNK UNK A . n 
A 1 82  UNK 82  81  81  UNK UNK A . n 
A 1 83  UNK 83  82  82  UNK UNK A . n 
A 1 84  UNK 84  83  83  UNK UNK A . n 
A 1 85  UNK 85  84  84  UNK UNK A . n 
A 1 86  UNK 86  85  85  UNK UNK A . n 
A 1 87  UNK 87  86  86  UNK UNK A . n 
A 1 88  UNK 88  87  87  UNK UNK A . n 
A 1 89  UNK 89  88  88  UNK UNK A . n 
A 1 90  UNK 90  89  89  UNK UNK A . n 
A 1 91  UNK 91  90  90  UNK UNK A . n 
A 1 92  UNK 92  91  91  UNK UNK A . n 
A 1 93  UNK 93  92  92  UNK UNK A . n 
A 1 94  UNK 94  93  93  UNK UNK A . n 
A 1 95  UNK 95  94  94  UNK UNK A . n 
A 1 96  UNK 96  95  95  UNK UNK A . n 
A 1 97  UNK 97  96  96  UNK UNK A . n 
A 1 98  UNK 98  97  97  UNK UNK A . n 
A 1 99  UNK 99  98  98  UNK UNK A . n 
A 1 100 UNK 100 99  99  UNK UNK A . n 
A 1 101 UNK 101 100 100 UNK UNK A . n 
A 1 102 UNK 102 101 101 UNK UNK A . n 
A 1 103 UNK 103 102 102 UNK UNK A . n 
A 1 104 UNK 104 103 103 UNK UNK A . n 
A 1 105 UNK 105 104 104 UNK UNK A . n 
A 1 106 UNK 106 105 105 UNK UNK A . n 
A 1 107 UNK 107 106 106 UNK UNK A . n 
A 1 108 UNK 108 107 107 UNK UNK A . n 
A 1 109 UNK 109 108 108 UNK UNK A . n 
A 1 110 UNK 110 109 109 UNK UNK A . n 
A 1 111 UNK 111 110 110 UNK UNK A . n 
A 1 112 UNK 112 111 111 UNK UNK A . n 
A 1 113 UNK 113 112 112 UNK UNK A . n 
A 1 114 UNK 114 113 113 UNK UNK A . n 
A 1 115 UNK 115 114 114 UNK UNK A . n 
A 1 116 UNK 116 115 115 UNK UNK A . n 
A 1 117 UNK 117 116 116 UNK UNK A . n 
A 1 118 UNK 118 117 117 UNK UNK A . n 
A 1 119 UNK 119 118 118 UNK UNK A . n 
A 1 120 UNK 120 119 119 UNK UNK A . n 
A 1 121 UNK 121 120 120 UNK UNK A . n 
A 1 122 UNK 122 121 121 UNK UNK A . n 
A 1 123 UNK 123 122 122 UNK UNK A . n 
A 1 124 UNK 124 123 123 UNK UNK A . n 
A 1 125 UNK 125 124 124 UNK UNK A . n 
A 1 126 UNK 126 125 125 UNK UNK A . n 
A 1 127 UNK 127 126 126 UNK UNK A . n 
A 1 128 UNK 128 127 127 UNK UNK A . n 
A 1 129 UNK 129 128 128 UNK UNK A . n 
A 1 130 UNK 130 129 129 UNK UNK A . n 
A 1 131 UNK 131 130 130 UNK UNK A . n 
A 1 132 UNK 132 131 131 UNK UNK A . n 
A 1 133 UNK 133 132 132 UNK UNK A . n 
A 1 134 UNK 134 133 133 UNK UNK A . n 
A 1 135 UNK 135 134 134 UNK UNK A . n 
A 1 136 UNK 136 135 135 UNK UNK A . n 
A 1 137 UNK 137 136 136 UNK UNK A . n 
A 1 138 UNK 138 137 137 UNK UNK A . n 
A 1 139 UNK 139 138 138 UNK UNK A . n 
A 1 140 UNK 140 139 139 UNK UNK A . n 
A 1 141 UNK 141 140 140 UNK UNK A . n 
A 1 142 UNK 142 141 141 UNK UNK A . n 
A 1 143 UNK 143 142 142 UNK UNK A . n 
A 1 144 UNK 144 143 143 UNK UNK A . n 
A 1 145 UNK 145 144 144 UNK UNK A . n 
A 1 146 UNK 146 145 145 UNK UNK A . n 
A 1 147 UNK 147 146 146 UNK UNK A . n 
A 1 148 UNK 148 147 147 UNK UNK A . n 
A 1 149 UNK 149 148 148 UNK UNK A . n 
A 1 150 UNK 150 149 149 UNK UNK A . n 
A 1 151 UNK 151 150 150 UNK UNK A . n 
A 1 152 UNK 152 151 151 UNK UNK A . n 
A 1 153 UNK 153 152 152 UNK UNK A . n 
A 1 154 UNK 154 153 153 UNK UNK A . n 
A 1 155 UNK 155 154 154 UNK UNK A . n 
A 1 156 UNK 156 155 155 UNK UNK A . n 
A 1 157 UNK 157 156 156 UNK UNK A . n 
A 1 158 UNK 158 157 157 UNK UNK A . n 
A 1 159 UNK 159 158 158 UNK UNK A . n 
A 1 160 UNK 160 159 159 UNK UNK A . n 
A 1 161 UNK 161 160 160 UNK UNK A . n 
A 1 162 UNK 162 161 161 UNK UNK A . n 
A 1 163 UNK 163 162 162 UNK UNK A . n 
A 1 164 UNK 164 163 163 UNK UNK A . n 
A 1 165 UNK 165 164 164 UNK UNK A . n 
A 1 166 UNK 166 165 165 UNK UNK A . n 
A 1 167 UNK 167 166 166 UNK UNK A . n 
A 1 168 UNK 168 167 167 UNK UNK A . n 
A 1 169 UNK 169 168 168 UNK UNK A . n 
A 1 170 UNK 170 169 169 UNK UNK A . n 
A 1 171 UNK 171 170 170 UNK UNK A . n 
A 1 172 UNK 172 171 171 UNK UNK A . n 
A 1 173 UNK 173 172 172 UNK UNK A . n 
A 1 174 UNK 174 173 173 UNK UNK A . n 
A 1 175 UNK 175 174 174 UNK UNK A . n 
A 1 176 UNK 176 175 175 UNK UNK A . n 
A 1 177 UNK 177 176 176 UNK UNK A . n 
A 1 178 UNK 178 177 177 UNK UNK A . n 
A 1 179 UNK 179 178 178 UNK UNK A . n 
A 1 180 UNK 180 179 179 UNK UNK A . n 
A 1 181 UNK 181 180 180 UNK UNK A . n 
A 1 182 UNK 182 181 181 UNK UNK A . n 
A 1 183 UNK 183 182 182 UNK UNK A . n 
A 1 184 UNK 184 183 183 UNK UNK A . n 
A 1 185 UNK 185 184 184 UNK UNK A . n 
A 1 186 UNK 186 185 185 UNK UNK A . n 
A 1 187 UNK 187 186 186 UNK UNK A . n 
A 1 188 UNK 188 187 187 UNK UNK A . n 
A 1 189 UNK 189 188 188 UNK UNK A . n 
A 1 190 UNK 190 189 189 UNK UNK A . n 
A 1 191 UNK 191 190 190 UNK UNK A . n 
A 1 192 UNK 192 191 191 UNK UNK A . n 
A 1 193 UNK 193 192 192 UNK UNK A . n 
A 1 194 UNK 194 193 193 UNK UNK A . n 
A 1 195 UNK 195 194 194 UNK UNK A . n 
A 1 196 UNK 196 195 195 UNK UNK A . n 
A 1 197 UNK 197 196 196 UNK UNK A . n 
A 1 198 UNK 198 197 197 UNK UNK A . n 
A 1 199 UNK 199 198 198 UNK UNK A . n 
A 1 200 UNK 200 199 199 UNK UNK A . n 
A 1 201 UNK 201 200 200 UNK UNK A . n 
A 1 202 UNK 202 201 201 UNK UNK A . n 
A 1 203 UNK 203 202 202 UNK UNK A . n 
A 1 204 UNK 204 203 203 UNK UNK A . n 
A 1 205 UNK 205 204 204 UNK UNK A . n 
A 1 206 UNK 206 205 205 UNK UNK A . n 
A 1 207 UNK 207 206 206 UNK UNK A . n 
A 1 208 UNK 208 207 207 UNK UNK A . n 
A 1 209 UNK 209 208 208 UNK UNK A . n 
A 1 210 UNK 210 209 209 UNK UNK A . n 
A 1 211 UNK 211 210 210 UNK UNK A . n 
A 1 212 UNK 212 211 211 UNK UNK A . n 
A 1 213 UNK 213 212 212 UNK UNK A . n 
A 1 214 UNK 214 213 213 UNK UNK A . n 
A 1 215 UNK 215 214 214 UNK UNK A . n 
A 1 216 UNK 216 215 215 UNK UNK A . n 
A 1 217 UNK 217 216 216 UNK UNK A . n 
A 1 218 UNK 218 217 217 UNK UNK A . n 
A 1 219 UNK 219 218 218 UNK UNK A . n 
A 1 220 UNK 220 219 219 UNK UNK A . n 
A 1 221 UNK 221 220 220 UNK UNK A . n 
A 1 222 UNK 222 221 221 UNK UNK A . n 
A 1 223 UNK 223 222 222 UNK UNK A . n 
A 1 224 UNK 224 223 223 UNK UNK A . n 
A 1 225 UNK 225 224 224 UNK UNK A . n 
A 1 226 UNK 226 225 225 UNK UNK A . n 
A 1 227 UNK 227 226 226 UNK UNK A . n 
A 1 228 UNK 228 227 227 UNK UNK A . n 
A 1 229 UNK 229 228 228 UNK UNK A . n 
A 1 230 UNK 230 229 229 UNK UNK A . n 
A 1 231 UNK 231 230 230 UNK UNK A . n 
A 1 232 UNK 232 231 231 UNK UNK A . n 
A 1 233 UNK 233 232 232 UNK UNK A . n 
A 1 234 UNK 234 233 233 UNK UNK A . n 
A 1 235 UNK 235 234 234 UNK UNK A . n 
A 1 236 UNK 236 235 235 UNK UNK A . n 
A 1 237 UNK 237 236 236 UNK UNK A . n 
A 1 238 UNK 238 237 237 UNK UNK A . n 
A 1 239 UNK 239 238 238 UNK UNK A . n 
A 1 240 UNK 240 239 239 UNK UNK A . n 
A 1 241 UNK 241 240 240 UNK UNK A . n 
A 1 242 UNK 242 241 241 UNK UNK A . n 
A 1 243 UNK 243 242 242 UNK UNK A . n 
A 1 244 UNK 244 243 243 UNK UNK A . n 
A 1 245 UNK 245 244 244 UNK UNK A . n 
A 1 246 UNK 246 245 245 UNK UNK A . n 
A 1 247 UNK 247 246 246 UNK UNK A . n 
A 1 248 UNK 248 247 247 UNK UNK A . n 
A 1 249 UNK 249 248 248 UNK UNK A . n 
A 1 250 UNK 250 249 249 UNK UNK A . n 
A 1 251 UNK 251 250 250 UNK UNK A . n 
A 1 252 UNK 252 251 251 UNK UNK A . n 
A 1 253 UNK 253 252 252 UNK UNK A . n 
A 1 254 UNK 254 253 253 UNK UNK A . n 
A 1 255 UNK 255 254 254 UNK UNK A . n 
A 1 256 UNK 256 255 255 UNK UNK A . n 
A 1 257 UNK 257 256 256 UNK UNK A . n 
A 1 258 UNK 258 257 257 UNK UNK A . n 
A 1 259 UNK 259 258 258 UNK UNK A . n 
A 1 260 UNK 260 259 259 UNK UNK A . n 
A 1 261 UNK 261 260 260 UNK UNK A . n 
A 1 262 UNK 262 261 261 UNK UNK A . n 
A 1 263 UNK 263 262 262 UNK UNK A . n 
A 1 264 UNK 264 263 263 UNK UNK A . n 
A 1 265 UNK 265 264 264 UNK UNK A . n 
A 1 266 UNK 266 265 265 UNK UNK A . n 
A 1 267 UNK 267 266 266 UNK UNK A . n 
A 1 268 UNK 268 267 267 UNK UNK A . n 
A 1 269 UNK 269 268 268 UNK UNK A . n 
A 1 270 UNK 270 269 269 UNK UNK A . n 
A 1 271 UNK 271 270 270 UNK UNK A . n 
A 1 272 UNK 272 271 271 UNK UNK A . n 
A 1 273 UNK 273 272 272 UNK UNK A . n 
A 1 274 UNK 274 273 273 UNK UNK A . n 
A 1 275 UNK 275 274 274 UNK UNK A . n 
A 1 276 UNK 276 275 275 UNK UNK A . n 
A 1 277 UNK 277 276 276 UNK UNK A . n 
A 1 278 UNK 278 277 277 UNK UNK A . n 
A 1 279 UNK 279 278 278 UNK UNK A . n 
A 1 280 UNK 280 279 279 UNK UNK A . n 
A 1 281 UNK 281 280 280 UNK UNK A . n 
A 1 282 UNK 282 281 281 UNK UNK A . n 
A 1 283 UNK 283 282 282 UNK UNK A . n 
A 1 284 UNK 284 283 283 UNK UNK A . n 
A 1 285 UNK 285 284 284 UNK UNK A . n 
A 1 286 UNK 286 285 285 UNK UNK A . n 
A 1 287 UNK 287 286 286 UNK UNK A . n 
A 1 288 UNK 288 287 287 UNK UNK A . n 
A 1 289 UNK 289 288 288 UNK UNK A . n 
A 1 290 UNK 290 289 289 UNK UNK A . n 
A 1 291 UNK 291 290 290 UNK UNK A . n 
A 1 292 UNK 292 291 291 UNK UNK A . n 
A 1 293 UNK 293 292 292 UNK UNK A . n 
A 1 294 UNK 294 293 293 UNK UNK A . n 
A 1 295 UNK 295 294 294 UNK UNK A . n 
A 1 296 UNK 296 295 295 UNK UNK A . n 
A 1 297 UNK 297 296 296 UNK UNK A . n 
A 1 298 UNK 298 297 297 UNK UNK A . n 
A 1 299 UNK 299 298 298 UNK UNK A . n 
A 1 300 UNK 300 299 299 UNK UNK A . n 
A 1 301 UNK 301 300 300 UNK UNK A . n 
A 1 302 UNK 302 301 301 UNK UNK A . n 
A 1 303 UNK 303 302 302 UNK UNK A . n 
A 1 304 UNK 304 303 303 UNK UNK A . n 
A 1 305 UNK 305 304 304 UNK UNK A . n 
A 1 306 UNK 306 305 305 UNK UNK A . n 
A 1 307 UNK 307 306 306 UNK UNK A . n 
A 1 308 UNK 308 307 307 UNK UNK A . n 
A 1 309 UNK 309 308 308 UNK UNK A . n 
A 1 310 UNK 310 309 309 UNK UNK A . n 
A 1 311 UNK 311 310 310 UNK UNK A . n 
A 1 312 UNK 312 311 311 UNK UNK A . n 
A 1 313 UNK 313 312 312 UNK UNK A . n 
A 1 314 UNK 314 313 313 UNK UNK A . n 
A 1 315 UNK 315 314 314 UNK UNK A . n 
A 1 316 UNK 316 315 315 UNK UNK A . n 
A 1 317 UNK 317 316 316 UNK UNK A . n 
A 1 318 UNK 318 317 317 UNK UNK A . n 
A 1 319 UNK 319 318 318 UNK UNK A . n 
A 1 320 UNK 320 319 319 UNK UNK A . n 
A 1 321 UNK 321 320 320 UNK UNK A . n 
A 1 322 UNK 322 321 321 UNK UNK A . n 
A 1 323 UNK 323 322 322 UNK UNK A . n 
A 1 324 UNK 324 323 323 UNK UNK A . n 
A 1 325 UNK 325 324 324 UNK UNK A . n 
A 1 326 UNK 326 325 325 UNK UNK A . n 
A 1 327 UNK 327 326 326 UNK UNK A . n 
A 1 328 UNK 328 327 327 UNK UNK A . n 
A 1 329 UNK 329 328 328 UNK UNK A . n 
A 1 330 UNK 330 329 329 UNK UNK A . n 
A 1 331 UNK 331 330 330 UNK UNK A . n 
A 1 332 UNK 332 331 331 UNK UNK A . n 
A 1 333 UNK 333 332 332 UNK UNK A . n 
A 1 334 UNK 334 333 333 UNK UNK A . n 
A 1 335 UNK 335 334 334 UNK UNK A . n 
A 1 336 UNK 336 335 335 UNK UNK A . n 
A 1 337 UNK 337 336 336 UNK UNK A . n 
A 1 338 UNK 338 337 337 UNK UNK A . n 
A 1 339 UNK 339 338 338 UNK UNK A . n 
A 1 340 UNK 340 339 339 UNK UNK A . n 
A 1 341 UNK 341 340 340 UNK UNK A . n 
A 1 342 UNK 342 341 341 UNK UNK A . n 
A 1 343 UNK 343 342 342 UNK UNK A . n 
A 1 344 UNK 344 343 343 UNK UNK A . n 
A 1 345 UNK 345 344 344 UNK UNK A . n 
A 1 346 UNK 346 345 345 UNK UNK A . n 
A 1 347 UNK 347 346 346 UNK UNK A . n 
A 1 348 UNK 348 347 347 UNK UNK A . n 
A 1 349 UNK 349 348 348 UNK UNK A . n 
A 1 350 UNK 350 349 349 UNK UNK A . n 
A 1 351 UNK 351 350 350 UNK UNK A . n 
A 1 352 UNK 352 351 351 UNK UNK A . n 
A 1 353 UNK 353 352 352 UNK UNK A . n 
A 1 354 UNK 354 353 353 UNK UNK A . n 
A 1 355 UNK 355 354 354 UNK UNK A . n 
A 1 356 UNK 356 355 355 UNK UNK A . n 
A 1 357 UNK 357 356 356 UNK UNK A . n 
A 1 358 UNK 358 357 357 UNK UNK A . n 
A 1 359 UNK 359 358 358 UNK UNK A . n 
A 1 360 UNK 360 359 359 UNK UNK A . n 
A 1 361 UNK 361 360 360 UNK UNK A . n 
A 1 362 UNK 362 361 361 UNK UNK A . n 
A 1 363 UNK 363 362 362 UNK UNK A . n 
A 1 364 UNK 364 363 363 UNK UNK A . n 
A 1 365 UNK 365 364 364 UNK UNK A . n 
A 1 366 UNK 366 365 365 UNK UNK A . n 
A 1 367 UNK 367 366 366 UNK UNK A . n 
A 1 368 UNK 368 367 367 UNK UNK A . n 
A 1 369 UNK 369 368 368 UNK UNK A . n 
A 1 370 UNK 370 369 369 UNK UNK A . n 
A 1 371 UNK 371 370 370 UNK UNK A . n 
A 1 372 UNK 372 371 371 UNK UNK A . n 
A 1 373 UNK 373 372 372 UNK UNK A . n 
A 1 374 UNK 374 373 373 UNK UNK A . n 
A 1 375 UNK 375 374 374 UNK UNK A . n 
A 1 376 UNK 376 375 375 UNK UNK A . n 
A 1 377 UNK 377 376 376 UNK UNK A . n 
A 1 378 UNK 378 377 377 UNK UNK A . n 
A 1 379 UNK 379 378 378 UNK UNK A . n 
A 1 380 UNK 380 379 379 UNK UNK A . n 
A 1 381 UNK 381 380 380 UNK UNK A . n 
A 1 382 UNK 382 381 381 UNK UNK A . n 
A 1 383 UNK 383 382 382 UNK UNK A . n 
A 1 384 UNK 384 383 383 UNK UNK A . n 
A 1 385 UNK 385 384 384 UNK UNK A . n 
A 1 386 UNK 386 385 385 UNK UNK A . n 
A 1 387 UNK 387 386 386 UNK UNK A . n 
A 1 388 UNK 388 387 387 UNK UNK A . n 
A 1 389 UNK 389 388 388 UNK UNK A . n 
A 1 390 UNK 390 389 389 UNK UNK A . n 
A 1 391 UNK 391 390 390 UNK UNK A . n 
A 1 392 UNK 392 391 391 UNK UNK A . n 
A 1 393 UNK 393 392 392 UNK UNK A . n 
A 1 394 UNK 394 393 393 UNK UNK A . n 
A 1 395 UNK 395 394 394 UNK UNK A . n 
A 1 396 UNK 396 395 395 UNK UNK A . n 
A 1 397 UNK 397 396 396 UNK UNK A . n 
A 1 398 UNK 398 397 397 UNK UNK A . n 
A 1 399 UNK 399 398 398 UNK UNK A . n 
A 1 400 UNK 400 399 399 UNK UNK A . n 
A 1 401 UNK 401 400 400 UNK UNK A . n 
A 1 402 UNK 402 401 401 UNK UNK A . n 
A 1 403 UNK 403 402 402 UNK UNK A . n 
A 1 404 UNK 404 403 403 UNK UNK A . n 
A 1 405 UNK 405 404 404 UNK UNK A . n 
A 1 406 UNK 406 405 405 UNK UNK A . n 
A 1 407 UNK 407 406 406 UNK UNK A . n 
A 1 408 UNK 408 407 407 UNK UNK A . n 
# 
_cell.entry_id           2PGK 
_cell.length_a           50.800 
_cell.length_b           106.900 
_cell.length_c           36.300 
_cell.angle_alpha        90.00 
_cell.angle_beta         98.60 
_cell.angle_gamma        90.00 
_cell.Z_PDB              2 
_cell.pdbx_unique_axis   ? 
# 
_symmetry.entry_id                         2PGK 
_symmetry.space_group_name_H-M             'P 1 21 1' 
_symmetry.pdbx_full_space_group_name_H-M   ? 
_symmetry.cell_setting                     ? 
_symmetry.Int_Tables_number                4 
# 
_exptl.entry_id          2PGK 
_exptl.method            'X-RAY DIFFRACTION' 
_exptl.crystals_number   ? 
# 
_exptl_crystal.id                    1 
_exptl_crystal.density_meas          ? 
_exptl_crystal.density_Matthews      2.81 
_exptl_crystal.density_percent_sol   56.15 
_exptl_crystal.description           ? 
# 
_refine.entry_id                                 2PGK 
_refine.ls_number_reflns_obs                     ? 
_refine.ls_number_reflns_all                     ? 
_refine.pdbx_ls_sigma_I                          ? 
_refine.pdbx_ls_sigma_F                          ? 
_refine.pdbx_data_cutoff_high_absF               ? 
_refine.pdbx_data_cutoff_low_absF                ? 
_refine.pdbx_data_cutoff_high_rms_absF           ? 
_refine.ls_d_res_low                             ? 
_refine.ls_d_res_high                            3.0 
_refine.ls_percent_reflns_obs                    ? 
_refine.ls_R_factor_obs                          ? 
_refine.ls_R_factor_all                          ? 
_refine.ls_R_factor_R_work                       ? 
_refine.ls_R_factor_R_free                       ? 
_refine.ls_R_factor_R_free_error                 ? 
_refine.ls_R_factor_R_free_error_details         ? 
_refine.ls_percent_reflns_R_free                 ? 
_refine.ls_number_reflns_R_free                  ? 
_refine.ls_number_parameters                     ? 
_refine.ls_number_restraints                     ? 
_refine.occupancy_min                            ? 
_refine.occupancy_max                            ? 
_refine.B_iso_mean                               ? 
_refine.aniso_B[1][1]                            ? 
_refine.aniso_B[2][2]                            ? 
_refine.aniso_B[3][3]                            ? 
_refine.aniso_B[1][2]                            ? 
_refine.aniso_B[1][3]                            ? 
_refine.aniso_B[2][3]                            ? 
_refine.solvent_model_details                    ? 
_refine.solvent_model_param_ksol                 ? 
_refine.solvent_model_param_bsol                 ? 
_refine.pdbx_ls_cross_valid_method               ? 
_refine.details                                  ? 
_refine.pdbx_starting_model                      ? 
_refine.pdbx_method_to_determine_struct          ? 
_refine.pdbx_isotropic_thermal_model             ? 
_refine.pdbx_stereochemistry_target_values       ? 
_refine.pdbx_stereochem_target_val_spec_case     ? 
_refine.pdbx_R_Free_selection_details            ? 
_refine.pdbx_overall_ESU_R                       ? 
_refine.pdbx_overall_ESU_R_Free                  ? 
_refine.overall_SU_ML                            ? 
_refine.overall_SU_B                             ? 
_refine.pdbx_refine_id                           'X-RAY DIFFRACTION' 
_refine.pdbx_diffrn_id                           1 
_refine.pdbx_TLS_residual_ADP_flag               ? 
_refine.correlation_coeff_Fo_to_Fc               ? 
_refine.correlation_coeff_Fo_to_Fc_free          ? 
_refine.pdbx_solvent_vdw_probe_radii             ? 
_refine.pdbx_solvent_ion_probe_radii             ? 
_refine.pdbx_solvent_shrinkage_radii             ? 
_refine.pdbx_overall_phase_error                 ? 
_refine.overall_SU_R_Cruickshank_DPI             ? 
_refine.pdbx_overall_SU_R_free_Cruickshank_DPI   ? 
_refine.pdbx_overall_SU_R_Blow_DPI               ? 
_refine.pdbx_overall_SU_R_free_Blow_DPI          ? 
# 
_refine_hist.pdbx_refine_id                   'X-RAY DIFFRACTION' 
_refine_hist.cycle_id                         LAST 
_refine_hist.pdbx_number_atoms_protein        1632 
_refine_hist.pdbx_number_atoms_nucleic_acid   0 
_refine_hist.pdbx_number_atoms_ligand         0 
_refine_hist.number_atoms_solvent             0 
_refine_hist.number_atoms_total               1632 
_refine_hist.d_res_high                       3.0 
_refine_hist.d_res_low                        . 
# 
_struct.entry_id                  2PGK 
_struct.title                     
'THE USE OF PHASE COMBINATION IN THE REFINEMENT OF PHOSPHOGLYCERATE KINASE AT 2.5 ANGSTROMS RESOLUTION' 
_struct.pdbx_model_details        ? 
_struct.pdbx_CASP_flag            ? 
_struct.pdbx_model_type_details   ? 
# 
_struct_keywords.entry_id        2PGK 
_struct_keywords.pdbx_keywords   'PHOSPHOTRANSFERASE (CARBOXYL ACCEPTOR)' 
_struct_keywords.text            'PHOSPHOTRANSFERASE (CARBOXYL ACCEPTOR)' 
# 
_struct_asym.id                            A 
_struct_asym.pdbx_blank_PDB_chainid_flag   N 
_struct_asym.pdbx_modified                 N 
_struct_asym.entity_id                     1 
_struct_asym.details                       ? 
# 
_struct_ref.id                         1 
_struct_ref.entity_id                  1 
_struct_ref.db_name                    PDB 
_struct_ref.db_code                    2PGK 
_struct_ref.pdbx_db_accession          2PGK 
_struct_ref.pdbx_db_isoform            ? 
_struct_ref.pdbx_seq_one_letter_code   ? 
_struct_ref.pdbx_align_begin           ? 
# 
_struct_ref_seq.align_id                      1 
_struct_ref_seq.ref_id                        1 
_struct_ref_seq.pdbx_PDB_id_code              2PGK 
_struct_ref_seq.pdbx_strand_id                A 
_struct_ref_seq.seq_align_beg                 1 
_struct_ref_seq.pdbx_seq_align_beg_ins_code   ? 
_struct_ref_seq.seq_align_end                 408 
_struct_ref_seq.pdbx_seq_align_end_ins_code   ? 
_struct_ref_seq.pdbx_db_accession             2PGK 
_struct_ref_seq.db_align_beg                  0 
_struct_ref_seq.pdbx_db_align_beg_ins_code    ? 
_struct_ref_seq.db_align_end                  407 
_struct_ref_seq.pdbx_db_align_end_ins_code    ? 
_struct_ref_seq.pdbx_auth_seq_align_beg       0 
_struct_ref_seq.pdbx_auth_seq_align_end       407 
# 
_pdbx_struct_assembly.id                   1 
_pdbx_struct_assembly.details              author_defined_assembly 
_pdbx_struct_assembly.method_details       ? 
_pdbx_struct_assembly.oligomeric_details   monomeric 
_pdbx_struct_assembly.oligomeric_count     1 
# 
_pdbx_struct_assembly_gen.assembly_id       1 
_pdbx_struct_assembly_gen.oper_expression   1 
_pdbx_struct_assembly_gen.asym_id_list      A 
# 
_pdbx_struct_oper_list.id                   1 
_pdbx_struct_oper_list.type                 'identity operation' 
_pdbx_struct_oper_list.name                 1_555 
_pdbx_struct_oper_list.symmetry_operation   x,y,z 
_pdbx_struct_oper_list.matrix[1][1]         1.0000000000 
_pdbx_struct_oper_list.matrix[1][2]         0.0000000000 
_pdbx_struct_oper_list.matrix[1][3]         0.0000000000 
_pdbx_struct_oper_list.vector[1]            0.0000000000 
_pdbx_struct_oper_list.matrix[2][1]         0.0000000000 
_pdbx_struct_oper_list.matrix[2][2]         1.0000000000 
_pdbx_struct_oper_list.matrix[2][3]         0.0000000000 
_pdbx_struct_oper_list.vector[2]            0.0000000000 
_pdbx_struct_oper_list.matrix[3][1]         0.0000000000 
_pdbx_struct_oper_list.matrix[3][2]         0.0000000000 
_pdbx_struct_oper_list.matrix[3][3]         1.0000000000 
_pdbx_struct_oper_list.vector[3]            0.0000000000 
# 
_struct_biol.id   1 
# 
loop_
_struct_conf.conf_type_id 
_struct_conf.id 
_struct_conf.pdbx_PDB_helix_id 
_struct_conf.beg_label_comp_id 
_struct_conf.beg_label_asym_id 
_struct_conf.beg_label_seq_id 
_struct_conf.pdbx_beg_PDB_ins_code 
_struct_conf.end_label_comp_id 
_struct_conf.end_label_asym_id 
_struct_conf.end_label_seq_id 
_struct_conf.pdbx_end_PDB_ins_code 
_struct_conf.beg_auth_comp_id 
_struct_conf.beg_auth_asym_id 
_struct_conf.beg_auth_seq_id 
_struct_conf.end_auth_comp_id 
_struct_conf.end_auth_asym_id 
_struct_conf.end_auth_seq_id 
_struct_conf.pdbx_PDB_helix_class 
_struct_conf.details 
_struct_conf.pdbx_PDB_helix_length 
HELX_P HELX_P1  I   UNK A 35  ? UNK A 51  ? UNK A 34  UNK A 50  1 ? 17 
HELX_P HELX_P2  II  UNK A 76  ? UNK A 88  ? UNK A 75  UNK A 87  1 ? 13 
HELX_P HELX_P3  III UNK A 100 ? UNK A 110 ? UNK A 99  UNK A 109 1 ? 11 
HELX_P HELX_P4  IV  UNK A 142 ? UNK A 155 ? UNK A 141 UNK A 154 1 ? 14 
HELX_P HELX_P5  V   UNK A 189 ? UNK A 203 ? UNK A 188 UNK A 202 1 ? 15 
HELX_P HELX_P6  VI  UNK A 218 ? UNK A 230 ? UNK A 217 UNK A 229 1 ? 13 
HELX_P HELX_P7  VII UNK A 238 ? UNK A 248 ? UNK A 237 UNK A 247 1 ? 11 
HELX_P HELX_P8  IIX UNK A 258 ? UNK A 273 ? UNK A 257 UNK A 272 1 ? 16 
HELX_P HELX_P9  IX  UNK A 314 ? UNK A 327 ? UNK A 313 UNK A 326 1 ? 14 
HELX_P HELX_P10 X   UNK A 344 ? UNK A 362 ? UNK A 343 UNK A 361 1 ? 19 
HELX_P HELX_P11 XI  UNK A 386 ? UNK A 396 ? UNK A 385 UNK A 395 1 ? 11 
HELX_P HELX_P12 XII UNK A 399 ? UNK A 405 ? UNK A 398 UNK A 404 1 ? 7  
# 
_struct_conf_type.id          HELX_P 
_struct_conf_type.criteria    ? 
_struct_conf_type.reference   ? 
# 
loop_
_struct_sheet.id 
_struct_sheet.type 
_struct_sheet.number_strands 
_struct_sheet.details 
1 ? 6 ? 
2 ? 6 ? 
# 
loop_
_struct_sheet_order.sheet_id 
_struct_sheet_order.range_id_1 
_struct_sheet_order.range_id_2 
_struct_sheet_order.offset 
_struct_sheet_order.sense 
1 1 2 ? parallel 
1 2 3 ? parallel 
1 3 4 ? parallel 
1 4 5 ? parallel 
1 5 6 ? parallel 
2 1 2 ? parallel 
2 2 3 ? parallel 
2 3 4 ? parallel 
2 4 5 ? parallel 
2 5 6 ? parallel 
# 
loop_
_struct_sheet_range.sheet_id 
_struct_sheet_range.id 
_struct_sheet_range.beg_label_comp_id 
_struct_sheet_range.beg_label_asym_id 
_struct_sheet_range.beg_label_seq_id 
_struct_sheet_range.pdbx_beg_PDB_ins_code 
_struct_sheet_range.end_label_comp_id 
_struct_sheet_range.end_label_asym_id 
_struct_sheet_range.end_label_seq_id 
_struct_sheet_range.pdbx_end_PDB_ins_code 
_struct_sheet_range.beg_auth_comp_id 
_struct_sheet_range.beg_auth_asym_id 
_struct_sheet_range.beg_auth_seq_id 
_struct_sheet_range.end_auth_comp_id 
_struct_sheet_range.end_auth_asym_id 
_struct_sheet_range.end_auth_seq_id 
1 1 UNK A 92  ? UNK A 95  ? UNK A 91  UNK A 94  
1 2 UNK A 113 ? UNK A 119 ? UNK A 112 UNK A 118 
1 3 UNK A 55  ? UNK A 61  ? UNK A 54  UNK A 60  
1 4 UNK A 16  ? UNK A 21  ? UNK A 15  UNK A 20  
1 5 UNK A 158 ? UNK A 164 ? UNK A 157 UNK A 163 
1 6 UNK A 183 ? UNK A 188 ? UNK A 182 UNK A 187 
2 1 UNK A 274 ? UNK A 279 ? UNK A 273 UNK A 278 
2 2 UNK A 231 ? UNK A 237 ? UNK A 230 UNK A 236 
2 3 UNK A 206 ? UNK A 214 ? UNK A 205 UNK A 213 
2 4 UNK A 328 ? UNK A 334 ? UNK A 327 UNK A 333 
2 5 UNK A 363 ? UNK A 369 ? UNK A 362 UNK A 368 
2 6 UNK A 381 ? UNK A 385 ? UNK A 380 UNK A 384 
# 
loop_
_pdbx_validate_close_contact.id 
_pdbx_validate_close_contact.PDB_model_num 
_pdbx_validate_close_contact.auth_atom_id_1 
_pdbx_validate_close_contact.auth_asym_id_1 
_pdbx_validate_close_contact.auth_comp_id_1 
_pdbx_validate_close_contact.auth_seq_id_1 
_pdbx_validate_close_contact.PDB_ins_code_1 
_pdbx_validate_close_contact.label_alt_id_1 
_pdbx_validate_close_contact.auth_atom_id_2 
_pdbx_validate_close_contact.auth_asym_id_2 
_pdbx_validate_close_contact.auth_comp_id_2 
_pdbx_validate_close_contact.auth_seq_id_2 
_pdbx_validate_close_contact.PDB_ins_code_2 
_pdbx_validate_close_contact.label_alt_id_2 
_pdbx_validate_close_contact.dist 
1  1 O A UNK 14  ? ? O A UNK 15  ? ? 1.40 
2  1 O A UNK 162 ? ? N A UNK 164 ? ? 1.65 
3  1 O A UNK 187 ? ? N A UNK 190 ? ? 1.89 
4  1 O A UNK 251 ? ? O A UNK 307 ? ? 2.04 
5  1 O A UNK 147 ? ? N A UNK 151 ? ? 2.08 
6  1 O A UNK 189 ? ? N A UNK 193 ? ? 2.08 
7  1 O A UNK 102 ? ? N A UNK 106 ? ? 2.08 
8  1 O A UNK 288 ? ? N A UNK 290 ? ? 2.10 
9  1 O A UNK 66  ? ? O A UNK 120 ? ? 2.11 
10 1 O A UNK 149 ? ? O A UNK 178 ? ? 2.13 
11 1 O A UNK 39  ? ? N A UNK 41  ? ? 2.15 
12 1 O A UNK 141 ? ? N A UNK 145 ? ? 2.17 
13 1 O A UNK 318 ? ? N A UNK 321 ? ? 2.18 
# 
_pdbx_validate_symm_contact.id                1 
_pdbx_validate_symm_contact.PDB_model_num     1 
_pdbx_validate_symm_contact.auth_atom_id_1    N 
_pdbx_validate_symm_contact.auth_asym_id_1    A 
_pdbx_validate_symm_contact.auth_comp_id_1    UNK 
_pdbx_validate_symm_contact.auth_seq_id_1     133 
_pdbx_validate_symm_contact.PDB_ins_code_1    ? 
_pdbx_validate_symm_contact.label_alt_id_1    ? 
_pdbx_validate_symm_contact.site_symmetry_1   1_555 
_pdbx_validate_symm_contact.auth_atom_id_2    CA 
_pdbx_validate_symm_contact.auth_asym_id_2    A 
_pdbx_validate_symm_contact.auth_comp_id_2    UNK 
_pdbx_validate_symm_contact.auth_seq_id_2     274 
_pdbx_validate_symm_contact.PDB_ins_code_2    ? 
_pdbx_validate_symm_contact.label_alt_id_2    ? 
_pdbx_validate_symm_contact.site_symmetry_2   2_656 
_pdbx_validate_symm_contact.dist              2.11 
# 
loop_
_pdbx_validate_torsion.id 
_pdbx_validate_torsion.PDB_model_num 
_pdbx_validate_torsion.auth_comp_id 
_pdbx_validate_torsion.auth_asym_id 
_pdbx_validate_torsion.auth_seq_id 
_pdbx_validate_torsion.PDB_ins_code 
_pdbx_validate_torsion.label_alt_id 
_pdbx_validate_torsion.phi 
_pdbx_validate_torsion.psi 
1   1 UNK A 1   ? ? -82.45  -75.30  
2   1 UNK A 2   ? ? -40.02  79.83   
3   1 UNK A 3   ? ? 150.02  -6.52   
4   1 UNK A 5   ? ? -59.10  177.40  
5   1 UNK A 6   ? ? -148.30 -136.08 
6   1 UNK A 12  ? ? 60.05   96.46   
7   1 UNK A 13  ? ? -174.70 -68.71  
8   1 UNK A 15  ? ? -31.58  -177.26 
9   1 UNK A 21  ? ? 175.39  -161.30 
10  1 UNK A 22  ? ? 58.67   -7.78   
11  1 UNK A 23  ? ? -99.33  58.50   
12  1 UNK A 24  ? ? -95.95  -70.86  
13  1 UNK A 25  ? ? 111.27  -151.22 
14  1 UNK A 26  ? ? -117.84 -80.51  
15  1 UNK A 28  ? ? -21.18  -26.88  
16  1 UNK A 30  ? ? 151.81  -135.66 
17  1 UNK A 32  ? ? 35.78   80.32   
18  1 UNK A 33  ? ? 87.11   53.89   
19  1 UNK A 35  ? ? -0.97   -86.62  
20  1 UNK A 36  ? ? -23.46  -60.74  
21  1 UNK A 37  ? ? -28.83  -36.01  
22  1 UNK A 40  ? ? -29.05  -31.29  
23  1 UNK A 43  ? ? -49.08  -71.74  
24  1 UNK A 45  ? ? -51.67  -74.71  
25  1 UNK A 49  ? ? -15.96  -65.80  
26  1 UNK A 51  ? ? -176.29 -97.68  
27  1 UNK A 52  ? ? 40.07   115.98  
28  1 UNK A 62  ? ? 157.15  -141.64 
29  1 UNK A 63  ? ? -166.15 25.85   
30  1 UNK A 64  ? ? -37.47  -39.72  
31  1 UNK A 66  ? ? 128.65  -114.88 
32  1 UNK A 68  ? ? 6.85    127.94  
33  1 UNK A 69  ? ? -155.83 76.60   
34  1 UNK A 70  ? ? -79.22  -166.15 
35  1 UNK A 71  ? ? 71.08   40.62   
36  1 UNK A 72  ? ? 169.71  -125.18 
37  1 UNK A 73  ? ? -42.76  84.09   
38  1 UNK A 74  ? ? -126.08 -93.32  
39  1 UNK A 75  ? ? 166.62  14.18   
40  1 UNK A 79  ? ? -42.52  -72.67  
41  1 UNK A 87  ? ? 104.63  -20.74  
42  1 UNK A 95  ? ? 110.27  -63.35  
43  1 UNK A 96  ? ? -155.23 86.27   
44  1 UNK A 97  ? ? -68.79  86.83   
45  1 UNK A 98  ? ? 145.01  108.61  
46  1 UNK A 99  ? ? 147.61  -172.61 
47  1 UNK A 100 ? ? -31.50  -75.15  
48  1 UNK A 109 ? ? 35.44   -92.47  
49  1 UNK A 110 ? ? 91.22   44.07   
50  1 UNK A 111 ? ? 66.02   76.08   
51  1 UNK A 120 ? ? -49.49  1.96    
52  1 UNK A 123 ? ? 29.33   55.35   
53  1 UNK A 127 ? ? 117.18  -34.60  
54  1 UNK A 133 ? ? 45.04   -98.56  
55  1 UNK A 135 ? ? -35.75  -103.28 
56  1 UNK A 136 ? ? 177.69  -144.15 
57  1 UNK A 152 ? ? -31.22  -74.23  
58  1 UNK A 153 ? ? -3.94   -71.64  
59  1 UNK A 154 ? ? -64.10  61.39   
60  1 UNK A 155 ? ? -148.14 24.42   
61  1 UNK A 156 ? ? 139.83  127.63  
62  1 UNK A 163 ? ? -3.64   55.98   
63  1 UNK A 166 ? ? -32.91  -38.98  
64  1 UNK A 171 ? ? 90.95   91.44   
65  1 UNK A 177 ? ? 130.17  59.16   
66  1 UNK A 181 ? ? 2.59    -111.78 
67  1 UNK A 182 ? ? -179.90 -145.88 
68  1 UNK A 183 ? ? -8.30   116.35  
69  1 UNK A 187 ? ? -103.67 -128.44 
70  1 UNK A 188 ? ? -12.56  -52.16  
71  1 UNK A 203 ? ? 122.18  38.52   
72  1 UNK A 204 ? ? -16.31  -46.72  
73  1 UNK A 216 ? ? -125.91 -83.15  
74  1 UNK A 227 ? ? -29.99  -81.50  
75  1 UNK A 228 ? ? -26.43  -70.52  
76  1 UNK A 229 ? ? 140.27  -157.38 
77  1 UNK A 230 ? ? 93.11   -146.41 
78  1 UNK A 236 ? ? 72.54   -76.94  
79  1 UNK A 241 ? ? -54.11  -71.06  
80  1 UNK A 243 ? ? -47.08  -79.45  
81  1 UNK A 247 ? ? 90.88   66.59   
82  1 UNK A 252 ? ? -166.25 -94.99  
83  1 UNK A 257 ? ? -144.09 28.33   
84  1 UNK A 261 ? ? -36.17  -71.95  
85  1 UNK A 272 ? ? 122.94  71.11   
86  1 UNK A 278 ? ? -30.78  136.44  
87  1 UNK A 286 ? ? 38.59   80.83   
88  1 UNK A 289 ? ? -31.88  90.74   
89  1 UNK A 290 ? ? 143.71  -43.33  
90  1 UNK A 292 ? ? 162.12  162.42  
91  1 UNK A 299 ? ? -39.37  -18.09  
92  1 UNK A 301 ? ? -105.59 -119.88 
93  1 UNK A 305 ? ? 126.14  68.40   
94  1 UNK A 306 ? ? 29.11   64.84   
95  1 UNK A 312 ? ? -68.20  98.98   
96  1 UNK A 313 ? ? -38.28  164.97  
97  1 UNK A 315 ? ? -32.70  -74.34  
98  1 UNK A 316 ? ? -24.86  -36.39  
99  1 UNK A 318 ? ? -17.89  -46.89  
100 1 UNK A 319 ? ? -27.56  -42.51  
101 1 UNK A 326 ? ? -82.85  -143.26 
102 1 UNK A 327 ? ? -159.18 -94.67  
103 1 UNK A 336 ? ? 133.05  -146.05 
104 1 UNK A 340 ? ? -101.35 -142.87 
105 1 UNK A 341 ? ? -84.73  -70.65  
106 1 UNK A 342 ? ? -7.50   -112.42 
107 1 UNK A 343 ? ? -57.64  -0.14   
108 1 UNK A 345 ? ? -31.68  -72.91  
109 1 UNK A 347 ? ? -35.95  -73.57  
110 1 UNK A 361 ? ? 146.89  62.31   
111 1 UNK A 366 ? ? 175.61  118.76  
112 1 UNK A 368 ? ? 84.94   -156.50 
113 1 UNK A 374 ? ? -57.58  -95.09  
114 1 UNK A 375 ? ? -164.72 -122.44 
115 1 UNK A 376 ? ? 179.52  134.68  
116 1 UNK A 377 ? ? 107.33  122.66  
117 1 UNK A 378 ? ? 115.01  -26.25  
118 1 UNK A 395 ? ? 108.03  72.87   
119 1 UNK A 397 ? ? -54.81  -143.20 
120 1 UNK A 398 ? ? 164.64  155.45  
121 1 UNK A 399 ? ? -48.69  -84.01  
122 1 UNK A 404 ? ? -36.63  91.13   
123 1 UNK A 405 ? ? -27.36  138.78  
# 
_pdbx_validate_polymer_linkage.id               1 
_pdbx_validate_polymer_linkage.PDB_model_num    1 
_pdbx_validate_polymer_linkage.auth_atom_id_1   C 
_pdbx_validate_polymer_linkage.auth_asym_id_1   A 
_pdbx_validate_polymer_linkage.auth_comp_id_1   UNK 
_pdbx_validate_polymer_linkage.auth_seq_id_1    391 
_pdbx_validate_polymer_linkage.PDB_ins_code_1   ? 
_pdbx_validate_polymer_linkage.label_alt_id_1   ? 
_pdbx_validate_polymer_linkage.auth_atom_id_2   N 
_pdbx_validate_polymer_linkage.auth_asym_id_2   A 
_pdbx_validate_polymer_linkage.auth_comp_id_2   UNK 
_pdbx_validate_polymer_linkage.auth_seq_id_2    392 
_pdbx_validate_polymer_linkage.PDB_ins_code_2   ? 
_pdbx_validate_polymer_linkage.label_alt_id_2   ? 
_pdbx_validate_polymer_linkage.dist             1.78 
# 
_atom_sites.entry_id                    2PGK 
_atom_sites.fract_transf_matrix[1][1]   -0.00854069 
_atom_sites.fract_transf_matrix[1][2]   -0.01796796 
_atom_sites.fract_transf_matrix[1][3]   0.00075549 
_atom_sites.fract_transf_matrix[2][1]   -0.00652449 
_atom_sites.fract_transf_matrix[2][2]   0.00334556 
_atom_sites.fract_transf_matrix[2][3]   0.00580984 
_atom_sites.fract_transf_matrix[3][1]   -0.01402707 
_atom_sites.fract_transf_matrix[3][2]   0.01037017 
_atom_sites.fract_transf_matrix[3][3]   -0.02172409 
_atom_sites.fract_transf_vector[1]      0.640311 
_atom_sites.fract_transf_vector[2]      0.214158 
_atom_sites.fract_transf_vector[3]      0.706895 
# 
loop_
_atom_type.symbol 
C 
N 
O 
# 
loop_
_atom_site.group_PDB 
_atom_site.id 
_atom_site.type_symbol 
_atom_site.label_atom_id 
_atom_site.label_alt_id 
_atom_site.label_comp_id 
_atom_site.label_asym_id 
_atom_site.label_entity_id 
_atom_site.label_seq_id 
_atom_site.pdbx_PDB_ins_code 
_atom_site.Cartn_x 
_atom_site.Cartn_y 
_atom_site.Cartn_z 
_atom_site.occupancy 
_atom_site.B_iso_or_equiv 
_atom_site.pdbx_formal_charge 
_atom_site.auth_seq_id 
_atom_site.auth_comp_id 
_atom_site.auth_asym_id 
_atom_site.auth_atom_id 
_atom_site.pdbx_PDB_model_num 
ATOM 1    C CA  . UNK A 1 1   ? 2.870   -17.734 3.659   1.00 0.00 ? 0   UNK A CA  1 
ATOM 2    C C   . UNK A 1 1   ? 1.487   -17.372 3.084   1.00 0.00 ? 0   UNK A C   1 
ATOM 3    O O   . UNK A 1 1   ? 0.462   -17.576 3.733   1.00 0.00 ? 0   UNK A O   1 
ATOM 4    N N   . UNK A 1 2   ? 1.529   -16.826 1.873   1.00 0.00 ? 1   UNK A N   1 
ATOM 5    C CA  . UNK A 1 2   ? 0.285   -16.424 1.193   1.00 0.00 ? 1   UNK A CA  1 
ATOM 6    C C   . UNK A 1 2   ? -0.324  -17.674 0.523   1.00 0.00 ? 1   UNK A C   1 
ATOM 7    O O   . UNK A 1 2   ? -1.278  -18.257 1.034   1.00 0.00 ? 1   UNK A O   1 
ATOM 8    N N   . UNK A 1 3   ? 0.305   -18.054 -0.584  1.00 0.00 ? 2   UNK A N   1 
ATOM 9    C CA  . UNK A 1 3   ? -0.101  -19.267 -1.308  1.00 0.00 ? 2   UNK A CA  1 
ATOM 10   C C   . UNK A 1 3   ? -0.454  -20.396 -0.325  1.00 0.00 ? 2   UNK A C   1 
ATOM 11   O O   . UNK A 1 3   ? 0.361   -21.273 -0.040  1.00 0.00 ? 2   UNK A O   1 
ATOM 12   N N   . UNK A 1 4   ? -1.671  -20.293 0.204   1.00 0.00 ? 3   UNK A N   1 
ATOM 13   C CA  . UNK A 1 4   ? -2.142  -21.281 1.184   1.00 0.00 ? 3   UNK A CA  1 
ATOM 14   C C   . UNK A 1 4   ? -3.136  -20.623 2.159   1.00 0.00 ? 3   UNK A C   1 
ATOM 15   O O   . UNK A 1 4   ? -3.732  -21.280 3.009   1.00 0.00 ? 3   UNK A O   1 
ATOM 16   N N   . UNK A 1 5   ? -3.238  -19.309 1.990   1.00 0.00 ? 4   UNK A N   1 
ATOM 17   C CA  . UNK A 1 5   ? -4.235  -18.529 2.741   1.00 0.00 ? 4   UNK A CA  1 
ATOM 18   C C   . UNK A 1 5   ? -5.442  -18.378 1.785   1.00 0.00 ? 4   UNK A C   1 
ATOM 19   O O   . UNK A 1 5   ? -5.266  -18.131 0.592   1.00 0.00 ? 4   UNK A O   1 
ATOM 20   N N   . UNK A 1 6   ? -6.619  -18.586 2.356   1.00 0.00 ? 5   UNK A N   1 
ATOM 21   C CA  . UNK A 1 6   ? -7.852  -18.552 1.562   1.00 0.00 ? 5   UNK A CA  1 
ATOM 22   C C   . UNK A 1 6   ? -8.067  -17.198 0.856   1.00 0.00 ? 5   UNK A C   1 
ATOM 23   O O   . UNK A 1 6   ? -7.345  -16.231 1.075   1.00 0.00 ? 5   UNK A O   1 
ATOM 24   N N   . UNK A 1 7   ? -9.155  -17.200 0.099   1.00 0.00 ? 6   UNK A N   1 
ATOM 25   C CA  . UNK A 1 7   ? -9.659  -16.017 -0.607  1.00 0.00 ? 6   UNK A CA  1 
ATOM 26   C C   . UNK A 1 7   ? -11.196 -16.134 -0.672  1.00 0.00 ? 6   UNK A C   1 
ATOM 27   O O   . UNK A 1 7   ? -11.833 -16.535 0.303   1.00 0.00 ? 6   UNK A O   1 
ATOM 28   N N   . UNK A 1 8   ? -11.739 -15.830 -1.849  1.00 0.00 ? 7   UNK A N   1 
ATOM 29   C CA  . UNK A 1 8   ? -13.194 -15.972 -2.008  1.00 0.00 ? 7   UNK A CA  1 
ATOM 30   C C   . UNK A 1 8   ? -13.538 -16.998 -3.098  1.00 0.00 ? 7   UNK A C   1 
ATOM 31   O O   . UNK A 1 8   ? -14.707 -17.211 -3.420  1.00 0.00 ? 7   UNK A O   1 
ATOM 32   N N   . UNK A 1 9   ? -12.488 -17.615 -3.637  1.00 0.00 ? 8   UNK A N   1 
ATOM 33   C CA  . UNK A 1 9   ? -12.717 -18.668 -4.643  1.00 0.00 ? 8   UNK A CA  1 
ATOM 34   C C   . UNK A 1 9   ? -12.908 -20.015 -3.912  1.00 0.00 ? 8   UNK A C   1 
ATOM 35   O O   . UNK A 1 9   ? -13.049 -21.057 -4.549  1.00 0.00 ? 8   UNK A O   1 
ATOM 36   N N   . UNK A 1 10  ? -12.873 -19.910 -2.590  1.00 0.00 ? 9   UNK A N   1 
ATOM 37   C CA  . UNK A 1 10  ? -12.999 -21.086 -1.718  1.00 0.00 ? 9   UNK A CA  1 
ATOM 38   C C   . UNK A 1 10  ? -14.410 -21.081 -1.084  1.00 0.00 ? 9   UNK A C   1 
ATOM 39   O O   . UNK A 1 10  ? -15.095 -22.099 -1.065  1.00 0.00 ? 9   UNK A O   1 
ATOM 40   N N   . UNK A 1 11  ? -14.755 -19.900 -0.594  1.00 0.00 ? 10  UNK A N   1 
ATOM 41   C CA  . UNK A 1 11  ? -15.975 -19.669 0.162   1.00 0.00 ? 10  UNK A CA  1 
ATOM 42   C C   . UNK A 1 11  ? -17.263 -20.170 -0.505  1.00 0.00 ? 10  UNK A C   1 
ATOM 43   O O   . UNK A 1 11  ? -17.425 -20.126 -1.722  1.00 0.00 ? 10  UNK A O   1 
ATOM 44   N N   . UNK A 1 12  ? -18.174 -20.573 0.377   1.00 0.00 ? 11  UNK A N   1 
ATOM 45   C CA  . UNK A 1 12  ? -19.506 -21.024 -0.050  1.00 0.00 ? 11  UNK A CA  1 
ATOM 46   C C   . UNK A 1 12  ? -20.280 -19.817 -0.620  1.00 0.00 ? 11  UNK A C   1 
ATOM 47   O O   . UNK A 1 12  ? -20.884 -19.885 -1.686  1.00 0.00 ? 11  UNK A O   1 
ATOM 48   N N   . UNK A 1 13  ? -20.224 -18.744 0.165   1.00 0.00 ? 12  UNK A N   1 
ATOM 49   C CA  . UNK A 1 13  ? -20.873 -17.495 -0.259  1.00 0.00 ? 12  UNK A CA  1 
ATOM 50   C C   . UNK A 1 13  ? -22.381 -17.735 -0.453  1.00 0.00 ? 12  UNK A C   1 
ATOM 51   O O   . UNK A 1 13  ? -22.825 -18.204 -1.498  1.00 0.00 ? 12  UNK A O   1 
ATOM 52   N N   . UNK A 1 14  ? -23.108 -17.393 0.606   1.00 0.00 ? 13  UNK A N   1 
ATOM 53   C CA  . UNK A 1 14  ? -24.572 -17.526 0.568   1.00 0.00 ? 13  UNK A CA  1 
ATOM 54   C C   . UNK A 1 14  ? -25.163 -16.939 1.863   1.00 0.00 ? 13  UNK A C   1 
ATOM 55   O O   . UNK A 1 14  ? -25.819 -15.900 1.857   1.00 0.00 ? 13  UNK A O   1 
ATOM 56   N N   . UNK A 1 15  ? -24.882 -17.652 2.955   1.00 0.00 ? 14  UNK A N   1 
ATOM 57   C CA  . UNK A 1 15  ? -25.300 -17.095 4.262   1.00 0.00 ? 14  UNK A CA  1 
ATOM 58   C C   . UNK A 1 15  ? -24.857 -15.617 4.237   1.00 0.00 ? 14  UNK A C   1 
ATOM 59   O O   . UNK A 1 15  ? -23.806 -15.295 3.678   1.00 0.00 ? 14  UNK A O   1 
ATOM 60   N N   . UNK A 1 16  ? -25.668 -14.756 4.855   1.00 0.00 ? 15  UNK A N   1 
ATOM 61   C CA  . UNK A 1 16  ? -25.196 -13.346 4.845   1.00 0.00 ? 15  UNK A CA  1 
ATOM 62   C C   . UNK A 1 16  ? -23.654 -13.448 4.863   1.00 0.00 ? 15  UNK A C   1 
ATOM 63   O O   . UNK A 1 16  ? -23.114 -14.555 4.913   1.00 0.00 ? 15  UNK A O   1 
ATOM 64   N N   . UNK A 1 17  ? -23.010 -12.288 4.915   1.00 0.00 ? 16  UNK A N   1 
ATOM 65   C CA  . UNK A 1 17  ? -21.533 -12.313 4.913   1.00 0.00 ? 16  UNK A CA  1 
ATOM 66   C C   . UNK A 1 17  ? -20.996 -10.907 5.230   1.00 0.00 ? 16  UNK A C   1 
ATOM 67   O O   . UNK A 1 17  ? -21.648 -9.897  4.975   1.00 0.00 ? 16  UNK A O   1 
ATOM 68   N N   . UNK A 1 18  ? -19.799 -10.913 5.813   1.00 0.00 ? 17  UNK A N   1 
ATOM 69   C CA  . UNK A 1 18  ? -19.193 -9.631  6.188   1.00 0.00 ? 17  UNK A CA  1 
ATOM 70   C C   . UNK A 1 18  ? -18.034 -9.258  5.251   1.00 0.00 ? 17  UNK A C   1 
ATOM 71   O O   . UNK A 1 18  ? -17.070 -10.002 5.089   1.00 0.00 ? 17  UNK A O   1 
ATOM 72   N N   . UNK A 1 19  ? -18.140 -8.024  4.763   1.00 0.00 ? 18  UNK A N   1 
ATOM 73   C CA  . UNK A 1 19  ? -17.087 -7.488  3.895   1.00 0.00 ? 18  UNK A CA  1 
ATOM 74   C C   . UNK A 1 19  ? -16.423 -6.267  4.550   1.00 0.00 ? 18  UNK A C   1 
ATOM 75   O O   . UNK A 1 19  ? -17.082 -5.308  4.944   1.00 0.00 ? 18  UNK A O   1 
ATOM 76   N N   . UNK A 1 20  ? -15.100 -6.374  4.617   1.00 0.00 ? 19  UNK A N   1 
ATOM 77   C CA  . UNK A 1 20  ? -14.320 -5.291  5.231   1.00 0.00 ? 19  UNK A CA  1 
ATOM 78   C C   . UNK A 1 20  ? -13.338 -4.727  4.190   1.00 0.00 ? 19  UNK A C   1 
ATOM 79   O O   . UNK A 1 20  ? -12.432 -5.416  3.725   1.00 0.00 ? 19  UNK A O   1 
ATOM 80   N N   . UNK A 1 21  ? -13.562 -3.451  3.886   1.00 0.00 ? 20  UNK A N   1 
ATOM 81   C CA  . UNK A 1 21  ? -12.769 -2.821  2.831   1.00 0.00 ? 20  UNK A CA  1 
ATOM 82   C C   . UNK A 1 21  ? -11.918 -1.638  3.321   1.00 0.00 ? 20  UNK A C   1 
ATOM 83   O O   . UNK A 1 21  ? -11.861 -1.309  4.498   1.00 0.00 ? 20  UNK A O   1 
ATOM 84   N N   . UNK A 1 22  ? -11.310 -1.056  2.301   1.00 0.00 ? 21  UNK A N   1 
ATOM 85   C CA  . UNK A 1 22  ? -10.417 0.100   2.425   1.00 0.00 ? 21  UNK A CA  1 
ATOM 86   C C   . UNK A 1 22  ? -9.866  0.340   1.000   1.00 0.00 ? 21  UNK A C   1 
ATOM 87   O O   . UNK A 1 22  ? -10.407 -0.207  0.037   1.00 0.00 ? 21  UNK A O   1 
ATOM 88   N N   . UNK A 1 23  ? -8.758  1.075   0.936   1.00 0.00 ? 22  UNK A N   1 
ATOM 89   C CA  . UNK A 1 23  ? -8.353  1.521   -0.426  1.00 0.00 ? 22  UNK A CA  1 
ATOM 90   C C   . UNK A 1 23  ? -9.601  2.330   -0.890  1.00 0.00 ? 22  UNK A C   1 
ATOM 91   O O   . UNK A 1 23  ? -9.656  2.899   -1.970  1.00 0.00 ? 22  UNK A O   1 
ATOM 92   N N   . UNK A 1 24  ? -10.609 2.202   -0.028  1.00 0.00 ? 23  UNK A N   1 
ATOM 93   C CA  . UNK A 1 24  ? -11.903 2.855   -0.221  1.00 0.00 ? 23  UNK A CA  1 
ATOM 94   C C   . UNK A 1 24  ? -12.027 4.152   0.613   1.00 0.00 ? 23  UNK A C   1 
ATOM 95   O O   . UNK A 1 24  ? -12.973 4.277   1.397   1.00 0.00 ? 23  UNK A O   1 
ATOM 96   N N   . UNK A 1 25  ? -11.114 5.083   0.375   1.00 0.00 ? 24  UNK A N   1 
ATOM 97   C CA  . UNK A 1 25  ? -11.038 6.345   1.113   1.00 0.00 ? 24  UNK A CA  1 
ATOM 98   C C   . UNK A 1 25  ? -11.743 7.511   0.408   1.00 0.00 ? 24  UNK A C   1 
ATOM 99   O O   . UNK A 1 25  ? -12.844 7.902   0.809   1.00 0.00 ? 24  UNK A O   1 
ATOM 100  N N   . UNK A 1 26  ? -11.153 7.975   -0.693  1.00 0.00 ? 25  UNK A N   1 
ATOM 101  C CA  . UNK A 1 26  ? -11.715 9.142   -1.393  1.00 0.00 ? 25  UNK A CA  1 
ATOM 102  C C   . UNK A 1 26  ? -10.784 10.371  -1.263  1.00 0.00 ? 25  UNK A C   1 
ATOM 103  O O   . UNK A 1 26  ? -9.566  10.218  -1.161  1.00 0.00 ? 25  UNK A O   1 
ATOM 104  N N   . UNK A 1 27  ? -11.394 11.554  -1.303  1.00 0.00 ? 26  UNK A N   1 
ATOM 105  C CA  . UNK A 1 27  ? -10.664 12.821  -1.325  1.00 0.00 ? 26  UNK A CA  1 
ATOM 106  C C   . UNK A 1 27  ? -10.917 13.742  -0.127  1.00 0.00 ? 26  UNK A C   1 
ATOM 107  O O   . UNK A 1 27  ? -10.115 13.788  0.811   1.00 0.00 ? 26  UNK A O   1 
ATOM 108  N N   . UNK A 1 28  ? -12.037 14.473  -0.163  1.00 0.00 ? 27  UNK A N   1 
ATOM 109  C CA  . UNK A 1 28  ? -12.266 15.437  0.924   1.00 0.00 ? 27  UNK A CA  1 
ATOM 110  C C   . UNK A 1 28  ? -13.605 16.190  0.812   1.00 0.00 ? 27  UNK A C   1 
ATOM 111  O O   . UNK A 1 28  ? -14.207 16.271  -0.255  1.00 0.00 ? 27  UNK A O   1 
ATOM 112  N N   . UNK A 1 29  ? -14.013 16.694  1.970   1.00 0.00 ? 28  UNK A N   1 
ATOM 113  C CA  . UNK A 1 29  ? -15.255 17.444  2.138   1.00 0.00 ? 28  UNK A CA  1 
ATOM 114  C C   . UNK A 1 29  ? -15.771 18.036  0.815   1.00 0.00 ? 28  UNK A C   1 
ATOM 115  O O   . UNK A 1 29  ? -16.966 18.299  0.667   1.00 0.00 ? 28  UNK A O   1 
ATOM 116  N N   . UNK A 1 30  ? -14.825 18.274  -0.084  1.00 0.00 ? 29  UNK A N   1 
ATOM 117  C CA  . UNK A 1 30  ? -15.152 18.873  -1.385  1.00 0.00 ? 29  UNK A CA  1 
ATOM 118  C C   . UNK A 1 30  ? -16.057 17.939  -2.212  1.00 0.00 ? 29  UNK A C   1 
ATOM 119  O O   . UNK A 1 30  ? -16.937 18.403  -2.939  1.00 0.00 ? 29  UNK A O   1 
ATOM 120  N N   . UNK A 1 31  ? -15.769 16.647  -2.104  1.00 0.00 ? 30  UNK A N   1 
ATOM 121  C CA  . UNK A 1 31  ? -16.481 15.626  -2.896  1.00 0.00 ? 30  UNK A CA  1 
ATOM 122  C C   . UNK A 1 31  ? -15.532 14.426  -3.111  1.00 0.00 ? 30  UNK A C   1 
ATOM 123  O O   . UNK A 1 31  ? -14.785 14.065  -2.199  1.00 0.00 ? 30  UNK A O   1 
ATOM 124  N N   . UNK A 1 32  ? -15.518 13.938  -4.345  1.00 0.00 ? 31  UNK A N   1 
ATOM 125  C CA  . UNK A 1 32  ? -14.770 12.740  -4.701  1.00 0.00 ? 31  UNK A CA  1 
ATOM 126  C C   . UNK A 1 32  ? -13.296 12.937  -5.032  1.00 0.00 ? 31  UNK A C   1 
ATOM 127  O O   . UNK A 1 32  ? -12.406 12.425  -4.351  1.00 0.00 ? 31  UNK A O   1 
ATOM 128  N N   . UNK A 1 33  ? -13.074 13.703  -6.100  1.00 0.00 ? 32  UNK A N   1 
ATOM 129  C CA  . UNK A 1 33  ? -11.680 13.963  -6.476  1.00 0.00 ? 32  UNK A CA  1 
ATOM 130  C C   . UNK A 1 33  ? -10.806 12.726  -6.207  1.00 0.00 ? 32  UNK A C   1 
ATOM 131  O O   . UNK A 1 33  ? -10.009 12.709  -5.269  1.00 0.00 ? 32  UNK A O   1 
ATOM 132  N N   . UNK A 1 34  ? -10.882 11.786  -7.147  1.00 0.00 ? 33  UNK A N   1 
ATOM 133  C CA  . UNK A 1 34  ? -10.072 10.558  -6.996  1.00 0.00 ? 33  UNK A CA  1 
ATOM 134  C C   . UNK A 1 34  ? -10.922 9.577   -6.150  1.00 0.00 ? 33  UNK A C   1 
ATOM 135  O O   . UNK A 1 34  ? -10.491 9.100   -5.104  1.00 0.00 ? 33  UNK A O   1 
ATOM 136  N N   . UNK A 1 35  ? -12.136 9.368   -6.650  1.00 0.00 ? 34  UNK A N   1 
ATOM 137  C CA  . UNK A 1 35  ? -13.079 8.455   -5.981  1.00 0.00 ? 34  UNK A CA  1 
ATOM 138  C C   . UNK A 1 35  ? -12.729 7.006   -6.393  1.00 0.00 ? 34  UNK A C   1 
ATOM 139  O O   . UNK A 1 35  ? -13.071 6.052   -5.703  1.00 0.00 ? 34  UNK A O   1 
ATOM 140  N N   . UNK A 1 36  ? -12.021 6.963   -7.507  1.00 0.00 ? 35  UNK A N   1 
ATOM 141  C CA  . UNK A 1 36  ? -11.473 5.757   -8.109  1.00 0.00 ? 35  UNK A CA  1 
ATOM 142  C C   . UNK A 1 36  ? -11.770 4.478   -7.308  1.00 0.00 ? 35  UNK A C   1 
ATOM 143  O O   . UNK A 1 36  ? -12.712 3.746   -7.607  1.00 0.00 ? 35  UNK A O   1 
ATOM 144  N N   . UNK A 1 37  ? -10.876 4.237   -6.359  1.00 0.00 ? 36  UNK A N   1 
ATOM 145  C CA  . UNK A 1 37  ? -10.895 3.021   -5.548  1.00 0.00 ? 36  UNK A CA  1 
ATOM 146  C C   . UNK A 1 37  ? -12.289 2.374   -5.486  1.00 0.00 ? 36  UNK A C   1 
ATOM 147  O O   . UNK A 1 37  ? -12.461 1.210   -5.850  1.00 0.00 ? 36  UNK A O   1 
ATOM 148  N N   . UNK A 1 38  ? -13.221 3.155   -4.953  1.00 0.00 ? 37  UNK A N   1 
ATOM 149  C CA  . UNK A 1 38  ? -14.584 2.675   -4.715  1.00 0.00 ? 37  UNK A CA  1 
ATOM 150  C C   . UNK A 1 38  ? -14.983 1.579   -5.719  1.00 0.00 ? 37  UNK A C   1 
ATOM 151  O O   . UNK A 1 38  ? -15.699 0.637   -5.375  1.00 0.00 ? 37  UNK A O   1 
ATOM 152  N N   . UNK A 1 39  ? -14.496 1.759   -6.941  1.00 0.00 ? 38  UNK A N   1 
ATOM 153  C CA  . UNK A 1 39  ? -14.811 0.835   -8.031  1.00 0.00 ? 38  UNK A CA  1 
ATOM 154  C C   . UNK A 1 39  ? -14.727 -0.640  -7.608  1.00 0.00 ? 38  UNK A C   1 
ATOM 155  O O   . UNK A 1 39  ? -15.687 -1.396  -7.767  1.00 0.00 ? 38  UNK A O   1 
ATOM 156  N N   . UNK A 1 40  ? -13.541 -1.001  -7.135  1.00 0.00 ? 39  UNK A N   1 
ATOM 157  C CA  . UNK A 1 40  ? -13.238 -2.389  -6.801  1.00 0.00 ? 39  UNK A CA  1 
ATOM 158  C C   . UNK A 1 40  ? -14.132 -2.969  -5.697  1.00 0.00 ? 39  UNK A C   1 
ATOM 159  O O   . UNK A 1 40  ? -14.803 -3.982  -5.904  1.00 0.00 ? 39  UNK A O   1 
ATOM 160  N N   . UNK A 1 41  ? -14.051 -2.350  -4.519  1.00 0.00 ? 40  UNK A N   1 
ATOM 161  C CA  . UNK A 1 41  ? -14.825 -2.884  -3.379  1.00 0.00 ? 40  UNK A CA  1 
ATOM 162  C C   . UNK A 1 41  ? -16.083 -3.574  -3.950  1.00 0.00 ? 40  UNK A C   1 
ATOM 163  O O   . UNK A 1 41  ? -16.556 -4.580  -3.430  1.00 0.00 ? 40  UNK A O   1 
ATOM 164  N N   . UNK A 1 42  ? -16.507 -3.001  -5.067  1.00 0.00 ? 41  UNK A N   1 
ATOM 165  C CA  . UNK A 1 42  ? -17.711 -3.430  -5.766  1.00 0.00 ? 41  UNK A CA  1 
ATOM 166  C C   . UNK A 1 42  ? -17.637 -4.842  -6.350  1.00 0.00 ? 41  UNK A C   1 
ATOM 167  O O   . UNK A 1 42  ? -18.387 -5.742  -5.975  1.00 0.00 ? 41  UNK A O   1 
ATOM 168  N N   . UNK A 1 43  ? -16.774 -4.960  -7.360  1.00 0.00 ? 42  UNK A N   1 
ATOM 169  C CA  . UNK A 1 43  ? -16.663 -6.276  -8.010  1.00 0.00 ? 42  UNK A CA  1 
ATOM 170  C C   . UNK A 1 43  ? -16.575 -7.365  -6.919  1.00 0.00 ? 42  UNK A C   1 
ATOM 171  O O   . UNK A 1 43  ? -17.221 -8.406  -7.022  1.00 0.00 ? 42  UNK A O   1 
ATOM 172  N N   . UNK A 1 44  ? -15.681 -7.106  -5.971  1.00 0.00 ? 43  UNK A N   1 
ATOM 173  C CA  . UNK A 1 44  ? -15.474 -8.055  -4.866  1.00 0.00 ? 43  UNK A CA  1 
ATOM 174  C C   . UNK A 1 44  ? -16.844 -8.442  -4.265  1.00 0.00 ? 43  UNK A C   1 
ATOM 175  O O   . UNK A 1 44  ? -17.307 -9.568  -4.444  1.00 0.00 ? 43  UNK A O   1 
ATOM 176  N N   . UNK A 1 45  ? -17.438 -7.483  -3.560  1.00 0.00 ? 44  UNK A N   1 
ATOM 177  C CA  . UNK A 1 45  ? -18.728 -7.740  -2.899  1.00 0.00 ? 44  UNK A CA  1 
ATOM 178  C C   . UNK A 1 45  ? -19.716 -8.381  -3.892  1.00 0.00 ? 44  UNK A C   1 
ATOM 179  O O   . UNK A 1 45  ? -20.300 -9.429  -3.617  1.00 0.00 ? 44  UNK A O   1 
ATOM 180  N N   . UNK A 1 46  ? -19.806 -7.730  -5.044  1.00 0.00 ? 45  UNK A N   1 
ATOM 181  C CA  . UNK A 1 46  ? -20.686 -8.167  -6.126  1.00 0.00 ? 45  UNK A CA  1 
ATOM 182  C C   . UNK A 1 46  ? -20.488 -9.645  -6.491  1.00 0.00 ? 45  UNK A C   1 
ATOM 183  O O   . UNK A 1 46  ? -21.316 -10.500 -6.181  1.00 0.00 ? 45  UNK A O   1 
ATOM 184  N N   . UNK A 1 47  ? -19.372 -9.881  -7.182  1.00 0.00 ? 46  UNK A N   1 
ATOM 185  C CA  . UNK A 1 47  ? -19.064 -11.277 -7.552  1.00 0.00 ? 46  UNK A CA  1 
ATOM 186  C C   . UNK A 1 47  ? -19.523 -12.162 -6.371  1.00 0.00 ? 46  UNK A C   1 
ATOM 187  O O   . UNK A 1 47  ? -20.278 -13.113 -6.540  1.00 0.00 ? 46  UNK A O   1 
ATOM 188  N N   . UNK A 1 48  ? -19.016 -11.761 -5.210  1.00 0.00 ? 47  UNK A N   1 
ATOM 189  C CA  . UNK A 1 48  ? -19.362 -12.459 -3.965  1.00 0.00 ? 47  UNK A CA  1 
ATOM 190  C C   . UNK A 1 48  ? -20.869 -12.788 -3.963  1.00 0.00 ? 47  UNK A C   1 
ATOM 191  O O   . UNK A 1 48  ? -21.265 -13.951 -3.975  1.00 0.00 ? 47  UNK A O   1 
ATOM 192  N N   . UNK A 1 49  ? -21.647 -11.713 -3.905  1.00 0.00 ? 48  UNK A N   1 
ATOM 193  C CA  . UNK A 1 49  ? -23.110 -11.851 -3.865  1.00 0.00 ? 48  UNK A CA  1 
ATOM 194  C C   . UNK A 1 49  ? -23.575 -12.949 -4.842  1.00 0.00 ? 48  UNK A C   1 
ATOM 195  O O   . UNK A 1 49  ? -24.181 -13.940 -4.435  1.00 0.00 ? 48  UNK A O   1 
ATOM 196  N N   . UNK A 1 50  ? -23.289 -12.707 -6.118  1.00 0.00 ? 49  UNK A N   1 
ATOM 197  C CA  . UNK A 1 50  ? -23.669 -13.668 -7.164  1.00 0.00 ? 49  UNK A CA  1 
ATOM 198  C C   . UNK A 1 50  ? -24.017 -15.034 -6.538  1.00 0.00 ? 49  UNK A C   1 
ATOM 199  O O   . UNK A 1 50  ? -25.166 -15.467 -6.584  1.00 0.00 ? 49  UNK A O   1 
ATOM 200  N N   . UNK A 1 51  ? -22.986 -15.639 -5.964  1.00 0.00 ? 50  UNK A N   1 
ATOM 201  C CA  . UNK A 1 51  ? -23.092 -16.970 -5.369  1.00 0.00 ? 50  UNK A CA  1 
ATOM 202  C C   . UNK A 1 51  ? -24.480 -17.233 -4.761  1.00 0.00 ? 50  UNK A C   1 
ATOM 203  O O   . UNK A 1 51  ? -25.177 -18.167 -5.155  1.00 0.00 ? 50  UNK A O   1 
ATOM 204  N N   . UNK A 1 52  ? -24.804 -16.392 -3.787  1.00 0.00 ? 51  UNK A N   1 
ATOM 205  C CA  . UNK A 1 52  ? -26.074 -16.519 -3.059  1.00 0.00 ? 51  UNK A CA  1 
ATOM 206  C C   . UNK A 1 52  ? -26.188 -15.344 -2.065  1.00 0.00 ? 51  UNK A C   1 
ATOM 207  O O   . UNK A 1 52  ? -26.556 -14.235 -2.447  1.00 0.00 ? 51  UNK A O   1 
ATOM 208  N N   . UNK A 1 53  ? -25.822 -15.648 -0.827  1.00 0.00 ? 52  UNK A N   1 
ATOM 209  C CA  . UNK A 1 53  ? -25.764 -14.635 0.227   1.00 0.00 ? 52  UNK A CA  1 
ATOM 210  C C   . UNK A 1 53  ? -26.940 -13.648 0.149   1.00 0.00 ? 52  UNK A C   1 
ATOM 211  O O   . UNK A 1 53  ? -27.073 -12.887 -0.808  1.00 0.00 ? 52  UNK A O   1 
ATOM 212  N N   . UNK A 1 54  ? -27.745 -13.698 1.206   1.00 0.00 ? 53  UNK A N   1 
ATOM 213  C CA  . UNK A 1 54  ? -28.890 -12.795 1.332   1.00 0.00 ? 53  UNK A CA  1 
ATOM 214  C C   . UNK A 1 54  ? -28.464 -11.400 1.818   1.00 0.00 ? 53  UNK A C   1 
ATOM 215  O O   . UNK A 1 54  ? -28.990 -10.385 1.356   1.00 0.00 ? 53  UNK A O   1 
ATOM 216  N N   . UNK A 1 55  ? -27.516 -11.387 2.757   1.00 0.00 ? 54  UNK A N   1 
ATOM 217  C CA  . UNK A 1 55  ? -27.095 -10.088 3.308   1.00 0.00 ? 54  UNK A CA  1 
ATOM 218  C C   . UNK A 1 55  ? -25.601 -10.059 3.671   1.00 0.00 ? 54  UNK A C   1 
ATOM 219  O O   . UNK A 1 55  ? -25.058 -11.015 4.221   1.00 0.00 ? 54  UNK A O   1 
ATOM 220  N N   . UNK A 1 56  ? -24.999 -8.923  3.333   1.00 0.00 ? 55  UNK A N   1 
ATOM 221  C CA  . UNK A 1 56  ? -23.578 -8.689  3.632   1.00 0.00 ? 55  UNK A CA  1 
ATOM 222  C C   . UNK A 1 56  ? -23.422 -7.295  4.280   1.00 0.00 ? 55  UNK A C   1 
ATOM 223  O O   . UNK A 1 56  ? -23.949 -6.310  3.760   1.00 0.00 ? 55  UNK A O   1 
ATOM 224  N N   . UNK A 1 57  ? -22.705 -7.278  5.397   1.00 0.00 ? 56  UNK A N   1 
ATOM 225  C CA  . UNK A 1 57  ? -22.424 -6.016  6.103   1.00 0.00 ? 56  UNK A CA  1 
ATOM 226  C C   . UNK A 1 57  ? -21.026 -5.521  5.683   1.00 0.00 ? 56  UNK A C   1 
ATOM 227  O O   . UNK A 1 57  ? -20.050 -6.270  5.739   1.00 0.00 ? 56  UNK A O   1 
ATOM 228  N N   . UNK A 1 58  ? -21.011 -4.296  5.161   1.00 0.00 ? 57  UNK A N   1 
ATOM 229  C CA  . UNK A 1 58  ? -19.745 -3.734  4.666   1.00 0.00 ? 57  UNK A CA  1 
ATOM 230  C C   . UNK A 1 58  ? -19.180 -2.733  5.693   1.00 0.00 ? 57  UNK A C   1 
ATOM 231  O O   . UNK A 1 58  ? -19.775 -1.682  5.935   1.00 0.00 ? 57  UNK A O   1 
ATOM 232  N N   . UNK A 1 59  ? -18.008 -3.070  6.235   1.00 0.00 ? 58  UNK A N   1 
ATOM 233  C CA  . UNK A 1 59  ? -17.318 -2.103  7.094   1.00 0.00 ? 58  UNK A CA  1 
ATOM 234  C C   . UNK A 1 59  ? -16.121 -1.504  6.332   1.00 0.00 ? 58  UNK A C   1 
ATOM 235  O O   . UNK A 1 59  ? -15.167 -2.201  5.991   1.00 0.00 ? 58  UNK A O   1 
ATOM 236  N N   . UNK A 1 60  ? -16.274 -0.219  6.038   1.00 0.00 ? 59  UNK A N   1 
ATOM 237  C CA  . UNK A 1 60  ? -15.191 0.545   5.399   1.00 0.00 ? 59  UNK A CA  1 
ATOM 238  C C   . UNK A 1 60  ? -14.873 1.724   6.346   1.00 0.00 ? 59  UNK A C   1 
ATOM 239  O O   . UNK A 1 60  ? -15.669 2.032   7.236   1.00 0.00 ? 59  UNK A O   1 
ATOM 240  N N   . UNK A 1 61  ? -13.713 2.334   6.132   1.00 0.00 ? 60  UNK A N   1 
ATOM 241  C CA  . UNK A 1 61  ? -13.321 3.435   7.030   1.00 0.00 ? 60  UNK A CA  1 
ATOM 242  C C   . UNK A 1 61  ? -12.105 4.175   6.444   1.00 0.00 ? 60  UNK A C   1 
ATOM 243  O O   . UNK A 1 61  ? -11.100 3.562   6.087   1.00 0.00 ? 60  UNK A O   1 
ATOM 244  N N   . UNK A 1 62  ? -12.258 5.494   6.371   1.00 0.00 ? 61  UNK A N   1 
ATOM 245  C CA  . UNK A 1 62  ? -11.167 6.327   5.843   1.00 0.00 ? 61  UNK A CA  1 
ATOM 246  C C   . UNK A 1 62  ? -11.224 7.727   6.482   1.00 0.00 ? 61  UNK A C   1 
ATOM 247  O O   . UNK A 1 62  ? -12.300 8.273   6.720   1.00 0.00 ? 61  UNK A O   1 
ATOM 248  N N   . UNK A 1 63  ? -10.029 8.249   6.755   1.00 0.00 ? 62  UNK A N   1 
ATOM 249  C CA  . UNK A 1 63  ? -9.955  9.580   7.369   1.00 0.00 ? 62  UNK A CA  1 
ATOM 250  C C   . UNK A 1 63  ? -8.624  9.793   8.115   1.00 0.00 ? 62  UNK A C   1 
ATOM 251  O O   . UNK A 1 63  ? -7.560  9.387   7.658   1.00 0.00 ? 62  UNK A O   1 
ATOM 252  N N   . UNK A 1 64  ? -8.785  10.473  9.240   1.00 0.00 ? 63  UNK A N   1 
ATOM 253  C CA  . UNK A 1 64  ? -7.679  10.849  10.127  1.00 0.00 ? 63  UNK A CA  1 
ATOM 254  C C   . UNK A 1 64  ? -8.325  11.299  11.462  1.00 0.00 ? 63  UNK A C   1 
ATOM 255  O O   . UNK A 1 64  ? -7.778  12.113  12.195  1.00 0.00 ? 63  UNK A O   1 
ATOM 256  N N   . UNK A 1 65  ? -9.513  10.739  11.656  1.00 0.00 ? 64  UNK A N   1 
ATOM 257  C CA  . UNK A 1 65  ? -10.335 11.039  12.829  1.00 0.00 ? 64  UNK A CA  1 
ATOM 258  C C   . UNK A 1 65  ? -9.466  11.212  14.086  1.00 0.00 ? 64  UNK A C   1 
ATOM 259  O O   . UNK A 1 65  ? -9.602  12.195  14.815  1.00 0.00 ? 64  UNK A O   1 
ATOM 260  N N   . UNK A 1 66  ? -8.446  10.244  14.047  1.00 0.00 ? 65  UNK A N   1 
ATOM 261  C CA  . UNK A 1 66  ? -7.408  10.237  15.080  1.00 0.00 ? 65  UNK A CA  1 
ATOM 262  C C   . UNK A 1 66  ? -8.055  10.295  16.477  1.00 0.00 ? 65  UNK A C   1 
ATOM 263  O O   . UNK A 1 66  ? -7.935  11.295  17.184  1.00 0.00 ? 65  UNK A O   1 
ATOM 264  N N   . UNK A 1 67  ? -8.735  9.201   16.799  1.00 0.00 ? 66  UNK A N   1 
ATOM 265  C CA  . UNK A 1 67  ? -9.398  9.045   18.099  1.00 0.00 ? 66  UNK A CA  1 
ATOM 266  C C   . UNK A 1 67  ? -10.871 8.627   17.895  1.00 0.00 ? 66  UNK A C   1 
ATOM 267  O O   . UNK A 1 67  ? -11.148 7.562   17.347  1.00 0.00 ? 66  UNK A O   1 
ATOM 268  N N   . UNK A 1 68  ? -11.739 9.542   18.310  1.00 0.00 ? 67  UNK A N   1 
ATOM 269  C CA  . UNK A 1 68  ? -13.182 9.315   18.337  1.00 0.00 ? 67  UNK A CA  1 
ATOM 270  C C   . UNK A 1 68  ? -13.997 10.422  17.652  1.00 0.00 ? 67  UNK A C   1 
ATOM 271  O O   . UNK A 1 68  ? -13.583 11.579  17.591  1.00 0.00 ? 67  UNK A O   1 
ATOM 272  N N   . UNK A 1 69  ? -15.109 9.981   17.080  1.00 0.00 ? 68  UNK A N   1 
ATOM 273  C CA  . UNK A 1 69  ? -16.029 10.793  16.305  1.00 0.00 ? 68  UNK A CA  1 
ATOM 274  C C   . UNK A 1 69  ? -15.583 12.233  16.013  1.00 0.00 ? 68  UNK A C   1 
ATOM 275  O O   . UNK A 1 69  ? -15.246 12.999  16.915  1.00 0.00 ? 68  UNK A O   1 
ATOM 276  N N   . UNK A 1 70  ? -15.645 12.550  14.727  1.00 0.00 ? 69  UNK A N   1 
ATOM 277  C CA  . UNK A 1 70  ? -15.431 13.909  14.210  1.00 0.00 ? 69  UNK A CA  1 
ATOM 278  C C   . UNK A 1 70  ? -16.169 13.984  12.853  1.00 0.00 ? 69  UNK A C   1 
ATOM 279  O O   . UNK A 1 70  ? -15.561 13.803  11.799  1.00 0.00 ? 69  UNK A O   1 
ATOM 280  N N   . UNK A 1 71  ? -17.488 14.106  12.961  1.00 0.00 ? 70  UNK A N   1 
ATOM 281  C CA  . UNK A 1 71  ? -18.359 14.079  11.781  1.00 0.00 ? 70  UNK A CA  1 
ATOM 282  C C   . UNK A 1 71  ? -18.367 15.433  11.039  1.00 0.00 ? 70  UNK A C   1 
ATOM 283  O O   . UNK A 1 71  ? -17.541 16.305  11.295  1.00 0.00 ? 70  UNK A O   1 
ATOM 284  N N   . UNK A 1 72  ? -19.351 15.540  10.153  1.00 0.00 ? 71  UNK A N   1 
ATOM 285  C CA  . UNK A 1 72  ? -19.572 16.747  9.356   1.00 0.00 ? 71  UNK A CA  1 
ATOM 286  C C   . UNK A 1 72  ? -18.474 16.923  8.291   1.00 0.00 ? 71  UNK A C   1 
ATOM 287  O O   . UNK A 1 72  ? -17.993 18.032  8.065   1.00 0.00 ? 71  UNK A O   1 
ATOM 288  N N   . UNK A 1 73  ? -18.120 15.789  7.698   1.00 0.00 ? 72  UNK A N   1 
ATOM 289  C CA  . UNK A 1 73  ? -17.025 15.741  6.724   1.00 0.00 ? 72  UNK A CA  1 
ATOM 290  C C   . UNK A 1 73  ? -16.672 14.274  6.400   1.00 0.00 ? 72  UNK A C   1 
ATOM 291  O O   . UNK A 1 73  ? -17.540 13.497  6.004   1.00 0.00 ? 72  UNK A O   1 
ATOM 292  N N   . UNK A 1 74  ? -15.393 13.966  6.585   1.00 0.00 ? 73  UNK A N   1 
ATOM 293  C CA  . UNK A 1 74  ? -14.921 12.578  6.401   1.00 0.00 ? 73  UNK A CA  1 
ATOM 294  C C   . UNK A 1 74  ? -15.967 11.648  7.054   1.00 0.00 ? 73  UNK A C   1 
ATOM 295  O O   . UNK A 1 74  ? -15.854 11.322  8.237   1.00 0.00 ? 73  UNK A O   1 
ATOM 296  N N   . UNK A 1 75  ? -17.009 11.343  6.287   1.00 0.00 ? 74  UNK A N   1 
ATOM 297  C CA  . UNK A 1 75  ? -18.095 10.500  6.835   1.00 0.00 ? 74  UNK A CA  1 
ATOM 298  C C   . UNK A 1 75  ? -18.291 9.315   5.874   1.00 0.00 ? 74  UNK A C   1 
ATOM 299  O O   . UNK A 1 75  ? -17.535 8.344   5.888   1.00 0.00 ? 74  UNK A O   1 
ATOM 300  N N   . UNK A 1 76  ? -19.230 9.507   4.940   1.00 0.00 ? 75  UNK A N   1 
ATOM 301  C CA  . UNK A 1 76  ? -19.297 8.464   3.894   1.00 0.00 ? 75  UNK A CA  1 
ATOM 302  C C   . UNK A 1 76  ? -20.579 8.565   3.063   1.00 0.00 ? 75  UNK A C   1 
ATOM 303  O O   . UNK A 1 76  ? -20.954 7.634   2.345   1.00 0.00 ? 75  UNK A O   1 
ATOM 304  N N   . UNK A 1 77  ? -21.265 9.704   3.195   1.00 0.00 ? 76  UNK A N   1 
ATOM 305  C CA  . UNK A 1 77  ? -22.444 9.844   2.317   1.00 0.00 ? 76  UNK A CA  1 
ATOM 306  C C   . UNK A 1 77  ? -21.970 9.774   0.847   1.00 0.00 ? 76  UNK A C   1 
ATOM 307  O O   . UNK A 1 77  ? -22.635 9.168   0.009   1.00 0.00 ? 76  UNK A O   1 
ATOM 308  N N   . UNK A 1 78  ? -20.885 10.499  0.573   1.00 0.00 ? 77  UNK A N   1 
ATOM 309  C CA  . UNK A 1 78  ? -20.317 10.451  -0.789  1.00 0.00 ? 77  UNK A CA  1 
ATOM 310  C C   . UNK A 1 78  ? -20.113 8.959   -1.151  1.00 0.00 ? 77  UNK A C   1 
ATOM 311  O O   . UNK A 1 78  ? -20.461 8.510   -2.238  1.00 0.00 ? 77  UNK A O   1 
ATOM 312  N N   . UNK A 1 79  ? -19.558 8.255   -0.164  1.00 0.00 ? 78  UNK A N   1 
ATOM 313  C CA  . UNK A 1 79  ? -19.309 6.817   -0.390  1.00 0.00 ? 78  UNK A CA  1 
ATOM 314  C C   . UNK A 1 79  ? -20.601 6.252   -1.019  1.00 0.00 ? 78  UNK A C   1 
ATOM 315  O O   . UNK A 1 79  ? -20.617 5.779   -2.150  1.00 0.00 ? 78  UNK A O   1 
ATOM 316  N N   . UNK A 1 80  ? -21.645 6.358   -0.203  1.00 0.00 ? 79  UNK A N   1 
ATOM 317  C CA  . UNK A 1 80  ? -22.959 5.871   -0.625  1.00 0.00 ? 79  UNK A CA  1 
ATOM 318  C C   . UNK A 1 80  ? -23.252 6.256   -2.086  1.00 0.00 ? 79  UNK A C   1 
ATOM 319  O O   . UNK A 1 80  ? -23.289 5.397   -2.968  1.00 0.00 ? 79  UNK A O   1 
ATOM 320  N N   . UNK A 1 81  ? -23.518 7.545   -2.275  1.00 0.00 ? 80  UNK A N   1 
ATOM 321  C CA  . UNK A 1 81  ? -23.837 8.051   -3.613  1.00 0.00 ? 80  UNK A CA  1 
ATOM 322  C C   . UNK A 1 81  ? -23.022 7.331   -4.705  1.00 0.00 ? 80  UNK A C   1 
ATOM 323  O O   . UNK A 1 81  ? -23.584 6.668   -5.577  1.00 0.00 ? 80  UNK A O   1 
ATOM 324  N N   . UNK A 1 82  ? -21.714 7.558   -4.654  1.00 0.00 ? 81  UNK A N   1 
ATOM 325  C CA  . UNK A 1 82  ? -20.811 6.956   -5.648  1.00 0.00 ? 81  UNK A CA  1 
ATOM 326  C C   . UNK A 1 82  ? -21.142 5.464   -5.839  1.00 0.00 ? 81  UNK A C   1 
ATOM 327  O O   . UNK A 1 82  ? -21.487 5.028   -6.938  1.00 0.00 ? 81  UNK A O   1 
ATOM 328  N N   . UNK A 1 83  ? -21.059 4.737   -4.728  1.00 0.00 ? 82  UNK A N   1 
ATOM 329  C CA  . UNK A 1 83  ? -21.275 3.282   -4.776  1.00 0.00 ? 82  UNK A CA  1 
ATOM 330  C C   . UNK A 1 83  ? -22.599 2.977   -5.499  1.00 0.00 ? 82  UNK A C   1 
ATOM 331  O O   . UNK A 1 83  ? -22.663 2.165   -6.417  1.00 0.00 ? 82  UNK A O   1 
ATOM 332  N N   . UNK A 1 84  ? -23.605 3.710   -5.035  1.00 0.00 ? 83  UNK A N   1 
ATOM 333  C CA  . UNK A 1 84  ? -24.940 3.616   -5.637  1.00 0.00 ? 83  UNK A CA  1 
ATOM 334  C C   . UNK A 1 84  ? -24.814 3.671   -7.174  1.00 0.00 ? 83  UNK A C   1 
ATOM 335  O O   . UNK A 1 84  ? -25.078 2.687   -7.862  1.00 0.00 ? 83  UNK A O   1 
ATOM 336  N N   . UNK A 1 85  ? -24.412 4.850   -7.631  1.00 0.00 ? 84  UNK A N   1 
ATOM 337  C CA  . UNK A 1 85  ? -24.260 5.099   -9.070  1.00 0.00 ? 84  UNK A CA  1 
ATOM 338  C C   . UNK A 1 85  ? -23.529 3.927   -9.749  1.00 0.00 ? 84  UNK A C   1 
ATOM 339  O O   . UNK A 1 85  ? -24.102 3.223   -10.579 1.00 0.00 ? 84  UNK A O   1 
ATOM 340  N N   . UNK A 1 86  ? -22.281 3.766   -9.328  1.00 0.00 ? 85  UNK A N   1 
ATOM 341  C CA  . UNK A 1 86  ? -21.405 2.724   -9.861  1.00 0.00 ? 85  UNK A CA  1 
ATOM 342  C C   . UNK A 1 86  ? -22.078 1.346   -9.897  1.00 0.00 ? 85  UNK A C   1 
ATOM 343  O O   . UNK A 1 86  ? -22.124 0.692   -10.939 1.00 0.00 ? 85  UNK A O   1 
ATOM 344  N N   . UNK A 1 87  ? -22.573 0.941   -8.730  1.00 0.00 ? 86  UNK A N   1 
ATOM 345  C CA  . UNK A 1 87  ? -23.208 -0.385  -8.648  1.00 0.00 ? 86  UNK A CA  1 
ATOM 346  C C   . UNK A 1 87  ? -24.449 -0.414  -9.563  1.00 0.00 ? 86  UNK A C   1 
ATOM 347  O O   . UNK A 1 87  ? -24.655 -1.360  -10.320 1.00 0.00 ? 86  UNK A O   1 
ATOM 348  N N   . UNK A 1 88  ? -25.239 0.645   -9.427  1.00 0.00 ? 87  UNK A N   1 
ATOM 349  C CA  . UNK A 1 88  ? -26.454 0.785   -10.243 1.00 0.00 ? 87  UNK A CA  1 
ATOM 350  C C   . UNK A 1 88  ? -27.672 0.470   -9.350  1.00 0.00 ? 87  UNK A C   1 
ATOM 351  O O   . UNK A 1 88  ? -28.788 0.903   -9.617  1.00 0.00 ? 87  UNK A O   1 
ATOM 352  N N   . UNK A 1 89  ? -27.340 -0.245  -8.281  1.00 0.00 ? 88  UNK A N   1 
ATOM 353  C CA  . UNK A 1 89  ? -28.340 -0.640  -7.286  1.00 0.00 ? 88  UNK A CA  1 
ATOM 354  C C   . UNK A 1 89  ? -28.233 0.232   -6.025  1.00 0.00 ? 88  UNK A C   1 
ATOM 355  O O   . UNK A 1 89  ? -27.172 0.759   -5.694  1.00 0.00 ? 88  UNK A O   1 
ATOM 356  N N   . UNK A 1 90  ? -29.386 0.353   -5.374  1.00 0.00 ? 89  UNK A N   1 
ATOM 357  C CA  . UNK A 1 90  ? -29.459 1.148   -4.144  1.00 0.00 ? 89  UNK A CA  1 
ATOM 358  C C   . UNK A 1 90  ? -28.720 0.434   -2.996  1.00 0.00 ? 89  UNK A C   1 
ATOM 359  O O   . UNK A 1 90  ? -28.629 -0.790  -2.950  1.00 0.00 ? 89  UNK A O   1 
ATOM 360  N N   . UNK A 1 91  ? -28.227 1.281   -2.100  1.00 0.00 ? 90  UNK A N   1 
ATOM 361  C CA  . UNK A 1 91  ? -27.468 0.798   -0.940  1.00 0.00 ? 90  UNK A CA  1 
ATOM 362  C C   . UNK A 1 91  ? -27.884 1.610   0.302   1.00 0.00 ? 90  UNK A C   1 
ATOM 363  O O   . UNK A 1 91  ? -27.994 2.833   0.251   1.00 0.00 ? 90  UNK A O   1 
ATOM 364  N N   . UNK A 1 92  ? -28.052 0.867   1.392   1.00 0.00 ? 91  UNK A N   1 
ATOM 365  C CA  . UNK A 1 92  ? -28.444 1.506   2.651   1.00 0.00 ? 91  UNK A CA  1 
ATOM 366  C C   . UNK A 1 92  ? -27.219 1.964   3.459   1.00 0.00 ? 91  UNK A C   1 
ATOM 367  O O   . UNK A 1 92  ? -26.199 1.283   3.524   1.00 0.00 ? 91  UNK A O   1 
ATOM 368  N N   . UNK A 1 93  ? -27.434 3.106   4.100   1.00 0.00 ? 92  UNK A N   1 
ATOM 369  C CA  . UNK A 1 93  ? -26.401 3.708   4.950   1.00 0.00 ? 92  UNK A CA  1 
ATOM 370  C C   . UNK A 1 93  ? -26.968 3.897   6.372   1.00 0.00 ? 92  UNK A C   1 
ATOM 371  O O   . UNK A 1 93  ? -27.810 4.759   6.612   1.00 0.00 ? 92  UNK A O   1 
ATOM 372  N N   . UNK A 1 94  ? -26.471 3.028   7.241   1.00 0.00 ? 93  UNK A N   1 
ATOM 373  C CA  . UNK A 1 94  ? -26.867 3.025   8.656   1.00 0.00 ? 93  UNK A CA  1 
ATOM 374  C C   . UNK A 1 94  ? -25.762 3.718   9.479   1.00 0.00 ? 93  UNK A C   1 
ATOM 375  O O   . UNK A 1 94  ? -24.587 3.375   9.356   1.00 0.00 ? 93  UNK A O   1 
ATOM 376  N N   . UNK A 1 95  ? -26.197 4.693   10.274  1.00 0.00 ? 94  UNK A N   1 
ATOM 377  C CA  . UNK A 1 95  ? -25.248 5.500   11.041  1.00 0.00 ? 94  UNK A CA  1 
ATOM 378  C C   . UNK A 1 95  ? -25.798 6.030   12.376  1.00 0.00 ? 94  UNK A C   1 
ATOM 379  O O   . UNK A 1 95  ? -26.733 5.477   12.949  1.00 0.00 ? 94  UNK A O   1 
ATOM 380  N N   . UNK A 1 96  ? -25.102 7.060   12.839  1.00 0.00 ? 95  UNK A N   1 
ATOM 381  C CA  . UNK A 1 96  ? -25.304 7.637   14.180  1.00 0.00 ? 95  UNK A CA  1 
ATOM 382  C C   . UNK A 1 96  ? -24.022 7.254   14.967  1.00 0.00 ? 95  UNK A C   1 
ATOM 383  O O   . UNK A 1 96  ? -23.183 8.089   15.273  1.00 0.00 ? 95  UNK A O   1 
ATOM 384  N N   . UNK A 1 97  ? -23.930 5.943   15.081  1.00 0.00 ? 96  UNK A N   1 
ATOM 385  C CA  . UNK A 1 97  ? -22.765 5.223   15.600  1.00 0.00 ? 96  UNK A CA  1 
ATOM 386  C C   . UNK A 1 97  ? -22.868 3.816   14.959  1.00 0.00 ? 96  UNK A C   1 
ATOM 387  O O   . UNK A 1 97  ? -23.500 2.916   15.497  1.00 0.00 ? 96  UNK A O   1 
ATOM 388  N N   . UNK A 1 98  ? -22.299 3.790   13.762  1.00 0.00 ? 97  UNK A N   1 
ATOM 389  C CA  . UNK A 1 98  ? -22.332 2.594   12.920  1.00 0.00 ? 97  UNK A CA  1 
ATOM 390  C C   . UNK A 1 98  ? -21.456 1.498   13.561  1.00 0.00 ? 97  UNK A C   1 
ATOM 391  O O   . UNK A 1 98  ? -20.283 1.351   13.237  1.00 0.00 ? 97  UNK A O   1 
ATOM 392  N N   . UNK A 1 99  ? -22.130 0.776   14.440  1.00 0.00 ? 98  UNK A N   1 
ATOM 393  C CA  . UNK A 1 99  ? -21.525 -0.287  15.248  1.00 0.00 ? 98  UNK A CA  1 
ATOM 394  C C   . UNK A 1 99  ? -22.237 -0.247  16.619  1.00 0.00 ? 98  UNK A C   1 
ATOM 395  O O   . UNK A 1 99  ? -22.093 0.709   17.379  1.00 0.00 ? 98  UNK A O   1 
ATOM 396  N N   . UNK A 1 100 ? -23.054 -1.275  16.827  1.00 0.00 ? 99  UNK A N   1 
ATOM 397  C CA  . UNK A 1 100 ? -23.841 -1.320  18.067  1.00 0.00 ? 99  UNK A CA  1 
ATOM 398  C C   . UNK A 1 100 ? -25.198 -2.009  17.822  1.00 0.00 ? 99  UNK A C   1 
ATOM 399  O O   . UNK A 1 100 ? -25.448 -2.582  16.765  1.00 0.00 ? 99  UNK A O   1 
ATOM 400  N N   . UNK A 1 101 ? -25.997 -1.929  18.875  1.00 0.00 ? 100 UNK A N   1 
ATOM 401  C CA  . UNK A 1 101 ? -27.315 -2.554  18.931  1.00 0.00 ? 100 UNK A CA  1 
ATOM 402  C C   . UNK A 1 101 ? -27.985 -2.610  17.540  1.00 0.00 ? 100 UNK A C   1 
ATOM 403  O O   . UNK A 1 101 ? -28.123 -3.675  16.946  1.00 0.00 ? 100 UNK A O   1 
ATOM 404  N N   . UNK A 1 102 ? -28.447 -1.427  17.159  1.00 0.00 ? 101 UNK A N   1 
ATOM 405  C CA  . UNK A 1 102 ? -29.231 -1.227  15.943  1.00 0.00 ? 101 UNK A CA  1 
ATOM 406  C C   . UNK A 1 102 ? -28.505 -1.763  14.703  1.00 0.00 ? 101 UNK A C   1 
ATOM 407  O O   . UNK A 1 102 ? -29.009 -2.646  14.008  1.00 0.00 ? 101 UNK A O   1 
ATOM 408  N N   . UNK A 1 103 ? -27.311 -1.216  14.474  1.00 0.00 ? 102 UNK A N   1 
ATOM 409  C CA  . UNK A 1 103 ? -26.533 -1.716  13.323  1.00 0.00 ? 102 UNK A CA  1 
ATOM 410  C C   . UNK A 1 103 ? -26.585 -3.255  13.333  1.00 0.00 ? 102 UNK A C   1 
ATOM 411  O O   . UNK A 1 103 ? -27.009 -3.879  12.361  1.00 0.00 ? 102 UNK A O   1 
ATOM 412  N N   . UNK A 1 104 ? -26.188 -3.803  14.478  1.00 0.00 ? 103 UNK A N   1 
ATOM 413  C CA  . UNK A 1 104 ? -26.236 -5.262  14.660  1.00 0.00 ? 103 UNK A CA  1 
ATOM 414  C C   . UNK A 1 104 ? -27.608 -5.801  14.214  1.00 0.00 ? 103 UNK A C   1 
ATOM 415  O O   . UNK A 1 104 ? -27.709 -6.477  13.189  1.00 0.00 ? 103 UNK A O   1 
ATOM 416  N N   . UNK A 1 105 ? -28.628 -5.458  14.997  1.00 0.00 ? 104 UNK A N   1 
ATOM 417  C CA  . UNK A 1 105 ? -29.999 -5.864  14.625  1.00 0.00 ? 104 UNK A CA  1 
ATOM 418  C C   . UNK A 1 105 ? -30.105 -5.800  13.084  1.00 0.00 ? 104 UNK A C   1 
ATOM 419  O O   . UNK A 1 105 ? -30.318 -6.811  12.422  1.00 0.00 ? 104 UNK A O   1 
ATOM 420  N N   . UNK A 1 106 ? -29.880 -4.585  12.602  1.00 0.00 ? 105 UNK A N   1 
ATOM 421  C CA  . UNK A 1 106 ? -29.952 -4.291  11.175  1.00 0.00 ? 105 UNK A CA  1 
ATOM 422  C C   . UNK A 1 106 ? -29.093 -5.224  10.317  1.00 0.00 ? 105 UNK A C   1 
ATOM 423  O O   . UNK A 1 106 ? -29.603 -5.928  9.442   1.00 0.00 ? 105 UNK A O   1 
ATOM 424  N N   . UNK A 1 107 ? -27.785 -5.169  10.566  1.00 0.00 ? 106 UNK A N   1 
ATOM 425  C CA  . UNK A 1 107 ? -26.876 -5.941  9.709   1.00 0.00 ? 106 UNK A CA  1 
ATOM 426  C C   . UNK A 1 107 ? -27.253 -7.430  9.704   1.00 0.00 ? 106 UNK A C   1 
ATOM 427  O O   . UNK A 1 107 ? -27.087 -8.116  8.694   1.00 0.00 ? 106 UNK A O   1 
ATOM 428  N N   . UNK A 1 108 ? -27.729 -7.888  10.859  1.00 0.00 ? 107 UNK A N   1 
ATOM 429  C CA  . UNK A 1 108 ? -28.113 -9.305  10.981  1.00 0.00 ? 107 UNK A CA  1 
ATOM 430  C C   . UNK A 1 108 ? -29.410 -9.543  10.178  1.00 0.00 ? 107 UNK A C   1 
ATOM 431  O O   . UNK A 1 108 ? -29.458 -10.390 9.290   1.00 0.00 ? 107 UNK A O   1 
ATOM 432  N N   . UNK A 1 109 ? -30.401 -8.733  10.529  1.00 0.00 ? 108 UNK A N   1 
ATOM 433  C CA  . UNK A 1 109 ? -31.710 -8.786  9.874   1.00 0.00 ? 108 UNK A CA  1 
ATOM 434  C C   . UNK A 1 109 ? -31.574 -8.703  8.346   1.00 0.00 ? 108 UNK A C   1 
ATOM 435  O O   . UNK A 1 109 ? -32.220 -9.446  7.608   1.00 0.00 ? 108 UNK A O   1 
ATOM 436  N N   . UNK A 1 110 ? -30.715 -7.777  7.927   1.00 0.00 ? 109 UNK A N   1 
ATOM 437  C CA  . UNK A 1 110 ? -30.485 -7.603  6.486   1.00 0.00 ? 109 UNK A CA  1 
ATOM 438  C C   . UNK A 1 110 ? -31.796 -7.843  5.710   1.00 0.00 ? 109 UNK A C   1 
ATOM 439  O O   . UNK A 1 110 ? -32.575 -6.917  5.489   1.00 0.00 ? 109 UNK A O   1 
ATOM 440  N N   . UNK A 1 111 ? -31.953 -9.095  5.297   1.00 0.00 ? 110 UNK A N   1 
ATOM 441  C CA  . UNK A 1 111 ? -33.120 -9.489  4.498   1.00 0.00 ? 110 UNK A CA  1 
ATOM 442  C C   . UNK A 1 111 ? -32.817 -9.356  2.993   1.00 0.00 ? 110 UNK A C   1 
ATOM 443  O O   . UNK A 1 111 ? -33.634 -8.826  2.238   1.00 0.00 ? 110 UNK A O   1 
ATOM 444  N N   . UNK A 1 112 ? -31.629 -9.825  2.631   1.00 0.00 ? 111 UNK A N   1 
ATOM 445  C CA  . UNK A 1 112 ? -31.144 -9.694  1.248   1.00 0.00 ? 111 UNK A CA  1 
ATOM 446  C C   . UNK A 1 112 ? -30.932 -8.196  0.957   1.00 0.00 ? 111 UNK A C   1 
ATOM 447  O O   . UNK A 1 112 ? -31.770 -7.541  0.339   1.00 0.00 ? 111 UNK A O   1 
ATOM 448  N N   . UNK A 1 113 ? -29.829 -7.694  1.513   1.00 0.00 ? 112 UNK A N   1 
ATOM 449  C CA  . UNK A 1 113 ? -29.554 -6.260  1.386   1.00 0.00 ? 112 UNK A CA  1 
ATOM 450  C C   . UNK A 1 113 ? -28.056 -5.917  1.441   1.00 0.00 ? 112 UNK A C   1 
ATOM 451  O O   . UNK A 1 113 ? -27.210 -6.743  1.773   1.00 0.00 ? 112 UNK A O   1 
ATOM 452  N N   . UNK A 1 114 ? -27.818 -4.654  1.105   1.00 0.00 ? 113 UNK A N   1 
ATOM 453  C CA  . UNK A 1 114 ? -26.467 -4.089  1.053   1.00 0.00 ? 113 UNK A CA  1 
ATOM 454  C C   . UNK A 1 114 ? -26.364 -2.890  2.016   1.00 0.00 ? 113 UNK A C   1 
ATOM 455  O O   . UNK A 1 114 ? -26.946 -1.833  1.771   1.00 0.00 ? 113 UNK A O   1 
ATOM 456  N N   . UNK A 1 115 ? -25.599 -3.101  3.086   1.00 0.00 ? 114 UNK A N   1 
ATOM 457  C CA  . UNK A 1 115 ? -25.431 -2.018  4.063   1.00 0.00 ? 114 UNK A CA  1 
ATOM 458  C C   . UNK A 1 115 ? -23.955 -1.636  4.246   1.00 0.00 ? 114 UNK A C   1 
ATOM 459  O O   . UNK A 1 115 ? -23.069 -2.485  4.310   1.00 0.00 ? 114 UNK A O   1 
ATOM 460  N N   . UNK A 1 116 ? -23.762 -0.321  4.327   1.00 0.00 ? 115 UNK A N   1 
ATOM 461  C CA  . UNK A 1 116 ? -22.415 0.226   4.534   1.00 0.00 ? 115 UNK A CA  1 
ATOM 462  C C   . UNK A 1 116 ? -22.346 0.997   5.867   1.00 0.00 ? 115 UNK A C   1 
ATOM 463  O O   . UNK A 1 116 ? -23.274 1.717   6.230   1.00 0.00 ? 115 UNK A O   1 
ATOM 464  N N   . UNK A 1 117 ? -21.221 0.794   6.539   1.00 0.00 ? 116 UNK A N   1 
ATOM 465  C CA  . UNK A 1 117 ? -20.958 1.450   7.830   1.00 0.00 ? 116 UNK A CA  1 
ATOM 466  C C   . UNK A 1 117 ? -19.588 2.154   7.744   1.00 0.00 ? 116 UNK A C   1 
ATOM 467  O O   . UNK A 1 117 ? -18.580 1.524   7.420   1.00 0.00 ? 116 UNK A O   1 
ATOM 468  N N   . UNK A 1 118 ? -19.624 3.464   7.976   1.00 0.00 ? 117 UNK A N   1 
ATOM 469  C CA  . UNK A 1 118 ? -18.430 4.285   7.772   1.00 0.00 ? 117 UNK A CA  1 
ATOM 470  C C   . UNK A 1 118 ? -17.803 4.856   9.054   1.00 0.00 ? 117 UNK A C   1 
ATOM 471  O O   . UNK A 1 118 ? -18.448 4.983   10.090  1.00 0.00 ? 117 UNK A O   1 
ATOM 472  N N   . UNK A 1 119 ? -16.538 5.224   8.878   1.00 0.00 ? 118 UNK A N   1 
ATOM 473  C CA  . UNK A 1 119 ? -15.721 5.843   9.916   1.00 0.00 ? 118 UNK A CA  1 
ATOM 474  C C   . UNK A 1 119 ? -15.728 5.043   11.228  1.00 0.00 ? 118 UNK A C   1 
ATOM 475  O O   . UNK A 1 119 ? -16.254 5.500   12.244  1.00 0.00 ? 118 UNK A O   1 
ATOM 476  N N   . UNK A 1 120 ? -15.136 3.853   11.156  1.00 0.00 ? 119 UNK A N   1 
ATOM 477  C CA  . UNK A 1 120 ? -15.009 3.032   12.374  1.00 0.00 ? 119 UNK A CA  1 
ATOM 478  C C   . UNK A 1 120 ? -14.369 3.893   13.485  1.00 0.00 ? 119 UNK A C   1 
ATOM 479  O O   . UNK A 1 120 ? -14.990 4.167   14.510  1.00 0.00 ? 119 UNK A O   1 
ATOM 480  N N   . UNK A 1 121 ? -13.143 4.315   13.195  1.00 0.00 ? 120 UNK A N   1 
ATOM 481  C CA  . UNK A 1 121 ? -12.362 5.092   14.157  1.00 0.00 ? 120 UNK A CA  1 
ATOM 482  C C   . UNK A 1 121 ? -13.148 6.271   14.742  1.00 0.00 ? 120 UNK A C   1 
ATOM 483  O O   . UNK A 1 121 ? -12.630 7.043   15.551  1.00 0.00 ? 120 UNK A O   1 
ATOM 484  N N   . UNK A 1 122 ? -14.406 6.367   14.317  1.00 0.00 ? 121 UNK A N   1 
ATOM 485  C CA  . UNK A 1 122 ? -15.275 7.408   14.900  1.00 0.00 ? 121 UNK A CA  1 
ATOM 486  C C   . UNK A 1 122 ? -15.519 7.063   16.383  1.00 0.00 ? 121 UNK A C   1 
ATOM 487  O O   . UNK A 1 122 ? -15.774 7.926   17.218  1.00 0.00 ? 121 UNK A O   1 
ATOM 488  N N   . UNK A 1 123 ? -15.595 5.752   16.632  1.00 0.00 ? 122 UNK A N   1 
ATOM 489  C CA  . UNK A 1 123 ? -15.813 5.260   18.000  1.00 0.00 ? 122 UNK A CA  1 
ATOM 490  C C   . UNK A 1 123 ? -14.446 4.928   18.641  1.00 0.00 ? 122 UNK A C   1 
ATOM 491  O O   . UNK A 1 123 ? -14.380 4.455   19.772  1.00 0.00 ? 122 UNK A O   1 
ATOM 492  N N   . UNK A 1 124 ? -13.418 5.217   17.857  1.00 0.00 ? 123 UNK A N   1 
ATOM 493  C CA  . UNK A 1 124 ? -12.026 5.059   18.265  1.00 0.00 ? 123 UNK A CA  1 
ATOM 494  C C   . UNK A 1 124 ? -11.820 3.938   19.293  1.00 0.00 ? 123 UNK A C   1 
ATOM 495  O O   . UNK A 1 124 ? -11.245 4.158   20.360  1.00 0.00 ? 123 UNK A O   1 
ATOM 496  N N   . UNK A 1 125 ? -12.277 2.749   18.912  1.00 0.00 ? 124 UNK A N   1 
ATOM 497  C CA  . UNK A 1 125 ? -12.062 1.564   19.752  1.00 0.00 ? 124 UNK A CA  1 
ATOM 498  C C   . UNK A 1 125 ? -11.709 0.364   18.850  1.00 0.00 ? 124 UNK A C   1 
ATOM 499  O O   . UNK A 1 125 ? -11.818 -0.790  19.253  1.00 0.00 ? 124 UNK A O   1 
ATOM 500  N N   . UNK A 1 126 ? -11.281 0.736   17.649  1.00 0.00 ? 125 UNK A N   1 
ATOM 501  C CA  . UNK A 1 126 ? -10.830 -0.226  16.642  1.00 0.00 ? 125 UNK A CA  1 
ATOM 502  C C   . UNK A 1 126 ? -9.308  -0.431  16.695  1.00 0.00 ? 125 UNK A C   1 
ATOM 503  O O   . UNK A 1 126 ? -8.787  -1.488  16.334  1.00 0.00 ? 125 UNK A O   1 
ATOM 504  N N   . UNK A 1 127 ? -8.625  0.623   17.138  1.00 0.00 ? 126 UNK A N   1 
ATOM 505  C CA  . UNK A 1 127 ? -7.159  0.577   17.168  1.00 0.00 ? 126 UNK A CA  1 
ATOM 506  C C   . UNK A 1 127 ? -6.676  0.188   18.568  1.00 0.00 ? 126 UNK A C   1 
ATOM 507  O O   . UNK A 1 127 ? -5.863  -0.728  18.713  1.00 0.00 ? 126 UNK A O   1 
ATOM 508  N N   . UNK A 1 128 ? -7.278  0.830   19.564  1.00 0.00 ? 127 UNK A N   1 
ATOM 509  C CA  . UNK A 1 128 ? -6.947  0.526   20.966  1.00 0.00 ? 127 UNK A CA  1 
ATOM 510  C C   . UNK A 1 128 ? -6.348  1.795   21.610  1.00 0.00 ? 127 UNK A C   1 
ATOM 511  O O   . UNK A 1 128 ? -6.547  2.065   22.791  1.00 0.00 ? 127 UNK A O   1 
ATOM 512  N N   . UNK A 1 129 ? -5.621  2.510   20.760  1.00 0.00 ? 128 UNK A N   1 
ATOM 513  C CA  . UNK A 1 129 ? -5.026  3.795   21.142  1.00 0.00 ? 128 UNK A CA  1 
ATOM 514  C C   . UNK A 1 129 ? -5.485  4.845   20.109  1.00 0.00 ? 128 UNK A C   1 
ATOM 515  O O   . UNK A 1 129 ? -5.164  4.751   18.925  1.00 0.00 ? 128 UNK A O   1 
ATOM 516  N N   . UNK A 1 130 ? -6.259  5.799   20.615  1.00 0.00 ? 129 UNK A N   1 
ATOM 517  C CA  . UNK A 1 130 ? -6.752  6.875   19.737  1.00 0.00 ? 129 UNK A CA  1 
ATOM 518  C C   . UNK A 1 130 ? -6.340  8.221   20.361  1.00 0.00 ? 129 UNK A C   1 
ATOM 519  O O   . UNK A 1 130 ? -5.815  8.263   21.475  1.00 0.00 ? 129 UNK A O   1 
ATOM 520  N N   . UNK A 1 131 ? -6.599  9.294   19.615  1.00 0.00 ? 130 UNK A N   1 
ATOM 521  C CA  . UNK A 1 131 ? -6.240  10.612  20.172  1.00 0.00 ? 130 UNK A CA  1 
ATOM 522  C C   . UNK A 1 131 ? -7.477  11.241  20.835  1.00 0.00 ? 130 UNK A C   1 
ATOM 523  O O   . UNK A 1 131 ? -8.440  11.610  20.163  1.00 0.00 ? 130 UNK A O   1 
ATOM 524  N N   . UNK A 1 132 ? -7.390  11.371  22.160  1.00 0.00 ? 131 UNK A N   1 
ATOM 525  C CA  . UNK A 1 132 ? -8.555  11.872  22.895  1.00 0.00 ? 131 UNK A CA  1 
ATOM 526  C C   . UNK A 1 132 ? -8.219  12.956  23.928  1.00 0.00 ? 131 UNK A C   1 
ATOM 527  O O   . UNK A 1 132 ? -7.064  13.289  24.173  1.00 0.00 ? 131 UNK A O   1 
ATOM 528  N N   . UNK A 1 133 ? -9.316  13.472  24.470  1.00 0.00 ? 132 UNK A N   1 
ATOM 529  C CA  . UNK A 1 133 ? -9.273  14.573  25.432  1.00 0.00 ? 132 UNK A CA  1 
ATOM 530  C C   . UNK A 1 133 ? -8.832  15.857  24.704  1.00 0.00 ? 132 UNK A C   1 
ATOM 531  O O   . UNK A 1 133 ? -8.098  16.677  25.246  1.00 0.00 ? 132 UNK A O   1 
ATOM 532  N N   . UNK A 1 134 ? -9.329  15.959  23.474  1.00 0.00 ? 133 UNK A N   1 
ATOM 533  C CA  . UNK A 1 134 ? -8.985  17.109  22.624  1.00 0.00 ? 133 UNK A CA  1 
ATOM 534  C C   . UNK A 1 134 ? -7.469  17.370  22.716  1.00 0.00 ? 133 UNK A C   1 
ATOM 535  O O   . UNK A 1 134 ? -6.670  16.694  22.073  1.00 0.00 ? 133 UNK A O   1 
ATOM 536  N N   . UNK A 1 135 ? -7.138  18.342  23.562  1.00 0.00 ? 134 UNK A N   1 
ATOM 537  C CA  . UNK A 1 135 ? -5.735  18.718  23.749  1.00 0.00 ? 134 UNK A CA  1 
ATOM 538  C C   . UNK A 1 135 ? -4.900  17.595  24.384  1.00 0.00 ? 134 UNK A C   1 
ATOM 539  O O   . UNK A 1 135 ? -3.701  17.487  24.130  1.00 0.00 ? 134 UNK A O   1 
ATOM 540  N N   . UNK A 1 136 ? -5.579  16.830  25.229  1.00 0.00 ? 135 UNK A N   1 
ATOM 541  C CA  . UNK A 1 136 ? -4.947  15.750  25.984  1.00 0.00 ? 135 UNK A CA  1 
ATOM 542  C C   . UNK A 1 136 ? -3.852  15.026  25.195  1.00 0.00 ? 135 UNK A C   1 
ATOM 543  O O   . UNK A 1 136 ? -2.715  15.489  25.088  1.00 0.00 ? 135 UNK A O   1 
ATOM 544  N N   . UNK A 1 137 ? -4.206  13.831  24.706  1.00 0.00 ? 136 UNK A N   1 
ATOM 545  C CA  . UNK A 1 137 ? -3.120  13.025  24.109  1.00 0.00 ? 136 UNK A CA  1 
ATOM 546  C C   . UNK A 1 137 ? -3.642  11.655  23.636  1.00 0.00 ? 136 UNK A C   1 
ATOM 547  O O   . UNK A 1 137 ? -4.767  11.501  23.179  1.00 0.00 ? 136 UNK A O   1 
ATOM 548  N N   . UNK A 1 138 ? -2.731  10.698  23.824  1.00 0.00 ? 137 UNK A N   1 
ATOM 549  C CA  . UNK A 1 138 ? -3.090  9.298   23.549  1.00 0.00 ? 137 UNK A CA  1 
ATOM 550  C C   . UNK A 1 138 ? -4.212  8.950   24.557  1.00 0.00 ? 137 UNK A C   1 
ATOM 551  O O   . UNK A 1 138 ? -4.076  9.204   25.753  1.00 0.00 ? 137 UNK A O   1 
ATOM 552  N N   . UNK A 1 139 ? -5.268  8.384   23.994  1.00 0.00 ? 138 UNK A N   1 
ATOM 553  C CA  . UNK A 1 139 ? -6.405  7.942   24.821  1.00 0.00 ? 138 UNK A CA  1 
ATOM 554  C C   . UNK A 1 139 ? -6.527  6.423   24.592  1.00 0.00 ? 138 UNK A C   1 
ATOM 555  O O   . UNK A 1 139 ? -6.573  5.962   23.453  1.00 0.00 ? 138 UNK A O   1 
ATOM 556  N N   . UNK A 1 140 ? -6.456  5.706   25.709  1.00 0.00 ? 139 UNK A N   1 
ATOM 557  C CA  . UNK A 1 140 ? -6.378  4.245   25.600  1.00 0.00 ? 139 UNK A CA  1 
ATOM 558  C C   . UNK A 1 140 ? -7.777  3.624   25.745  1.00 0.00 ? 139 UNK A C   1 
ATOM 559  O O   . UNK A 1 140 ? -8.568  4.015   26.597  1.00 0.00 ? 139 UNK A O   1 
ATOM 560  N N   . UNK A 1 141 ? -7.988  2.646   24.871  1.00 0.00 ? 140 UNK A N   1 
ATOM 561  C CA  . UNK A 1 141 ? -9.275  1.964   24.783  1.00 0.00 ? 140 UNK A CA  1 
ATOM 562  C C   . UNK A 1 141 ? -9.319  0.724   25.688  1.00 0.00 ? 140 UNK A C   1 
ATOM 563  O O   . UNK A 1 141 ? -8.461  -0.152  25.648  1.00 0.00 ? 140 UNK A O   1 
ATOM 564  N N   . UNK A 1 142 ? -10.393 0.727   26.469  1.00 0.00 ? 141 UNK A N   1 
ATOM 565  C CA  . UNK A 1 142 ? -10.569 -0.279  27.502  1.00 0.00 ? 141 UNK A CA  1 
ATOM 566  C C   . UNK A 1 142 ? -10.479 -1.732  27.015  1.00 0.00 ? 141 UNK A C   1 
ATOM 567  O O   . UNK A 1 142 ? -10.704 -2.058  25.855  1.00 0.00 ? 141 UNK A O   1 
ATOM 568  N N   . UNK A 1 143 ? -10.242 -2.548  28.034  1.00 0.00 ? 142 UNK A N   1 
ATOM 569  C CA  . UNK A 1 143 ? -10.171 -4.003  27.914  1.00 0.00 ? 142 UNK A CA  1 
ATOM 570  C C   . UNK A 1 143 ? -11.493 -4.544  27.327  1.00 0.00 ? 142 UNK A C   1 
ATOM 571  O O   . UNK A 1 143 ? -11.534 -5.112  26.244  1.00 0.00 ? 142 UNK A O   1 
ATOM 572  N N   . UNK A 1 144 ? -12.498 -4.390  28.178  1.00 0.00 ? 143 UNK A N   1 
ATOM 573  C CA  . UNK A 1 144 ? -13.859 -4.825  27.829  1.00 0.00 ? 143 UNK A CA  1 
ATOM 574  C C   . UNK A 1 144 ? -14.208 -4.231  26.441  1.00 0.00 ? 143 UNK A C   1 
ATOM 575  O O   . UNK A 1 144 ? -14.715 -4.934  25.572  1.00 0.00 ? 143 UNK A O   1 
ATOM 576  N N   . UNK A 1 145 ? -13.931 -2.938  26.339  1.00 0.00 ? 144 UNK A N   1 
ATOM 577  C CA  . UNK A 1 145 ? -14.166 -2.191  25.094  1.00 0.00 ? 144 UNK A CA  1 
ATOM 578  C C   . UNK A 1 145 ? -13.480 -2.925  23.927  1.00 0.00 ? 144 UNK A C   1 
ATOM 579  O O   . UNK A 1 145 ? -14.120 -3.370  22.977  1.00 0.00 ? 144 UNK A O   1 
ATOM 580  N N   . UNK A 1 146 ? -12.159 -3.040  24.068  1.00 0.00 ? 145 UNK A N   1 
ATOM 581  C CA  . UNK A 1 146 ? -11.411 -3.752  23.006  1.00 0.00 ? 145 UNK A CA  1 
ATOM 582  C C   . UNK A 1 146 ? -12.272 -4.980  22.615  1.00 0.00 ? 145 UNK A C   1 
ATOM 583  O O   . UNK A 1 146 ? -12.761 -5.100  21.499  1.00 0.00 ? 145 UNK A O   1 
ATOM 584  N N   . UNK A 1 147 ? -12.395 -5.822  23.630  1.00 0.00 ? 146 UNK A N   1 
ATOM 585  C CA  . UNK A 1 147 ? -13.153 -7.057  23.583  1.00 0.00 ? 146 UNK A CA  1 
ATOM 586  C C   . UNK A 1 147 ? -14.525 -6.979  22.906  1.00 0.00 ? 146 UNK A C   1 
ATOM 587  O O   . UNK A 1 147 ? -14.828 -7.797  22.028  1.00 0.00 ? 146 UNK A O   1 
ATOM 588  N N   . UNK A 1 148 ? -15.409 -6.118  23.413  1.00 0.00 ? 147 UNK A N   1 
ATOM 589  C CA  . UNK A 1 148 ? -16.758 -6.110  22.823  1.00 0.00 ? 147 UNK A CA  1 
ATOM 590  C C   . UNK A 1 148 ? -16.766 -5.648  21.359  1.00 0.00 ? 147 UNK A C   1 
ATOM 591  O O   . UNK A 1 148 ? -17.402 -6.283  20.510  1.00 0.00 ? 147 UNK A O   1 
ATOM 592  N N   . UNK A 1 149 ? -16.063 -4.556  21.080  1.00 0.00 ? 148 UNK A N   1 
ATOM 593  C CA  . UNK A 1 149 ? -15.969 -4.018  19.709  1.00 0.00 ? 148 UNK A CA  1 
ATOM 594  C C   . UNK A 1 149 ? -15.643 -5.140  18.706  1.00 0.00 ? 148 UNK A C   1 
ATOM 595  O O   . UNK A 1 149 ? -16.364 -5.347  17.729  1.00 0.00 ? 148 UNK A O   1 
ATOM 596  N N   . UNK A 1 150 ? -14.558 -5.849  19.010  1.00 0.00 ? 149 UNK A N   1 
ATOM 597  C CA  . UNK A 1 150 ? -14.122 -6.954  18.134  1.00 0.00 ? 149 UNK A CA  1 
ATOM 598  C C   . UNK A 1 150 ? -15.300 -7.951  18.027  1.00 0.00 ? 149 UNK A C   1 
ATOM 599  O O   . UNK A 1 150 ? -15.878 -8.132  16.960  1.00 0.00 ? 149 UNK A O   1 
ATOM 600  N N   . UNK A 1 151 ? -15.624 -8.460  19.204  1.00 0.00 ? 150 UNK A N   1 
ATOM 601  C CA  . UNK A 1 151 ? -16.691 -9.432  19.397  1.00 0.00 ? 150 UNK A CA  1 
ATOM 602  C C   . UNK A 1 151 ? -18.018 -9.000  18.763  1.00 0.00 ? 150 UNK A C   1 
ATOM 603  O O   . UNK A 1 151 ? -18.561 -9.686  17.897  1.00 0.00 ? 150 UNK A O   1 
ATOM 604  N N   . UNK A 1 152 ? -18.551 -7.904  19.302  1.00 0.00 ? 151 UNK A N   1 
ATOM 605  C CA  . UNK A 1 152 ? -19.862 -7.445  18.809  1.00 0.00 ? 151 UNK A CA  1 
ATOM 606  C C   . UNK A 1 152 ? -19.825 -7.359  17.271  1.00 0.00 ? 151 UNK A C   1 
ATOM 607  O O   . UNK A 1 152 ? -20.684 -7.922  16.592  1.00 0.00 ? 151 UNK A O   1 
ATOM 608  N N   . UNK A 1 153 ? -18.806 -6.661  16.771  1.00 0.00 ? 152 UNK A N   1 
ATOM 609  C CA  . UNK A 1 153 ? -18.670 -6.564  15.296  1.00 0.00 ? 152 UNK A CA  1 
ATOM 610  C C   . UNK A 1 153 ? -19.247 -7.901  14.748  1.00 0.00 ? 152 UNK A C   1 
ATOM 611  O O   . UNK A 1 153 ? -20.380 -7.942  14.286  1.00 0.00 ? 152 UNK A O   1 
ATOM 612  N N   . UNK A 1 154 ? -18.415 -8.898  14.960  1.00 0.00 ? 153 UNK A N   1 
ATOM 613  C CA  . UNK A 1 154 ? -18.624 -10.306 14.675  1.00 0.00 ? 153 UNK A CA  1 
ATOM 614  C C   . UNK A 1 154 ? -20.036 -10.611 14.143  1.00 0.00 ? 153 UNK A C   1 
ATOM 615  O O   . UNK A 1 154 ? -20.217 -10.963 12.982  1.00 0.00 ? 153 UNK A O   1 
ATOM 616  N N   . UNK A 1 155 ? -20.959 -10.500 15.088  1.00 0.00 ? 154 UNK A N   1 
ATOM 617  C CA  . UNK A 1 155 ? -22.379 -10.737 14.831  1.00 0.00 ? 154 UNK A CA  1 
ATOM 618  C C   . UNK A 1 155 ? -22.918 -9.693  13.832  1.00 0.00 ? 154 UNK A C   1 
ATOM 619  O O   . UNK A 1 155 ? -23.834 -8.935  14.142  1.00 0.00 ? 154 UNK A O   1 
ATOM 620  N N   . UNK A 1 156 ? -22.318 -9.737  12.649  1.00 0.00 ? 155 UNK A N   1 
ATOM 621  C CA  . UNK A 1 156 ? -22.693 -8.811  11.570  1.00 0.00 ? 155 UNK A CA  1 
ATOM 622  C C   . UNK A 1 156 ? -22.497 -9.534  10.222  1.00 0.00 ? 155 UNK A C   1 
ATOM 623  O O   . UNK A 1 156 ? -22.297 -8.906  9.185   1.00 0.00 ? 155 UNK A O   1 
ATOM 624  N N   . UNK A 1 157 ? -22.560 -10.860 10.320  1.00 0.00 ? 156 UNK A N   1 
ATOM 625  C CA  . UNK A 1 157 ? -22.354 -11.699 9.134   1.00 0.00 ? 156 UNK A CA  1 
ATOM 626  C C   . UNK A 1 157 ? -21.516 -12.946 9.480   1.00 0.00 ? 156 UNK A C   1 
ATOM 627  O O   . UNK A 1 157 ? -20.426 -12.838 10.039  1.00 0.00 ? 156 UNK A O   1 
ATOM 628  N N   . UNK A 1 158 ? -22.077 -14.082 9.097   1.00 0.00 ? 157 UNK A N   1 
ATOM 629  C CA  . UNK A 1 158 ? -21.512 -15.399 9.331   1.00 0.00 ? 157 UNK A CA  1 
ATOM 630  C C   . UNK A 1 158 ? -20.085 -15.643 8.835   1.00 0.00 ? 157 UNK A C   1 
ATOM 631  O O   . UNK A 1 158 ? -19.416 -16.570 9.311   1.00 0.00 ? 157 UNK A O   1 
ATOM 632  N N   . UNK A 1 159 ? -19.638 -14.839 7.873   1.00 0.00 ? 158 UNK A N   1 
ATOM 633  C CA  . UNK A 1 159 ? -18.267 -15.028 7.360   1.00 0.00 ? 158 UNK A CA  1 
ATOM 634  C C   . UNK A 1 159 ? -17.586 -13.664 7.153   1.00 0.00 ? 158 UNK A C   1 
ATOM 635  O O   . UNK A 1 159 ? -18.256 -12.629 7.152   1.00 0.00 ? 158 UNK A O   1 
ATOM 636  N N   . UNK A 1 160 ? -16.260 -13.694 7.013   1.00 0.00 ? 159 UNK A N   1 
ATOM 637  C CA  . UNK A 1 160 ? -15.522 -12.428 6.907   1.00 0.00 ? 159 UNK A CA  1 
ATOM 638  C C   . UNK A 1 160 ? -14.585 -12.372 5.689   1.00 0.00 ? 159 UNK A C   1 
ATOM 639  O O   . UNK A 1 160 ? -13.936 -13.355 5.337   1.00 0.00 ? 159 UNK A O   1 
ATOM 640  N N   . UNK A 1 161 ? -14.551 -11.185 5.085   1.00 0.00 ? 160 UNK A N   1 
ATOM 641  C CA  . UNK A 1 161 ? -13.717 -10.954 3.900   1.00 0.00 ? 160 UNK A CA  1 
ATOM 642  C C   . UNK A 1 161 ? -12.901 -9.651  4.007   1.00 0.00 ? 160 UNK A C   1 
ATOM 643  O O   . UNK A 1 161 ? -13.441 -8.590  4.319   1.00 0.00 ? 160 UNK A O   1 
ATOM 644  N N   . UNK A 1 162 ? -11.610 -9.788  3.712   1.00 0.00 ? 161 UNK A N   1 
ATOM 645  C CA  . UNK A 1 162 ? -10.699 -8.635  3.736   1.00 0.00 ? 161 UNK A CA  1 
ATOM 646  C C   . UNK A 1 162 ? -10.092 -8.413  2.334   1.00 0.00 ? 161 UNK A C   1 
ATOM 647  O O   . UNK A 1 162 ? -9.395  -9.279  1.808   1.00 0.00 ? 161 UNK A O   1 
ATOM 648  N N   . UNK A 1 163 ? -10.417 -7.251  1.782   1.00 0.00 ? 162 UNK A N   1 
ATOM 649  C CA  . UNK A 1 163 ? -9.915  -6.862  0.455   1.00 0.00 ? 162 UNK A CA  1 
ATOM 650  C C   . UNK A 1 163 ? -8.999  -5.627  0.576   1.00 0.00 ? 162 UNK A C   1 
ATOM 651  O O   . UNK A 1 163 ? -9.057  -4.899  1.567   1.00 0.00 ? 162 UNK A O   1 
ATOM 652  N N   . UNK A 1 164 ? -8.176  -5.441  -0.454  1.00 0.00 ? 163 UNK A N   1 
ATOM 653  C CA  . UNK A 1 164 ? -7.230  -4.310  -0.437  1.00 0.00 ? 163 UNK A CA  1 
ATOM 654  C C   . UNK A 1 164 ? -7.474  -3.468  0.833   1.00 0.00 ? 163 UNK A C   1 
ATOM 655  O O   . UNK A 1 164 ? -7.757  -2.275  0.759   1.00 0.00 ? 163 UNK A O   1 
ATOM 656  N N   . UNK A 1 165 ? -7.388  -4.177  1.951   1.00 0.00 ? 164 UNK A N   1 
ATOM 657  C CA  . UNK A 1 165 ? -7.600  -3.562  3.269   1.00 0.00 ? 164 UNK A CA  1 
ATOM 658  C C   . UNK A 1 165 ? -6.350  -3.801  4.144   1.00 0.00 ? 164 UNK A C   1 
ATOM 659  O O   . UNK A 1 165 ? -6.446  -3.897  5.365   1.00 0.00 ? 164 UNK A O   1 
ATOM 660  N N   . UNK A 1 166 ? -5.228  -3.870  3.441   1.00 0.00 ? 165 UNK A N   1 
ATOM 661  C CA  . UNK A 1 166 ? -3.922  -4.136  4.036   1.00 0.00 ? 165 UNK A CA  1 
ATOM 662  C C   . UNK A 1 166 ? -3.410  -2.968  4.889   1.00 0.00 ? 165 UNK A C   1 
ATOM 663  O O   . UNK A 1 166 ? -3.134  -3.130  6.079   1.00 0.00 ? 165 UNK A O   1 
ATOM 664  N N   . UNK A 1 167 ? -3.327  -1.802  4.249   1.00 0.00 ? 166 UNK A N   1 
ATOM 665  C CA  . UNK A 1 167 ? -2.837  -0.626  4.990   1.00 0.00 ? 166 UNK A CA  1 
ATOM 666  C C   . UNK A 1 167 ? -3.281  -0.746  6.463   1.00 0.00 ? 166 UNK A C   1 
ATOM 667  O O   . UNK A 1 167 ? -2.542  -0.392  7.378   1.00 0.00 ? 166 UNK A O   1 
ATOM 668  N N   . UNK A 1 168 ? -4.507  -1.238  6.607   1.00 0.00 ? 167 UNK A N   1 
ATOM 669  C CA  . UNK A 1 168 ? -5.108  -1.389  7.937   1.00 0.00 ? 167 UNK A CA  1 
ATOM 670  C C   . UNK A 1 168 ? -4.389  -2.498  8.733   1.00 0.00 ? 167 UNK A C   1 
ATOM 671  O O   . UNK A 1 168 ? -3.986  -2.282  9.876   1.00 0.00 ? 167 UNK A O   1 
ATOM 672  N N   . UNK A 1 169 ? -4.251  -3.634  8.063   1.00 0.00 ? 168 UNK A N   1 
ATOM 673  C CA  . UNK A 1 169 ? -3.590  -4.807  8.646   1.00 0.00 ? 168 UNK A CA  1 
ATOM 674  C C   . UNK A 1 169 ? -2.111  -4.496  8.936   1.00 0.00 ? 168 UNK A C   1 
ATOM 675  O O   . UNK A 1 169 ? -1.491  -5.091  9.813   1.00 0.00 ? 168 UNK A O   1 
ATOM 676  N N   . UNK A 1 170 ? -1.616  -3.531  8.166   1.00 0.00 ? 169 UNK A N   1 
ATOM 677  C CA  . UNK A 1 170 ? -0.206  -3.138  8.298   1.00 0.00 ? 169 UNK A CA  1 
ATOM 678  C C   . UNK A 1 170 ? 0.076   -2.664  9.737   1.00 0.00 ? 169 UNK A C   1 
ATOM 679  O O   . UNK A 1 170 ? 0.993   -3.152  10.393  1.00 0.00 ? 169 UNK A O   1 
ATOM 680  N N   . UNK A 1 171 ? -0.723  -1.677  10.120  1.00 0.00 ? 170 UNK A N   1 
ATOM 681  C CA  . UNK A 1 171 ? -0.623  -1.087  11.463  1.00 0.00 ? 170 UNK A CA  1 
ATOM 682  C C   . UNK A 1 171 ? -1.231  -2.091  12.468  1.00 0.00 ? 170 UNK A C   1 
ATOM 683  O O   . UNK A 1 171 ? -0.776  -2.196  13.604  1.00 0.00 ? 170 UNK A O   1 
ATOM 684  N N   . UNK A 1 172 ? -2.218  -2.825  11.964  1.00 0.00 ? 171 UNK A N   1 
ATOM 685  C CA  . UNK A 1 172 ? -2.824  -3.920  12.714  1.00 0.00 ? 171 UNK A CA  1 
ATOM 686  C C   . UNK A 1 172 ? -4.040  -3.539  13.571  1.00 0.00 ? 171 UNK A C   1 
ATOM 687  O O   . UNK A 1 172 ? -3.900  -3.222  14.754  1.00 0.00 ? 171 UNK A O   1 
ATOM 688  N N   . UNK A 1 173 ? -5.214  -3.664  12.960  1.00 0.00 ? 172 UNK A N   1 
ATOM 689  C CA  . UNK A 1 173 ? -6.468  -3.266  13.603  1.00 0.00 ? 172 UNK A CA  1 
ATOM 690  C C   . UNK A 1 173 ? -7.372  -4.441  14.013  1.00 0.00 ? 172 UNK A C   1 
ATOM 691  O O   . UNK A 1 173 ? -7.343  -5.516  13.416  1.00 0.00 ? 172 UNK A O   1 
ATOM 692  N N   . UNK A 1 174 ? -8.190  -4.158  15.024  1.00 0.00 ? 173 UNK A N   1 
ATOM 693  C CA  . UNK A 1 174 ? -9.151  -5.145  15.531  1.00 0.00 ? 173 UNK A CA  1 
ATOM 694  C C   . UNK A 1 174 ? -9.794  -5.937  14.378  1.00 0.00 ? 173 UNK A C   1 
ATOM 695  O O   . UNK A 1 174 ? -9.564  -7.139  14.236  1.00 0.00 ? 173 UNK A O   1 
ATOM 696  N N   . UNK A 1 175 ? -10.561 -5.210  13.573  1.00 0.00 ? 174 UNK A N   1 
ATOM 697  C CA  . UNK A 1 175 ? -11.252 -5.824  12.431  1.00 0.00 ? 174 UNK A CA  1 
ATOM 698  C C   . UNK A 1 175 ? -10.332 -6.853  11.741  1.00 0.00 ? 174 UNK A C   1 
ATOM 699  O O   . UNK A 1 175 ? -10.650 -8.035  11.651  1.00 0.00 ? 174 UNK A O   1 
ATOM 700  N N   . UNK A 1 176 ? -9.233  -6.294  11.263  1.00 0.00 ? 175 UNK A N   1 
ATOM 701  C CA  . UNK A 1 176 ? -8.211  -7.026  10.518  1.00 0.00 ? 175 UNK A CA  1 
ATOM 702  C C   . UNK A 1 176 ? -7.731  -8.280  11.268  1.00 0.00 ? 175 UNK A C   1 
ATOM 703  O O   . UNK A 1 176 ? -7.768  -9.382  10.714  1.00 0.00 ? 175 UNK A O   1 
ATOM 704  N N   . UNK A 1 177 ? -7.342  -8.070  12.517  1.00 0.00 ? 176 UNK A N   1 
ATOM 705  C CA  . UNK A 1 177 ? -6.829  -9.122  13.395  1.00 0.00 ? 176 UNK A CA  1 
ATOM 706  C C   . UNK A 1 177 ? -7.845  -10.246 13.642  1.00 0.00 ? 176 UNK A C   1 
ATOM 707  O O   . UNK A 1 177 ? -7.497  -11.429 13.634  1.00 0.00 ? 176 UNK A O   1 
ATOM 708  N N   . UNK A 1 178 ? -9.096  -9.829  13.819  1.00 0.00 ? 177 UNK A N   1 
ATOM 709  C CA  . UNK A 1 178 ? -10.176 -10.784 14.061  1.00 0.00 ? 177 UNK A CA  1 
ATOM 710  C C   . UNK A 1 178 ? -11.039 -10.414 15.274  1.00 0.00 ? 177 UNK A C   1 
ATOM 711  O O   . UNK A 1 178 ? -11.212 -11.210 16.200  1.00 0.00 ? 177 UNK A O   1 
ATOM 712  N N   . UNK A 1 179 ? -11.637 -9.222  15.207  1.00 0.00 ? 178 UNK A N   1 
ATOM 713  C CA  . UNK A 1 179 ? -12.612 -8.901  16.279  1.00 0.00 ? 178 UNK A CA  1 
ATOM 714  C C   . UNK A 1 179 ? -13.843 -9.788  15.959  1.00 0.00 ? 178 UNK A C   1 
ATOM 715  O O   . UNK A 1 179 ? -14.836 -9.796  16.673  1.00 0.00 ? 178 UNK A O   1 
ATOM 716  N N   . UNK A 1 180 ? -13.658 -10.494 14.849  1.00 0.00 ? 179 UNK A N   1 
ATOM 717  C CA  . UNK A 1 180 ? -14.647 -11.455 14.358  1.00 0.00 ? 179 UNK A CA  1 
ATOM 718  C C   . UNK A 1 180 ? -14.246 -12.884 14.779  1.00 0.00 ? 179 UNK A C   1 
ATOM 719  O O   . UNK A 1 180 ? -13.560 -13.588 14.040  1.00 0.00 ? 179 UNK A O   1 
ATOM 720  N N   . UNK A 1 181 ? -14.695 -13.333 15.880  1.00 0.00 ? 180 UNK A N   1 
ATOM 721  C CA  . UNK A 1 181 ? -14.394 -14.707 16.317  1.00 0.00 ? 180 UNK A CA  1 
ATOM 722  C C   . UNK A 1 181 ? -14.871 -15.715 15.247  1.00 0.00 ? 180 UNK A C   1 
ATOM 723  O O   . UNK A 1 181 ? -14.226 -16.738 15.030  1.00 0.00 ? 180 UNK A O   1 
ATOM 724  N N   . UNK A 1 182 ? -15.982 -15.346 14.634  1.00 0.00 ? 181 UNK A N   1 
ATOM 725  C CA  . UNK A 1 182 ? -16.642 -16.073 13.558  1.00 0.00 ? 181 UNK A CA  1 
ATOM 726  C C   . UNK A 1 182 ? -15.969 -17.403 13.187  1.00 0.00 ? 181 UNK A C   1 
ATOM 727  O O   . UNK A 1 182 ? -15.969 -18.355 13.966  1.00 0.00 ? 181 UNK A O   1 
ATOM 728  N N   . UNK A 1 183 ? -15.405 -17.399 11.983  1.00 0.00 ? 182 UNK A N   1 
ATOM 729  C CA  . UNK A 1 183 ? -14.707 -18.578 11.452  1.00 0.00 ? 182 UNK A CA  1 
ATOM 730  C C   . UNK A 1 183 ? -14.163 -18.254 10.043  1.00 0.00 ? 182 UNK A C   1 
ATOM 731  O O   . UNK A 1 183 ? -13.768 -17.117 9.784   1.00 0.00 ? 182 UNK A O   1 
ATOM 732  N N   . UNK A 1 184 ? -14.166 -19.275 9.198   1.00 0.00 ? 183 UNK A N   1 
ATOM 733  C CA  . UNK A 1 184 ? -13.682 -19.169 7.822   1.00 0.00 ? 183 UNK A CA  1 
ATOM 734  C C   . UNK A 1 184 ? -13.368 -17.720 7.405   1.00 0.00 ? 183 UNK A C   1 
ATOM 735  O O   . UNK A 1 184 ? -14.248 -16.863 7.382   1.00 0.00 ? 183 UNK A O   1 
ATOM 736  N N   . UNK A 1 185 ? -12.086 -17.534 7.127   1.00 0.00 ? 184 UNK A N   1 
ATOM 737  C CA  . UNK A 1 185 ? -11.492 -16.235 6.816   1.00 0.00 ? 184 UNK A CA  1 
ATOM 738  C C   . UNK A 1 185 ? -11.287 -16.041 5.300   1.00 0.00 ? 184 UNK A C   1 
ATOM 739  O O   . UNK A 1 185 ? -10.695 -16.888 4.633   1.00 0.00 ? 184 UNK A O   1 
ATOM 740  N N   . UNK A 1 186 ? -11.768 -14.893 4.829   1.00 0.00 ? 185 UNK A N   1 
ATOM 741  C CA  . UNK A 1 186 ? -11.734 -14.575 3.405   1.00 0.00 ? 185 UNK A CA  1 
ATOM 742  C C   . UNK A 1 186 ? -11.009 -13.265 3.044   1.00 0.00 ? 185 UNK A C   1 
ATOM 743  O O   . UNK A 1 186 ? -11.324 -12.199 3.565   1.00 0.00 ? 185 UNK A O   1 
ATOM 744  N N   . UNK A 1 187 ? -10.077 -13.457 2.127   1.00 0.00 ? 186 UNK A N   1 
ATOM 745  C CA  . UNK A 1 187 ? -9.279  -12.415 1.478   1.00 0.00 ? 186 UNK A CA  1 
ATOM 746  C C   . UNK A 1 187 ? -9.621  -12.456 -0.032  1.00 0.00 ? 186 UNK A C   1 
ATOM 747  O O   . UNK A 1 187 ? -9.536  -13.520 -0.649  1.00 0.00 ? 186 UNK A O   1 
ATOM 748  N N   . UNK A 1 188 ? -10.032 -11.307 -0.555  1.00 0.00 ? 187 UNK A N   1 
ATOM 749  C CA  . UNK A 1 188 ? -10.404 -11.238 -1.978  1.00 0.00 ? 187 UNK A CA  1 
ATOM 750  C C   . UNK A 1 188 ? -9.285  -10.558 -2.792  1.00 0.00 ? 187 UNK A C   1 
ATOM 751  O O   . UNK A 1 188 ? -8.120  -10.939 -2.691  1.00 0.00 ? 187 UNK A O   1 
ATOM 752  N N   . UNK A 1 189 ? -9.706  -9.560  -3.558  1.00 0.00 ? 188 UNK A N   1 
ATOM 753  C CA  . UNK A 1 189 ? -8.785  -8.786  -4.399  1.00 0.00 ? 188 UNK A CA  1 
ATOM 754  C C   . UNK A 1 189 ? -7.323  -9.095  -4.006  1.00 0.00 ? 188 UNK A C   1 
ATOM 755  O O   . UNK A 1 189 ? -6.498  -9.415  -4.857  1.00 0.00 ? 188 UNK A O   1 
ATOM 756  N N   . UNK A 1 190 ? -7.110  -8.950  -2.708  1.00 0.00 ? 189 UNK A N   1 
ATOM 757  C CA  . UNK A 1 190 ? -5.804  -9.168  -2.072  1.00 0.00 ? 189 UNK A CA  1 
ATOM 758  C C   . UNK A 1 190 ? -5.263  -10.540 -2.518  1.00 0.00 ? 189 UNK A C   1 
ATOM 759  O O   . UNK A 1 190 ? -4.060  -10.747 -2.651  1.00 0.00 ? 189 UNK A O   1 
ATOM 760  N N   . UNK A 1 191 ? -6.227  -11.421 -2.782  1.00 0.00 ? 190 UNK A N   1 
ATOM 761  C CA  . UNK A 1 191 ? -5.850  -12.762 -3.269  1.00 0.00 ? 190 UNK A CA  1 
ATOM 762  C C   . UNK A 1 191 ? -4.815  -12.560 -4.399  1.00 0.00 ? 190 UNK A C   1 
ATOM 763  O O   . UNK A 1 191 ? -3.644  -12.893 -4.249  1.00 0.00 ? 190 UNK A O   1 
ATOM 764  N N   . UNK A 1 192 ? -5.323  -11.952 -5.465  1.00 0.00 ? 191 UNK A N   1 
ATOM 765  C CA  . UNK A 1 192 ? -4.475  -11.572 -6.600  1.00 0.00 ? 191 UNK A CA  1 
ATOM 766  C C   . UNK A 1 192 ? -3.205  -10.851 -6.114  1.00 0.00 ? 191 UNK A C   1 
ATOM 767  O O   . UNK A 1 192 ? -2.088  -11.271 -6.420  1.00 0.00 ? 191 UNK A O   1 
ATOM 768  N N   . UNK A 1 193 ? -3.428  -9.789  -5.346  1.00 0.00 ? 192 UNK A N   1 
ATOM 769  C CA  . UNK A 1 193 ? -2.289  -9.050  -4.770  1.00 0.00 ? 192 UNK A CA  1 
ATOM 770  C C   . UNK A 1 193 ? -1.341  -10.051 -4.078  1.00 0.00 ? 192 UNK A C   1 
ATOM 771  O O   . UNK A 1 193 ? -0.196  -10.231 -4.483  1.00 0.00 ? 192 UNK A O   1 
ATOM 772  N N   . UNK A 1 194 ? -1.903  -10.663 -3.041  1.00 0.00 ? 193 UNK A N   1 
ATOM 773  C CA  . UNK A 1 194 ? -1.148  -11.631 -2.237  1.00 0.00 ? 193 UNK A CA  1 
ATOM 774  C C   . UNK A 1 194 ? -0.418  -12.617 -3.170  1.00 0.00 ? 193 UNK A C   1 
ATOM 775  O O   . UNK A 1 194 ? 0.805   -12.721 -3.156  1.00 0.00 ? 193 UNK A O   1 
ATOM 776  N N   . UNK A 1 195 ? -1.246  -13.332 -3.924  1.00 0.00 ? 194 UNK A N   1 
ATOM 777  C CA  . UNK A 1 195 ? -0.721  -14.344 -4.855  1.00 0.00 ? 194 UNK A CA  1 
ATOM 778  C C   . UNK A 1 195 ? 0.480   -13.752 -5.622  1.00 0.00 ? 194 UNK A C   1 
ATOM 779  O O   . UNK A 1 195 ? 1.591   -14.271 -5.568  1.00 0.00 ? 194 UNK A O   1 
ATOM 780  N N   . UNK A 1 196 ? 0.167   -12.667 -6.324  1.00 0.00 ? 195 UNK A N   1 
ATOM 781  C CA  . UNK A 1 196 ? 1.187   -11.980 -7.126  1.00 0.00 ? 195 UNK A CA  1 
ATOM 782  C C   . UNK A 1 196 ? 2.471   -11.797 -6.296  1.00 0.00 ? 195 UNK A C   1 
ATOM 783  O O   . UNK A 1 196 ? 3.550   -12.240 -6.688  1.00 0.00 ? 195 UNK A O   1 
ATOM 784  N N   . UNK A 1 197 ? 2.301   -11.071 -5.193  1.00 0.00 ? 196 UNK A N   1 
ATOM 785  C CA  . UNK A 1 197 ? 3.464   -10.789 -4.337  1.00 0.00 ? 196 UNK A CA  1 
ATOM 786  C C   . UNK A 1 197 ? 4.220   -12.100 -4.051  1.00 0.00 ? 196 UNK A C   1 
ATOM 787  O O   . UNK A 1 197 ? 5.393   -12.240 -4.395  1.00 0.00 ? 196 UNK A O   1 
ATOM 788  N N   . UNK A 1 198 ? 3.516   -13.007 -3.377  1.00 0.00 ? 197 UNK A N   1 
ATOM 789  C CA  . UNK A 1 198 ? 4.135   -14.309 -3.065  1.00 0.00 ? 197 UNK A CA  1 
ATOM 790  C C   . UNK A 1 198 ? 4.866   -14.827 -4.320  1.00 0.00 ? 197 UNK A C   1 
ATOM 791  O O   . UNK A 1 198 ? 6.075   -15.059 -4.292  1.00 0.00 ? 197 UNK A O   1 
ATOM 792  N N   . UNK A 1 199 ? 4.098   -14.946 -5.398  1.00 0.00 ? 198 UNK A N   1 
ATOM 793  C CA  . UNK A 1 199 ? 4.681   -15.356 -6.684  1.00 0.00 ? 198 UNK A CA  1 
ATOM 794  C C   . UNK A 1 199 ? 6.003   -14.612 -6.943  1.00 0.00 ? 198 UNK A C   1 
ATOM 795  O O   . UNK A 1 199 ? 7.072   -15.219 -7.001  1.00 0.00 ? 198 UNK A O   1 
ATOM 796  N N   . UNK A 1 200 ? 5.873   -13.296 -7.092  1.00 0.00 ? 199 UNK A N   1 
ATOM 797  C CA  . UNK A 1 200 ? 7.041   -12.456 -7.365  1.00 0.00 ? 199 UNK A CA  1 
ATOM 798  C C   . UNK A 1 200 ? 8.232   -12.790 -6.455  1.00 0.00 ? 199 UNK A C   1 
ATOM 799  O O   . UNK A 1 200 ? 9.343   -13.031 -6.933  1.00 0.00 ? 199 UNK A O   1 
ATOM 800  N N   . UNK A 1 201 ? 7.969   -12.728 -5.152  1.00 0.00 ? 200 UNK A N   1 
ATOM 801  C CA  . UNK A 1 201 ? 9.035   -12.910 -4.170  1.00 0.00 ? 200 UNK A CA  1 
ATOM 802  C C   . UNK A 1 201 ? 9.680   -14.301 -4.218  1.00 0.00 ? 200 UNK A C   1 
ATOM 803  O O   . UNK A 1 201 ? 10.911  -14.407 -4.213  1.00 0.00 ? 200 UNK A O   1 
ATOM 804  N N   . UNK A 1 202 ? 8.846   -15.334 -4.283  1.00 0.00 ? 201 UNK A N   1 
ATOM 805  C CA  . UNK A 1 202 ? 9.342   -16.713 -4.336  1.00 0.00 ? 201 UNK A CA  1 
ATOM 806  C C   . UNK A 1 202 ? 10.100  -17.031 -5.637  1.00 0.00 ? 201 UNK A C   1 
ATOM 807  O O   . UNK A 1 202 ? 11.261  -17.446 -5.596  1.00 0.00 ? 201 UNK A O   1 
ATOM 808  N N   . UNK A 1 203 ? 9.416   -16.808 -6.754  1.00 0.00 ? 202 UNK A N   1 
ATOM 809  C CA  . UNK A 1 203 ? 10.000  -17.073 -8.076  1.00 0.00 ? 202 UNK A CA  1 
ATOM 810  C C   . UNK A 1 203 ? 10.146  -15.778 -8.899  1.00 0.00 ? 202 UNK A C   1 
ATOM 811  O O   . UNK A 1 203 ? 9.676   -14.718 -8.493  1.00 0.00 ? 202 UNK A O   1 
ATOM 812  N N   . UNK A 1 204 ? 10.786  -15.943 -10.053 1.00 0.00 ? 203 UNK A N   1 
ATOM 813  C CA  . UNK A 1 204 ? 11.026  -14.821 -10.965 1.00 0.00 ? 203 UNK A CA  1 
ATOM 814  C C   . UNK A 1 204 ? 12.528  -14.635 -11.249 1.00 0.00 ? 203 UNK A C   1 
ATOM 815  O O   . UNK A 1 204 ? 13.017  -13.508 -11.343 1.00 0.00 ? 203 UNK A O   1 
ATOM 816  N N   . UNK A 1 205 ? 13.215  -15.766 -11.376 1.00 0.00 ? 204 UNK A N   1 
ATOM 817  C CA  . UNK A 1 205 ? 14.660  -15.749 -11.624 1.00 0.00 ? 204 UNK A CA  1 
ATOM 818  C C   . UNK A 1 205 ? 15.157  -14.382 -12.101 1.00 0.00 ? 204 UNK A C   1 
ATOM 819  O O   . UNK A 1 205 ? 16.122  -13.833 -11.560 1.00 0.00 ? 204 UNK A O   1 
ATOM 820  N N   . UNK A 1 206 ? 14.440  -13.804 -13.067 1.00 0.00 ? 205 UNK A N   1 
ATOM 821  C CA  . UNK A 1 206 ? 14.808  -12.433 -13.475 1.00 0.00 ? 205 UNK A CA  1 
ATOM 822  C C   . UNK A 1 206 ? 14.226  -11.434 -12.451 1.00 0.00 ? 205 UNK A C   1 
ATOM 823  O O   . UNK A 1 206 ? 13.054  -11.066 -12.544 1.00 0.00 ? 205 UNK A O   1 
ATOM 824  N N   . UNK A 1 207 ? 15.078  -11.033 -11.514 1.00 0.00 ? 206 UNK A N   1 
ATOM 825  C CA  . UNK A 1 207 ? 14.658  -10.154 -10.416 1.00 0.00 ? 206 UNK A CA  1 
ATOM 826  C C   . UNK A 1 207 ? 15.395  -8.812  -10.317 1.00 0.00 ? 206 UNK A C   1 
ATOM 827  O O   . UNK A 1 207 ? 16.597  -8.779  -10.038 1.00 0.00 ? 206 UNK A O   1 
ATOM 828  N N   . UNK A 1 208 ? 14.657  -7.716  -10.520 1.00 0.00 ? 207 UNK A N   1 
ATOM 829  C CA  . UNK A 1 208 ? 15.252  -6.381  -10.414 1.00 0.00 ? 207 UNK A CA  1 
ATOM 830  C C   . UNK A 1 208 ? 14.450  -5.328  -9.629  1.00 0.00 ? 207 UNK A C   1 
ATOM 831  O O   . UNK A 1 208 ? 13.952  -4.374  -10.245 1.00 0.00 ? 207 UNK A O   1 
ATOM 832  N N   . UNK A 1 209 ? 14.413  -5.430  -8.307  1.00 0.00 ? 208 UNK A N   1 
ATOM 833  C CA  . UNK A 1 209 ? 13.725  -4.474  -7.436  1.00 0.00 ? 208 UNK A CA  1 
ATOM 834  C C   . UNK A 1 209 ? 14.300  -3.053  -7.359  1.00 0.00 ? 208 UNK A C   1 
ATOM 835  O O   . UNK A 1 209 ? 15.419  -2.849  -6.880  1.00 0.00 ? 208 UNK A O   1 
ATOM 836  N N   . UNK A 1 210 ? 13.529  -2.068  -7.830  1.00 0.00 ? 209 UNK A N   1 
ATOM 837  C CA  . UNK A 1 210 ? 13.996  -0.671  -7.695  1.00 0.00 ? 209 UNK A CA  1 
ATOM 838  C C   . UNK A 1 210 ? 13.341  -0.036  -6.446  1.00 0.00 ? 209 UNK A C   1 
ATOM 839  O O   . UNK A 1 210 ? 12.197  0.416   -6.496  1.00 0.00 ? 209 UNK A O   1 
ATOM 840  N N   . UNK A 1 211 ? 14.081  -0.137  -5.351  1.00 0.00 ? 210 UNK A N   1 
ATOM 841  C CA  . UNK A 1 211 ? 13.654  0.406   -4.051  1.00 0.00 ? 210 UNK A CA  1 
ATOM 842  C C   . UNK A 1 211 ? 14.117  1.876   -3.972  1.00 0.00 ? 210 UNK A C   1 
ATOM 843  O O   . UNK A 1 211 ? 15.259  2.190   -4.314  1.00 0.00 ? 210 UNK A O   1 
ATOM 844  N N   . UNK A 1 212 ? 13.202  2.756   -3.566  1.00 0.00 ? 211 UNK A N   1 
ATOM 845  C CA  . UNK A 1 212 ? 13.581  4.182   -3.550  1.00 0.00 ? 211 UNK A CA  1 
ATOM 846  C C   . UNK A 1 212 ? 13.043  4.887   -2.295  1.00 0.00 ? 211 UNK A C   1 
ATOM 847  O O   . UNK A 1 212 ? 12.032  4.482   -1.724  1.00 0.00 ? 211 UNK A O   1 
ATOM 848  N N   . UNK A 1 213 ? 13.781  5.919   -1.899  1.00 0.00 ? 212 UNK A N   1 
ATOM 849  C CA  . UNK A 1 213 ? 13.432  6.656   -0.674  1.00 0.00 ? 212 UNK A CA  1 
ATOM 850  C C   . UNK A 1 213 ? 14.258  7.957   -0.621  1.00 0.00 ? 212 UNK A C   1 
ATOM 851  O O   . UNK A 1 213 ? 15.296  8.063   -1.273  1.00 0.00 ? 212 UNK A O   1 
ATOM 852  N N   . UNK A 1 214 ? 13.735  8.904   0.148   1.00 0.00 ? 213 UNK A N   1 
ATOM 853  C CA  . UNK A 1 214 ? 14.488  10.137  0.426   1.00 0.00 ? 213 UNK A CA  1 
ATOM 854  C C   . UNK A 1 214 ? 15.000  10.045  1.884   1.00 0.00 ? 213 UNK A C   1 
ATOM 855  O O   . UNK A 1 214 ? 15.536  11.003  2.432   1.00 0.00 ? 213 UNK A O   1 
ATOM 856  N N   . UNK A 1 215 ? 14.789  8.856   2.436   1.00 0.00 ? 214 UNK A N   1 
ATOM 857  C CA  . UNK A 1 215 ? 15.231  8.546   3.799   1.00 0.00 ? 214 UNK A CA  1 
ATOM 858  C C   . UNK A 1 215 ? 15.658  7.067   3.864   1.00 0.00 ? 214 UNK A C   1 
ATOM 859  O O   . UNK A 1 215 ? 14.840  6.153   3.797   1.00 0.00 ? 214 UNK A O   1 
ATOM 860  N N   . UNK A 1 216 ? 16.975  6.918   3.964   1.00 0.00 ? 215 UNK A N   1 
ATOM 861  C CA  . UNK A 1 216 ? 17.564  5.579   4.055   1.00 0.00 ? 215 UNK A CA  1 
ATOM 862  C C   . UNK A 1 216 ? 17.721  5.196   5.539   1.00 0.00 ? 215 UNK A C   1 
ATOM 863  O O   . UNK A 1 216 ? 18.791  5.343   6.126   1.00 0.00 ? 215 UNK A O   1 
ATOM 864  N N   . UNK A 1 217 ? 16.613  4.683   6.060   1.00 0.00 ? 216 UNK A N   1 
ATOM 865  C CA  . UNK A 1 217 ? 16.548  4.245   7.459   1.00 0.00 ? 216 UNK A CA  1 
ATOM 866  C C   . UNK A 1 217 ? 16.057  2.781   7.504   1.00 0.00 ? 216 UNK A C   1 
ATOM 867  O O   . UNK A 1 217 ? 16.870  1.860   7.558   1.00 0.00 ? 216 UNK A O   1 
ATOM 868  N N   . UNK A 1 218 ? 14.739  2.659   7.441   1.00 0.00 ? 217 UNK A N   1 
ATOM 869  C CA  . UNK A 1 218 ? 14.050  1.370   7.503   1.00 0.00 ? 217 UNK A CA  1 
ATOM 870  C C   . UNK A 1 218 ? 14.382  0.495   6.280   1.00 0.00 ? 217 UNK A C   1 
ATOM 871  O O   . UNK A 1 218 ? 14.508  -0.723  6.400   1.00 0.00 ? 217 UNK A O   1 
ATOM 872  N N   . UNK A 1 219 ? 14.563  1.185   5.162   1.00 0.00 ? 218 UNK A N   1 
ATOM 873  C CA  . UNK A 1 219 ? 14.947  0.537   3.904   1.00 0.00 ? 218 UNK A CA  1 
ATOM 874  C C   . UNK A 1 219 ? 16.058  -0.499  4.141   1.00 0.00 ? 218 UNK A C   1 
ATOM 875  O O   . UNK A 1 219 ? 16.262  -1.411  3.342   1.00 0.00 ? 218 UNK A O   1 
ATOM 876  N N   . UNK A 1 220 ? 16.731  -0.310  5.273   1.00 0.00 ? 219 UNK A N   1 
ATOM 877  C CA  . UNK A 1 220 ? 17.839  -1.213  5.619   1.00 0.00 ? 219 UNK A CA  1 
ATOM 878  C C   . UNK A 1 220 ? 17.357  -2.672  5.513   1.00 0.00 ? 219 UNK A C   1 
ATOM 879  O O   . UNK A 1 220 ? 17.822  -3.434  4.667   1.00 0.00 ? 219 UNK A O   1 
ATOM 880  N N   . UNK A 1 221 ? 16.421  -2.992  6.401   1.00 0.00 ? 220 UNK A N   1 
ATOM 881  C CA  . UNK A 1 221 ? 15.865  -4.348  6.446   1.00 0.00 ? 220 UNK A CA  1 
ATOM 882  C C   . UNK A 1 221 ? 15.473  -4.834  5.038   1.00 0.00 ? 220 UNK A C   1 
ATOM 883  O O   . UNK A 1 221 ? 15.847  -5.933  4.630   1.00 0.00 ? 220 UNK A O   1 
ATOM 884  N N   . UNK A 1 222 ? 14.722  -3.976  4.357   1.00 0.00 ? 221 UNK A N   1 
ATOM 885  C CA  . UNK A 1 222 ? 14.241  -4.276  3.003   1.00 0.00 ? 221 UNK A CA  1 
ATOM 886  C C   . UNK A 1 222 ? 15.414  -4.655  2.084   1.00 0.00 ? 221 UNK A C   1 
ATOM 887  O O   . UNK A 1 222 ? 15.493  -5.778  1.585   1.00 0.00 ? 221 UNK A O   1 
ATOM 888  N N   . UNK A 1 223 ? 16.320  -3.692  1.929   1.00 0.00 ? 222 UNK A N   1 
ATOM 889  C CA  . UNK A 1 223 ? 17.530  -3.964  1.134   1.00 0.00 ? 222 UNK A CA  1 
ATOM 890  C C   . UNK A 1 223 ? 18.066  -5.365  1.488   1.00 0.00 ? 222 UNK A C   1 
ATOM 891  O O   . UNK A 1 223 ? 18.107  -6.258  0.644   1.00 0.00 ? 222 UNK A O   1 
ATOM 892  N N   . UNK A 1 224 ? 18.431  -5.492  2.761   1.00 0.00 ? 223 UNK A N   1 
ATOM 893  C CA  . UNK A 1 224 ? 18.988  -6.756  3.256   1.00 0.00 ? 223 UNK A CA  1 
ATOM 894  C C   . UNK A 1 224 ? 18.158  -7.947  2.747   1.00 0.00 ? 223 UNK A C   1 
ATOM 895  O O   . UNK A 1 224 ? 18.661  -8.787  2.000   1.00 0.00 ? 223 UNK A O   1 
ATOM 896  N N   . UNK A 1 225 ? 16.899  -7.960  3.171   1.00 0.00 ? 224 UNK A N   1 
ATOM 897  C CA  . UNK A 1 225 ? 15.995  -9.058  2.798   1.00 0.00 ? 224 UNK A CA  1 
ATOM 898  C C   . UNK A 1 225 ? 16.142  -9.379  1.297   1.00 0.00 ? 224 UNK A C   1 
ATOM 899  O O   . UNK A 1 225 ? 16.592  -10.461 0.926   1.00 0.00 ? 224 UNK A O   1 
ATOM 900  N N   . UNK A 1 226 ? 15.798  -8.372  0.505   1.00 0.00 ? 225 UNK A N   1 
ATOM 901  C CA  . UNK A 1 226 ? 15.888  -8.473  -0.955  1.00 0.00 ? 225 UNK A CA  1 
ATOM 902  C C   . UNK A 1 226 ? 17.233  -9.095  -1.374  1.00 0.00 ? 225 UNK A C   1 
ATOM 903  O O   . UNK A 1 226 ? 17.272  -10.157 -1.991  1.00 0.00 ? 225 UNK A O   1 
ATOM 904  N N   . UNK A 1 227 ? 18.284  -8.384  -0.985  1.00 0.00 ? 226 UNK A N   1 
ATOM 905  C CA  . UNK A 1 227 ? 19.656  -8.823  -1.253  1.00 0.00 ? 226 UNK A CA  1 
ATOM 906  C C   . UNK A 1 227 ? 19.795  -10.345 -1.072  1.00 0.00 ? 226 UNK A C   1 
ATOM 907  O O   . UNK A 1 227 ? 20.142  -11.058 -2.014  1.00 0.00 ? 226 UNK A O   1 
ATOM 908  N N   . UNK A 1 228 ? 19.487  -10.783 0.143   1.00 0.00 ? 227 UNK A N   1 
ATOM 909  C CA  . UNK A 1 228 ? 19.572  -12.217 0.478   1.00 0.00 ? 227 UNK A CA  1 
ATOM 910  C C   . UNK A 1 228 ? 19.295  -13.047 -0.794  1.00 0.00 ? 227 UNK A C   1 
ATOM 911  O O   . UNK A 1 228 ? 20.205  -13.471 -1.497  1.00 0.00 ? 227 UNK A O   1 
ATOM 912  N N   . UNK A 1 229 ? 17.992  -13.168 -1.032  1.00 0.00 ? 228 UNK A N   1 
ATOM 913  C CA  . UNK A 1 229 ? 17.518  -13.902 -2.216  1.00 0.00 ? 228 UNK A CA  1 
ATOM 914  C C   . UNK A 1 229 ? 18.623  -13.829 -3.291  1.00 0.00 ? 228 UNK A C   1 
ATOM 915  O O   . UNK A 1 229 ? 19.313  -14.807 -3.559  1.00 0.00 ? 228 UNK A O   1 
ATOM 916  N N   . UNK A 1 230 ? 18.746  -12.611 -3.801  1.00 0.00 ? 229 UNK A N   1 
ATOM 917  C CA  . UNK A 1 230 ? 19.762  -12.290 -4.808  1.00 0.00 ? 229 UNK A CA  1 
ATOM 918  C C   . UNK A 1 230 ? 19.132  -11.339 -5.854  1.00 0.00 ? 229 UNK A C   1 
ATOM 919  O O   . UNK A 1 230 ? 18.152  -10.663 -5.542  1.00 0.00 ? 229 UNK A O   1 
ATOM 920  N N   . UNK A 1 231 ? 19.745  -11.347 -7.025  1.00 0.00 ? 230 UNK A N   1 
ATOM 921  C CA  . UNK A 1 231 ? 19.276  -10.602 -8.198  1.00 0.00 ? 230 UNK A CA  1 
ATOM 922  C C   . UNK A 1 231 ? 19.948  -9.223  -8.269  1.00 0.00 ? 230 UNK A C   1 
ATOM 923  O O   . UNK A 1 231 ? 21.074  -9.058  -7.798  1.00 0.00 ? 230 UNK A O   1 
ATOM 924  N N   . UNK A 1 232 ? 19.190  -8.250  -8.774  1.00 0.00 ? 231 UNK A N   1 
ATOM 925  C CA  . UNK A 1 232 ? 19.730  -6.891  -8.870  1.00 0.00 ? 231 UNK A CA  1 
ATOM 926  C C   . UNK A 1 232 ? 18.817  -5.850  -8.202  1.00 0.00 ? 231 UNK A C   1 
ATOM 927  O O   . UNK A 1 232 ? 17.599  -5.860  -8.371  1.00 0.00 ? 231 UNK A O   1 
ATOM 928  N N   . UNK A 1 233 ? 19.486  -4.925  -7.517  1.00 0.00 ? 232 UNK A N   1 
ATOM 929  C CA  . UNK A 1 233 ? 18.779  -3.809  -6.883  1.00 0.00 ? 232 UNK A CA  1 
ATOM 930  C C   . UNK A 1 233 ? 19.144  -2.459  -7.524  1.00 0.00 ? 232 UNK A C   1 
ATOM 931  O O   . UNK A 1 233 ? 20.303  -2.187  -7.838  1.00 0.00 ? 232 UNK A O   1 
ATOM 932  N N   . UNK A 1 234 ? 18.118  -1.621  -7.648  1.00 0.00 ? 233 UNK A N   1 
ATOM 933  C CA  . UNK A 1 234 ? 18.329  -0.288  -8.243  1.00 0.00 ? 233 UNK A CA  1 
ATOM 934  C C   . UNK A 1 234 ? 17.855  0.796   -7.261  1.00 0.00 ? 233 UNK A C   1 
ATOM 935  O O   . UNK A 1 234 ? 16.771  0.683   -6.685  1.00 0.00 ? 233 UNK A O   1 
ATOM 936  N N   . UNK A 1 235 ? 18.748  1.751   -7.004  1.00 0.00 ? 234 UNK A N   1 
ATOM 937  C CA  . UNK A 1 235 ? 18.504  2.695   -5.909  1.00 0.00 ? 234 UNK A CA  1 
ATOM 938  C C   . UNK A 1 235 ? 18.420  4.166   -6.344  1.00 0.00 ? 234 UNK A C   1 
ATOM 939  O O   . UNK A 1 235 ? 18.916  4.557   -7.398  1.00 0.00 ? 234 UNK A O   1 
ATOM 940  N N   . UNK A 1 236 ? 17.787  4.941   -5.461  1.00 0.00 ? 235 UNK A N   1 
ATOM 941  C CA  . UNK A 1 236 ? 17.650  6.383   -5.676  1.00 0.00 ? 235 UNK A CA  1 
ATOM 942  C C   . UNK A 1 236 ? 17.589  7.176   -4.357  1.00 0.00 ? 235 UNK A C   1 
ATOM 943  O O   . UNK A 1 236 ? 17.012  6.723   -3.370  1.00 0.00 ? 235 UNK A O   1 
ATOM 944  N N   . UNK A 1 237 ? 18.193  8.357   -4.419  1.00 0.00 ? 236 UNK A N   1 
ATOM 945  C CA  . UNK A 1 237 ? 18.207  9.293   -3.286  1.00 0.00 ? 236 UNK A CA  1 
ATOM 946  C C   . UNK A 1 237 ? 19.152  8.754   -2.202  1.00 0.00 ? 236 UNK A C   1 
ATOM 947  O O   . UNK A 1 237 ? 20.307  9.154   -2.086  1.00 0.00 ? 236 UNK A O   1 
ATOM 948  N N   . UNK A 1 238 ? 18.613  7.757   -1.495  1.00 0.00 ? 237 UNK A N   1 
ATOM 949  C CA  . UNK A 1 238 ? 19.558  6.959   -0.674  1.00 0.00 ? 237 UNK A CA  1 
ATOM 950  C C   . UNK A 1 238 ? 20.710  6.653   -1.668  1.00 0.00 ? 237 UNK A C   1 
ATOM 951  O O   . UNK A 1 238 ? 21.883  6.700   -1.325  1.00 0.00 ? 237 UNK A O   1 
ATOM 952  N N   . UNK A 1 239 ? 20.267  6.437   -2.906  1.00 0.00 ? 238 UNK A N   1 
ATOM 953  C CA  . UNK A 1 239 ? 21.217  6.244   -4.010  1.00 0.00 ? 238 UNK A CA  1 
ATOM 954  C C   . UNK A 1 239 ? 22.271  7.369   -3.983  1.00 0.00 ? 238 UNK A C   1 
ATOM 955  O O   . UNK A 1 239 ? 23.471  7.101   -3.971  1.00 0.00 ? 238 UNK A O   1 
ATOM 956  N N   . UNK A 1 240 ? 21.799  8.625   -4.015  1.00 0.00 ? 239 UNK A N   1 
ATOM 957  C CA  . UNK A 1 240 ? 22.719  9.776   -3.920  1.00 0.00 ? 239 UNK A CA  1 
ATOM 958  C C   . UNK A 1 240 ? 23.668  9.518   -2.729  1.00 0.00 ? 239 UNK A C   1 
ATOM 959  O O   . UNK A 1 240 ? 24.882  9.443   -2.893  1.00 0.00 ? 239 UNK A O   1 
ATOM 960  N N   . UNK A 1 241 ? 23.028  9.335   -1.578  1.00 0.00 ? 240 UNK A N   1 
ATOM 961  C CA  . UNK A 1 241 ? 23.772  9.088   -0.338  1.00 0.00 ? 240 UNK A CA  1 
ATOM 962  C C   . UNK A 1 241 ? 24.872  8.036   -0.569  1.00 0.00 ? 240 UNK A C   1 
ATOM 963  O O   . UNK A 1 241 ? 26.048  8.286   -0.313  1.00 0.00 ? 240 UNK A O   1 
ATOM 964  N N   . UNK A 1 242 ? 24.414  6.888   -1.057  1.00 0.00 ? 241 UNK A N   1 
ATOM 965  C CA  . UNK A 1 242 ? 25.322  5.762   -1.304  1.00 0.00 ? 241 UNK A CA  1 
ATOM 966  C C   . UNK A 1 242 ? 26.488  6.209   -2.204  1.00 0.00 ? 241 UNK A C   1 
ATOM 967  O O   . UNK A 1 242 ? 27.628  6.316   -1.760  1.00 0.00 ? 241 UNK A O   1 
ATOM 968  N N   . UNK A 1 243 ? 26.132  6.442   -3.465  1.00 0.00 ? 242 UNK A N   1 
ATOM 969  C CA  . UNK A 1 243 ? 27.144  6.893   -4.431  1.00 0.00 ? 242 UNK A CA  1 
ATOM 970  C C   . UNK A 1 243 ? 28.179  7.776   -3.704  1.00 0.00 ? 242 UNK A C   1 
ATOM 971  O O   . UNK A 1 243 ? 29.379  7.516   -3.748  1.00 0.00 ? 242 UNK A O   1 
ATOM 972  N N   . UNK A 1 244 ? 27.639  8.810   -3.069  1.00 0.00 ? 243 UNK A N   1 
ATOM 973  C CA  . UNK A 1 244 ? 28.482  9.731   -2.298  1.00 0.00 ? 243 UNK A CA  1 
ATOM 974  C C   . UNK A 1 244 ? 29.455  8.951   -1.395  1.00 0.00 ? 243 UNK A C   1 
ATOM 975  O O   . UNK A 1 244 ? 30.639  8.825   -1.706  1.00 0.00 ? 243 UNK A O   1 
ATOM 976  N N   . UNK A 1 245 ? 28.912  8.489   -0.274  1.00 0.00 ? 244 UNK A N   1 
ATOM 977  C CA  . UNK A 1 245 ? 29.739  7.781   0.713   1.00 0.00 ? 244 UNK A CA  1 
ATOM 978  C C   . UNK A 1 245 ? 30.743  6.842   0.016   1.00 0.00 ? 244 UNK A C   1 
ATOM 979  O O   . UNK A 1 245 ? 31.915  6.792   0.387   1.00 0.00 ? 244 UNK A O   1 
ATOM 980  N N   . UNK A 1 246 ? 30.228  6.132   -0.980  1.00 0.00 ? 245 UNK A N   1 
ATOM 981  C CA  . UNK A 1 246 ? 31.002  5.129   -1.701  1.00 0.00 ? 245 UNK A CA  1 
ATOM 982  C C   . UNK A 1 246 ? 32.174  5.673   -2.525  1.00 0.00 ? 245 UNK A C   1 
ATOM 983  O O   . UNK A 1 246 ? 33.323  5.266   -2.338  1.00 0.00 ? 245 UNK A O   1 
ATOM 984  N N   . UNK A 1 247 ? 31.837  6.556   -3.461  1.00 0.00 ? 246 UNK A N   1 
ATOM 985  C CA  . UNK A 1 247 ? 32.838  7.040   -4.415  1.00 0.00 ? 246 UNK A CA  1 
ATOM 986  C C   . UNK A 1 247 ? 33.759  8.121   -3.840  1.00 0.00 ? 246 UNK A C   1 
ATOM 987  O O   . UNK A 1 247 ? 34.906  8.272   -4.267  1.00 0.00 ? 246 UNK A O   1 
ATOM 988  N N   . UNK A 1 248 ? 33.202  8.898   -2.914  1.00 0.00 ? 247 UNK A N   1 
ATOM 989  C CA  . UNK A 1 248 ? 33.993  10.033  -2.392  1.00 0.00 ? 247 UNK A CA  1 
ATOM 990  C C   . UNK A 1 248 ? 33.659  11.247  -3.288  1.00 0.00 ? 247 UNK A C   1 
ATOM 991  O O   . UNK A 1 248 ? 34.496  11.729  -4.046  1.00 0.00 ? 247 UNK A O   1 
ATOM 992  N N   . UNK A 1 249 ? 32.400  11.657  -3.168  1.00 0.00 ? 248 UNK A N   1 
ATOM 993  C CA  . UNK A 1 249 ? 31.899  12.773  -3.984  1.00 0.00 ? 248 UNK A CA  1 
ATOM 994  C C   . UNK A 1 249 ? 31.009  13.687  -3.120  1.00 0.00 ? 248 UNK A C   1 
ATOM 995  O O   . UNK A 1 249 ? 30.597  13.307  -2.025  1.00 0.00 ? 248 UNK A O   1 
ATOM 996  N N   . UNK A 1 250 ? 30.738  14.867  -3.672  1.00 0.00 ? 249 UNK A N   1 
ATOM 997  C CA  . UNK A 1 250 ? 29.928  15.840  -2.924  1.00 0.00 ? 249 UNK A CA  1 
ATOM 998  C C   . UNK A 1 250 ? 28.608  16.137  -3.657  1.00 0.00 ? 249 UNK A C   1 
ATOM 999  O O   . UNK A 1 250 ? 28.598  16.749  -4.723  1.00 0.00 ? 249 UNK A O   1 
ATOM 1000 N N   . UNK A 1 251 ? 27.533  15.684  -3.021  1.00 0.00 ? 250 UNK A N   1 
ATOM 1001 C CA  . UNK A 1 251 ? 26.185  15.913  -3.565  1.00 0.00 ? 250 UNK A CA  1 
ATOM 1002 C C   . UNK A 1 251 ? 25.488  16.992  -2.710  1.00 0.00 ? 250 UNK A C   1 
ATOM 1003 O O   . UNK A 1 251 ? 25.246  16.783  -1.523  1.00 0.00 ? 250 UNK A O   1 
ATOM 1004 N N   . UNK A 1 252 ? 25.223  18.115  -3.368  1.00 0.00 ? 251 UNK A N   1 
ATOM 1005 C CA  . UNK A 1 252 ? 24.660  19.275  -2.675  1.00 0.00 ? 251 UNK A CA  1 
ATOM 1006 C C   . UNK A 1 252 ? 23.126  19.303  -2.729  1.00 0.00 ? 251 UNK A C   1 
ATOM 1007 O O   . UNK A 1 252 ? 22.535  20.124  -3.432  1.00 0.00 ? 251 UNK A O   1 
ATOM 1008 N N   . UNK A 1 253 ? 22.525  18.425  -1.927  1.00 0.00 ? 252 UNK A N   1 
ATOM 1009 C CA  . UNK A 1 253 ? 21.057  18.376  -1.873  1.00 0.00 ? 252 UNK A CA  1 
ATOM 1010 C C   . UNK A 1 253 ? 20.586  17.555  -0.660  1.00 0.00 ? 252 UNK A C   1 
ATOM 1011 O O   . UNK A 1 253 ? 20.481  18.072  0.452   1.00 0.00 ? 252 UNK A O   1 
ATOM 1012 N N   . UNK A 1 254 ? 20.325  16.276  -0.925  1.00 0.00 ? 253 UNK A N   1 
ATOM 1013 C CA  . UNK A 1 254 ? 19.840  15.393  0.140   1.00 0.00 ? 253 UNK A CA  1 
ATOM 1014 C C   . UNK A 1 254 ? 20.919  14.406  0.613   1.00 0.00 ? 253 UNK A C   1 
ATOM 1015 O O   . UNK A 1 254 ? 21.551  13.714  -0.184  1.00 0.00 ? 253 UNK A O   1 
ATOM 1016 N N   . UNK A 1 255 ? 21.084  14.400  1.932   1.00 0.00 ? 254 UNK A N   1 
ATOM 1017 C CA  . UNK A 1 255 ? 22.054  13.500  2.570   1.00 0.00 ? 254 UNK A CA  1 
ATOM 1018 C C   . UNK A 1 255 ? 21.395  12.802  3.778   1.00 0.00 ? 254 UNK A C   1 
ATOM 1019 O O   . UNK A 1 255 ? 20.348  13.233  4.258   1.00 0.00 ? 254 UNK A O   1 
ATOM 1020 N N   . UNK A 1 256 ? 22.049  11.728  4.202   1.00 0.00 ? 255 UNK A N   1 
ATOM 1021 C CA  . UNK A 1 256 ? 21.596  10.964  5.372   1.00 0.00 ? 255 UNK A CA  1 
ATOM 1022 C C   . UNK A 1 256 ? 22.823  10.574  6.217   1.00 0.00 ? 255 UNK A C   1 
ATOM 1023 O O   . UNK A 1 256 ? 23.926  10.402  5.698   1.00 0.00 ? 255 UNK A O   1 
ATOM 1024 N N   . UNK A 1 257 ? 22.586  10.506  7.522   1.00 0.00 ? 256 UNK A N   1 
ATOM 1025 C CA  . UNK A 1 257 ? 23.674  10.083  8.435   1.00 0.00 ? 256 UNK A CA  1 
ATOM 1026 C C   . UNK A 1 257 ? 23.394  8.575   8.669   1.00 0.00 ? 256 UNK A C   1 
ATOM 1027 O O   . UNK A 1 257 ? 22.987  8.172   9.752   1.00 0.00 ? 256 UNK A O   1 
ATOM 1028 N N   . UNK A 1 258 ? 23.523  7.865   7.557   1.00 0.00 ? 257 UNK A N   1 
ATOM 1029 C CA  . UNK A 1 258 ? 23.255  6.423   7.510   1.00 0.00 ? 257 UNK A CA  1 
ATOM 1030 C C   . UNK A 1 258 ? 24.267  5.782   6.532   1.00 0.00 ? 257 UNK A C   1 
ATOM 1031 O O   . UNK A 1 258 ? 23.986  4.765   5.905   1.00 0.00 ? 257 UNK A O   1 
ATOM 1032 N N   . UNK A 1 259 ? 25.412  6.449   6.458   1.00 0.00 ? 258 UNK A N   1 
ATOM 1033 C CA  . UNK A 1 259 ? 26.493  6.040   5.560   1.00 0.00 ? 258 UNK A CA  1 
ATOM 1034 C C   . UNK A 1 259 ? 26.793  4.537   5.678   1.00 0.00 ? 258 UNK A C   1 
ATOM 1035 O O   . UNK A 1 259 ? 26.750  3.803   4.692   1.00 0.00 ? 258 UNK A O   1 
ATOM 1036 N N   . UNK A 1 260 ? 27.116  4.150   6.908   1.00 0.00 ? 259 UNK A N   1 
ATOM 1037 C CA  . UNK A 1 260 ? 27.496  2.758   7.174   1.00 0.00 ? 259 UNK A CA  1 
ATOM 1038 C C   . UNK A 1 260 ? 26.521  1.782   6.495   1.00 0.00 ? 259 UNK A C   1 
ATOM 1039 O O   . UNK A 1 260 ? 26.919  0.712   6.032   1.00 0.00 ? 259 UNK A O   1 
ATOM 1040 N N   . UNK A 1 261 ? 25.251  2.182   6.486   1.00 0.00 ? 260 UNK A N   1 
ATOM 1041 C CA  . UNK A 1 261 ? 24.225  1.301   5.898   1.00 0.00 ? 260 UNK A CA  1 
ATOM 1042 C C   . UNK A 1 261 ? 24.740  0.773   4.543   1.00 0.00 ? 260 UNK A C   1 
ATOM 1043 O O   . UNK A 1 261 ? 24.975  -0.421  4.373   1.00 0.00 ? 260 UNK A O   1 
ATOM 1044 N N   . UNK A 1 262 ? 24.929  1.730   3.643   1.00 0.00 ? 261 UNK A N   1 
ATOM 1045 C CA  . UNK A 1 262 ? 25.434  1.435   2.302   1.00 0.00 ? 261 UNK A CA  1 
ATOM 1046 C C   . UNK A 1 262 ? 26.475  0.307   2.294   1.00 0.00 ? 261 UNK A C   1 
ATOM 1047 O O   . UNK A 1 262 ? 26.222  -0.786  1.786   1.00 0.00 ? 261 UNK A O   1 
ATOM 1048 N N   . UNK A 1 263 ? 27.653  0.646   2.811   1.00 0.00 ? 262 UNK A N   1 
ATOM 1049 C CA  . UNK A 1 263 ? 28.773  -0.303  2.796   1.00 0.00 ? 262 UNK A CA  1 
ATOM 1050 C C   . UNK A 1 263 ? 28.284  -1.725  3.124   1.00 0.00 ? 262 UNK A C   1 
ATOM 1051 O O   . UNK A 1 263 ? 28.487  -2.654  2.343   1.00 0.00 ? 262 UNK A O   1 
ATOM 1052 N N   . UNK A 1 264 ? 27.651  -1.832  4.287   1.00 0.00 ? 263 UNK A N   1 
ATOM 1053 C CA  . UNK A 1 264 ? 27.154  -3.131  4.760   1.00 0.00 ? 263 UNK A CA  1 
ATOM 1054 C C   . UNK A 1 264 ? 26.336  -3.832  3.660   1.00 0.00 ? 263 UNK A C   1 
ATOM 1055 O O   . UNK A 1 264 ? 26.711  -4.897  3.173   1.00 0.00 ? 263 UNK A O   1 
ATOM 1056 N N   . UNK A 1 265 ? 25.246  -3.164  3.294   1.00 0.00 ? 264 UNK A N   1 
ATOM 1057 C CA  . UNK A 1 265 ? 24.370  -3.703  2.244   1.00 0.00 ? 264 UNK A CA  1 
ATOM 1058 C C   . UNK A 1 265 ? 25.221  -4.112  1.029   1.00 0.00 ? 264 UNK A C   1 
ATOM 1059 O O   . UNK A 1 265 ? 25.153  -5.244  0.556   1.00 0.00 ? 264 UNK A O   1 
ATOM 1060 N N   . UNK A 1 266 ? 26.030  -3.147  0.601   1.00 0.00 ? 265 UNK A N   1 
ATOM 1061 C CA  . UNK A 1 266 ? 26.952  -3.405  -0.514  1.00 0.00 ? 265 UNK A CA  1 
ATOM 1062 C C   . UNK A 1 266 ? 27.709  -4.725  -0.273  1.00 0.00 ? 265 UNK A C   1 
ATOM 1063 O O   . UNK A 1 266 ? 27.608  -5.665  -1.059  1.00 0.00 ? 265 UNK A O   1 
ATOM 1064 N N   . UNK A 1 267 ? 28.469  -4.716  0.818   1.00 0.00 ? 266 UNK A N   1 
ATOM 1065 C CA  . UNK A 1 267 ? 29.289  -5.888  1.152   1.00 0.00 ? 266 UNK A CA  1 
ATOM 1066 C C   . UNK A 1 267 ? 28.428  -7.162  1.112   1.00 0.00 ? 266 UNK A C   1 
ATOM 1067 O O   . UNK A 1 267 ? 28.713  -8.099  0.366   1.00 0.00 ? 266 UNK A O   1 
ATOM 1068 N N   . UNK A 1 268 ? 27.388  -7.144  1.944   1.00 0.00 ? 267 UNK A N   1 
ATOM 1069 C CA  . UNK A 1 268 ? 26.504  -8.319  2.013   1.00 0.00 ? 267 UNK A CA  1 
ATOM 1070 C C   . UNK A 1 268 ? 26.166  -8.792  0.586   1.00 0.00 ? 267 UNK A C   1 
ATOM 1071 O O   . UNK A 1 268 ? 26.522  -9.899  0.186   1.00 0.00 ? 267 UNK A O   1 
ATOM 1072 N N   . UNK A 1 269 ? 25.487  -7.902  -0.131  1.00 0.00 ? 268 UNK A N   1 
ATOM 1073 C CA  . UNK A 1 269 ? 25.114  -8.194  -1.521  1.00 0.00 ? 268 UNK A CA  1 
ATOM 1074 C C   . UNK A 1 269 ? 26.303  -8.807  -2.283  1.00 0.00 ? 268 UNK A C   1 
ATOM 1075 O O   . UNK A 1 269 ? 26.224  -9.926  -2.787  1.00 0.00 ? 268 UNK A O   1 
ATOM 1076 N N   . UNK A 1 270 ? 27.374  -8.022  -2.335  1.00 0.00 ? 269 UNK A N   1 
ATOM 1077 C CA  . UNK A 1 270 ? 28.590  -8.453  -3.031  1.00 0.00 ? 269 UNK A CA  1 
ATOM 1078 C C   . UNK A 1 270 ? 28.947  -9.911  -2.694  1.00 0.00 ? 269 UNK A C   1 
ATOM 1079 O O   . UNK A 1 270 ? 29.121  -10.744 -3.584  1.00 0.00 ? 269 UNK A O   1 
ATOM 1080 N N   . UNK A 1 271 ? 29.077  -10.152 -1.392  1.00 0.00 ? 270 UNK A N   1 
ATOM 1081 C CA  . UNK A 1 271 ? 29.476  -11.491 -0.934  1.00 0.00 ? 270 UNK A CA  1 
ATOM 1082 C C   . UNK A 1 271 ? 28.472  -12.535 -1.459  1.00 0.00 ? 270 UNK A C   1 
ATOM 1083 O O   . UNK A 1 271 ? 28.849  -13.495 -2.128  1.00 0.00 ? 270 UNK A O   1 
ATOM 1084 N N   . UNK A 1 272 ? 27.213  -12.290 -1.107  1.00 0.00 ? 271 UNK A N   1 
ATOM 1085 C CA  . UNK A 1 272 ? 26.138  -13.206 -1.510  1.00 0.00 ? 271 UNK A CA  1 
ATOM 1086 C C   . UNK A 1 272 ? 26.253  -13.530 -3.016  1.00 0.00 ? 271 UNK A C   1 
ATOM 1087 O O   . UNK A 1 272 ? 26.363  -14.694 -3.395  1.00 0.00 ? 271 UNK A O   1 
ATOM 1088 N N   . UNK A 1 273 ? 26.207  -12.460 -3.793  1.00 0.00 ? 272 UNK A N   1 
ATOM 1089 C CA  . UNK A 1 273 ? 26.239  -12.555 -5.261  1.00 0.00 ? 272 UNK A CA  1 
ATOM 1090 C C   . UNK A 1 273 ? 24.963  -11.851 -5.786  1.00 0.00 ? 272 UNK A C   1 
ATOM 1091 O O   . UNK A 1 273 ? 24.019  -12.504 -6.219  1.00 0.00 ? 272 UNK A O   1 
ATOM 1092 N N   . UNK A 1 274 ? 25.008  -10.536 -5.639  1.00 0.00 ? 273 UNK A N   1 
ATOM 1093 C CA  . UNK A 1 274 ? 23.903  -9.656  -6.042  1.00 0.00 ? 273 UNK A CA  1 
ATOM 1094 C C   . UNK A 1 274 ? 24.514  -8.385  -6.666  1.00 0.00 ? 273 UNK A C   1 
ATOM 1095 O O   . UNK A 1 274 ? 25.501  -7.851  -6.161  1.00 0.00 ? 273 UNK A O   1 
ATOM 1096 N N   . UNK A 1 275 ? 23.928  -7.983  -7.790  1.00 0.00 ? 274 UNK A N   1 
ATOM 1097 C CA  . UNK A 1 275 ? 24.483  -6.840  -8.527  1.00 0.00 ? 274 UNK A CA  1 
ATOM 1098 C C   . UNK A 1 275 ? 23.743  -5.537  -8.183  1.00 0.00 ? 274 UNK A C   1 
ATOM 1099 O O   . UNK A 1 275 ? 22.647  -5.276  -8.678  1.00 0.00 ? 274 UNK A O   1 
ATOM 1100 N N   . UNK A 1 276 ? 24.405  -4.741  -7.348  1.00 0.00 ? 275 UNK A N   1 
ATOM 1101 C CA  . UNK A 1 276 ? 23.852  -3.429  -6.974  1.00 0.00 ? 275 UNK A CA  1 
ATOM 1102 C C   . UNK A 1 276 ? 24.538  -2.326  -7.799  1.00 0.00 ? 275 UNK A C   1 
ATOM 1103 O O   . UNK A 1 276 ? 25.754  -2.143  -7.734  1.00 0.00 ? 275 UNK A O   1 
ATOM 1104 N N   . UNK A 1 277 ? 23.723  -1.640  -8.598  1.00 0.00 ? 276 UNK A N   1 
ATOM 1105 C CA  . UNK A 1 277 ? 24.294  -0.578  -9.449  1.00 0.00 ? 276 UNK A CA  1 
ATOM 1106 C C   . UNK A 1 277 ? 23.783  0.781   -8.925  1.00 0.00 ? 276 UNK A C   1 
ATOM 1107 O O   . UNK A 1 277 ? 22.815  0.827   -8.166  1.00 0.00 ? 276 UNK A O   1 
ATOM 1108 N N   . UNK A 1 278 ? 24.404  1.846   -9.430  1.00 0.00 ? 277 UNK A N   1 
ATOM 1109 C CA  . UNK A 1 278 ? 24.045  3.180   -8.924  1.00 0.00 ? 277 UNK A CA  1 
ATOM 1110 C C   . UNK A 1 278 ? 24.349  4.279   -9.956  1.00 0.00 ? 277 UNK A C   1 
ATOM 1111 O O   . UNK A 1 278 ? 25.435  4.358   -10.518 1.00 0.00 ? 277 UNK A O   1 
ATOM 1112 N N   . UNK A 1 279 ? 23.304  5.084   -10.159 1.00 0.00 ? 278 UNK A N   1 
ATOM 1113 C CA  . UNK A 1 279 ? 23.351  6.176   -11.124 1.00 0.00 ? 278 UNK A CA  1 
ATOM 1114 C C   . UNK A 1 279 ? 24.731  6.814   -11.331 1.00 0.00 ? 278 UNK A C   1 
ATOM 1115 O O   . UNK A 1 279 ? 25.458  7.126   -10.390 1.00 0.00 ? 278 UNK A O   1 
ATOM 1116 N N   . UNK A 1 280 ? 25.013  7.039   -12.614 1.00 0.00 ? 279 UNK A N   1 
ATOM 1117 C CA  . UNK A 1 280 ? 26.229  7.773   -12.994 1.00 0.00 ? 279 UNK A CA  1 
ATOM 1118 C C   . UNK A 1 280 ? 25.873  9.275   -13.080 1.00 0.00 ? 279 UNK A C   1 
ATOM 1119 O O   . UNK A 1 280 ? 26.600  10.127  -12.572 1.00 0.00 ? 279 UNK A O   1 
ATOM 1120 N N   . UNK A 1 281 ? 24.731  9.527   -13.715 1.00 0.00 ? 280 UNK A N   1 
ATOM 1121 C CA  . UNK A 1 281 ? 24.268  10.910  -13.889 1.00 0.00 ? 280 UNK A CA  1 
ATOM 1122 C C   . UNK A 1 281 ? 22.897  11.142  -13.224 1.00 0.00 ? 280 UNK A C   1 
ATOM 1123 O O   . UNK A 1 281 ? 21.965  10.363  -13.409 1.00 0.00 ? 280 UNK A O   1 
ATOM 1124 N N   . UNK A 1 282 ? 22.850  12.229  -12.464 1.00 0.00 ? 281 UNK A N   1 
ATOM 1125 C CA  . UNK A 1 282 ? 21.619  12.647  -11.774 1.00 0.00 ? 281 UNK A CA  1 
ATOM 1126 C C   . UNK A 1 282 ? 21.186  14.017  -12.340 1.00 0.00 ? 281 UNK A C   1 
ATOM 1127 O O   . UNK A 1 282 ? 22.037  14.838  -12.689 1.00 0.00 ? 281 UNK A O   1 
ATOM 1128 N N   . UNK A 1 283 ? 19.875  14.180  -12.475 1.00 0.00 ? 282 UNK A N   1 
ATOM 1129 C CA  . UNK A 1 283 ? 19.328  15.434  -13.026 1.00 0.00 ? 282 UNK A CA  1 
ATOM 1130 C C   . UNK A 1 283 ? 18.821  16.279  -11.838 1.00 0.00 ? 282 UNK A C   1 
ATOM 1131 O O   . UNK A 1 283 ? 17.942  15.839  -11.097 1.00 0.00 ? 282 UNK A O   1 
ATOM 1132 N N   . UNK A 1 284 ? 19.480  17.419  -11.651 1.00 0.00 ? 283 UNK A N   1 
ATOM 1133 C CA  . UNK A 1 284 ? 19.247  18.227  -10.451 1.00 0.00 ? 283 UNK A CA  1 
ATOM 1134 C C   . UNK A 1 284 ? 18.681  19.627  -10.746 1.00 0.00 ? 283 UNK A C   1 
ATOM 1135 O O   . UNK A 1 284 ? 18.877  20.187  -11.821 1.00 0.00 ? 283 UNK A O   1 
ATOM 1136 N N   . UNK A 1 285 ? 18.053  20.163  -9.702  1.00 0.00 ? 284 UNK A N   1 
ATOM 1137 C CA  . UNK A 1 285 ? 17.558  21.545  -9.722  1.00 0.00 ? 284 UNK A CA  1 
ATOM 1138 C C   . UNK A 1 285 ? 18.329  22.380  -8.678  1.00 0.00 ? 284 UNK A C   1 
ATOM 1139 O O   . UNK A 1 285 ? 19.058  21.832  -7.852  1.00 0.00 ? 284 UNK A O   1 
ATOM 1140 N N   . UNK A 1 286 ? 18.152  23.692  -8.784  1.00 0.00 ? 285 UNK A N   1 
ATOM 1141 C CA  . UNK A 1 286 ? 18.802  24.612  -7.834  1.00 0.00 ? 285 UNK A CA  1 
ATOM 1142 C C   . UNK A 1 286 ? 17.699  25.291  -6.993  1.00 0.00 ? 285 UNK A C   1 
ATOM 1143 O O   . UNK A 1 286 ? 16.833  25.973  -7.541  1.00 0.00 ? 285 UNK A O   1 
ATOM 1144 N N   . UNK A 1 287 ? 17.758  25.051  -5.686  1.00 0.00 ? 286 UNK A N   1 
ATOM 1145 C CA  . UNK A 1 287 ? 16.705  25.584  -4.802  1.00 0.00 ? 286 UNK A CA  1 
ATOM 1146 C C   . UNK A 1 287 ? 15.350  25.468  -5.532  1.00 0.00 ? 286 UNK A C   1 
ATOM 1147 O O   . UNK A 1 287 ? 14.882  26.426  -6.145  1.00 0.00 ? 286 UNK A O   1 
ATOM 1148 N N   . UNK A 1 288 ? 14.804  24.257  -5.472  1.00 0.00 ? 287 UNK A N   1 
ATOM 1149 C CA  . UNK A 1 288 ? 13.561  23.967  -6.197  1.00 0.00 ? 287 UNK A CA  1 
ATOM 1150 C C   . UNK A 1 288 ? 12.499  23.349  -5.269  1.00 0.00 ? 287 UNK A C   1 
ATOM 1151 O O   . UNK A 1 288 ? 12.801  22.898  -4.166  1.00 0.00 ? 287 UNK A O   1 
ATOM 1152 N N   . UNK A 1 289 ? 11.269  23.376  -5.771  1.00 0.00 ? 288 UNK A N   1 
ATOM 1153 C CA  . UNK A 1 289 ? 10.131  22.807  -5.037  1.00 0.00 ? 288 UNK A CA  1 
ATOM 1154 C C   . UNK A 1 289 ? 9.168   22.130  -6.033  1.00 0.00 ? 288 UNK A C   1 
ATOM 1155 O O   . UNK A 1 289 ? 8.715   22.748  -6.995  1.00 0.00 ? 288 UNK A O   1 
ATOM 1156 N N   . UNK A 1 290 ? 8.931   20.850  -5.771  1.00 0.00 ? 289 UNK A N   1 
ATOM 1157 C CA  . UNK A 1 290 ? 8.080   20.041  -6.652  1.00 0.00 ? 289 UNK A CA  1 
ATOM 1158 C C   . UNK A 1 290 ? 6.977   20.897  -7.299  1.00 0.00 ? 289 UNK A C   1 
ATOM 1159 O O   . UNK A 1 290 ? 5.885   21.046  -6.754  1.00 0.00 ? 289 UNK A O   1 
ATOM 1160 N N   . UNK A 1 291 ? 7.323   21.427  -8.469  1.00 0.00 ? 290 UNK A N   1 
ATOM 1161 C CA  . UNK A 1 291 ? 6.381   22.272  -9.214  1.00 0.00 ? 290 UNK A CA  1 
ATOM 1162 C C   . UNK A 1 291 ? 7.135   23.412  -9.921  1.00 0.00 ? 290 UNK A C   1 
ATOM 1163 O O   . UNK A 1 291 ? 6.868   23.732  -11.079 1.00 0.00 ? 290 UNK A O   1 
ATOM 1164 N N   . UNK A 1 292 ? 8.066   23.994  -9.168  1.00 0.00 ? 291 UNK A N   1 
ATOM 1165 C CA  . UNK A 1 292 ? 8.913   25.053  -9.740  1.00 0.00 ? 291 UNK A CA  1 
ATOM 1166 C C   . UNK A 1 292 ? 10.384  24.842  -9.327  1.00 0.00 ? 291 UNK A C   1 
ATOM 1167 O O   . UNK A 1 292 ? 10.662  24.357  -8.231  1.00 0.00 ? 291 UNK A O   1 
ATOM 1168 N N   . UNK A 1 293 ? 11.281  25.255  -10.218 1.00 0.00 ? 292 UNK A N   1 
ATOM 1169 C CA  . UNK A 1 293 ? 12.722  25.101  -9.959  1.00 0.00 ? 292 UNK A CA  1 
ATOM 1170 C C   . UNK A 1 293 ? 13.511  25.228  -11.280 1.00 0.00 ? 292 UNK A C   1 
ATOM 1171 O O   . UNK A 1 293 ? 12.931  25.159  -12.362 1.00 0.00 ? 292 UNK A O   1 
ATOM 1172 N N   . UNK A 1 294 ? 14.806  25.471  -11.121 1.00 0.00 ? 293 UNK A N   1 
ATOM 1173 C CA  . UNK A 1 294 ? 15.720  25.572  -12.274 1.00 0.00 ? 293 UNK A CA  1 
ATOM 1174 C C   . UNK A 1 294 ? 16.732  24.411  -12.163 1.00 0.00 ? 293 UNK A C   1 
ATOM 1175 O O   . UNK A 1 294 ? 17.298  24.187  -11.090 1.00 0.00 ? 293 UNK A O   1 
ATOM 1176 N N   . UNK A 1 295 ? 16.872  23.650  -13.248 1.00 0.00 ? 294 UNK A N   1 
ATOM 1177 C CA  . UNK A 1 295 ? 17.676  22.427  -13.179 1.00 0.00 ? 294 UNK A CA  1 
ATOM 1178 C C   . UNK A 1 295 ? 18.923  22.360  -14.075 1.00 0.00 ? 294 UNK A C   1 
ATOM 1179 O O   . UNK A 1 295 ? 19.144  23.194  -14.949 1.00 0.00 ? 294 UNK A O   1 
ATOM 1180 N N   . UNK A 1 296 ? 19.663  21.285  -13.826 1.00 0.00 ? 295 UNK A N   1 
ATOM 1181 C CA  . UNK A 1 296 ? 20.882  20.928  -14.552 1.00 0.00 ? 295 UNK A CA  1 
ATOM 1182 C C   . UNK A 1 296 ? 21.259  19.461  -14.251 1.00 0.00 ? 295 UNK A C   1 
ATOM 1183 O O   . UNK A 1 296 ? 20.733  18.865  -13.309 1.00 0.00 ? 295 UNK A O   1 
ATOM 1184 N N   . UNK A 1 297 ? 22.144  18.918  -15.082 1.00 0.00 ? 296 UNK A N   1 
ATOM 1185 C CA  . UNK A 1 297 ? 22.554  17.517  -14.910 1.00 0.00 ? 296 UNK A CA  1 
ATOM 1186 C C   . UNK A 1 297 ? 24.016  17.399  -14.445 1.00 0.00 ? 296 UNK A C   1 
ATOM 1187 O O   . UNK A 1 297 ? 24.901  18.090  -14.948 1.00 0.00 ? 296 UNK A O   1 
ATOM 1188 N N   . UNK A 1 298 ? 24.219  16.485  -13.498 1.00 0.00 ? 297 UNK A N   1 
ATOM 1189 C CA  . UNK A 1 298 ? 25.583  16.223  -13.015 1.00 0.00 ? 297 UNK A CA  1 
ATOM 1190 C C   . UNK A 1 298 ? 25.886  14.715  -13.059 1.00 0.00 ? 297 UNK A C   1 
ATOM 1191 O O   . UNK A 1 298 ? 25.031  13.883  -12.760 1.00 0.00 ? 297 UNK A O   1 
ATOM 1192 N N   . UNK A 1 299 ? 27.246  14.433  -13.227 1.00 0.00 ? 298 UNK A N   1 
ATOM 1193 C CA  . UNK A 1 299 ? 27.758  13.056  -13.199 1.00 0.00 ? 298 UNK A CA  1 
ATOM 1194 C C   . UNK A 1 299 ? 28.686  12.862  -11.982 1.00 0.00 ? 298 UNK A C   1 
ATOM 1195 O O   . UNK A 1 299 ? 29.487  13.737  -11.657 1.00 0.00 ? 298 UNK A O   1 
ATOM 1196 N N   . UNK A 1 300 ? 28.501  11.717  -11.339 1.00 0.00 ? 299 UNK A N   1 
ATOM 1197 C CA  . UNK A 1 300 ? 29.275  11.355  -10.149 1.00 0.00 ? 299 UNK A CA  1 
ATOM 1198 C C   . UNK A 1 300 ? 30.751  11.775  -10.280 1.00 0.00 ? 299 UNK A C   1 
ATOM 1199 O O   . UNK A 1 300 ? 31.481  11.830  -9.290  1.00 0.00 ? 299 UNK A O   1 
ATOM 1200 N N   . UNK A 1 301 ? 31.141  12.022  -11.527 1.00 0.00 ? 300 UNK A N   1 
ATOM 1201 C CA  . UNK A 1 301 ? 32.530  12.401  -11.817 1.00 0.00 ? 300 UNK A CA  1 
ATOM 1202 C C   . UNK A 1 301 ? 32.862  13.771  -11.199 1.00 0.00 ? 300 UNK A C   1 
ATOM 1203 O O   . UNK A 1 301 ? 33.982  14.001  -10.742 1.00 0.00 ? 300 UNK A O   1 
ATOM 1204 N N   . UNK A 1 302 ? 31.854  14.636  -11.227 1.00 0.00 ? 301 UNK A N   1 
ATOM 1205 C CA  . UNK A 1 302 ? 32.028  15.996  -10.695 1.00 0.00 ? 301 UNK A CA  1 
ATOM 1206 C C   . UNK A 1 302 ? 31.306  16.112  -9.340  1.00 0.00 ? 301 UNK A C   1 
ATOM 1207 O O   . UNK A 1 302 ? 31.607  15.386  -8.394  1.00 0.00 ? 301 UNK A O   1 
ATOM 1208 N N   . UNK A 1 303 ? 30.346  17.036  -9.304  1.00 0.00 ? 302 UNK A N   1 
ATOM 1209 C CA  . UNK A 1 303 ? 29.617  17.242  -8.042  1.00 0.00 ? 302 UNK A CA  1 
ATOM 1210 C C   . UNK A 1 303 ? 28.519  18.305  -8.216  1.00 0.00 ? 302 UNK A C   1 
ATOM 1211 O O   . UNK A 1 303 ? 28.507  19.061  -9.185  1.00 0.00 ? 302 UNK A O   1 
ATOM 1212 N N   . UNK A 1 304 ? 27.642  18.333  -7.215  1.00 0.00 ? 303 UNK A N   1 
ATOM 1213 C CA  . UNK A 1 304 ? 26.568  19.337  -7.209  1.00 0.00 ? 303 UNK A CA  1 
ATOM 1214 C C   . UNK A 1 304 ? 26.844  20.394  -6.125  1.00 0.00 ? 303 UNK A C   1 
ATOM 1215 O O   . UNK A 1 304 ? 26.701  20.129  -4.932  1.00 0.00 ? 303 UNK A O   1 
ATOM 1216 N N   . UNK A 1 305 ? 27.245  21.568  -6.603  1.00 0.00 ? 304 UNK A N   1 
ATOM 1217 C CA  . UNK A 1 305 ? 27.639  22.637  -5.675  1.00 0.00 ? 304 UNK A CA  1 
ATOM 1218 C C   . UNK A 1 305 ? 26.877  23.944  -5.958  1.00 0.00 ? 304 UNK A C   1 
ATOM 1219 O O   . UNK A 1 305 ? 27.065  24.573  -6.997  1.00 0.00 ? 304 UNK A O   1 
ATOM 1220 N N   . UNK A 1 306 ? 26.064  24.313  -4.974  1.00 0.00 ? 305 UNK A N   1 
ATOM 1221 C CA  . UNK A 1 306 ? 25.291  25.562  -5.060  1.00 0.00 ? 305 UNK A CA  1 
ATOM 1222 C C   . UNK A 1 306 ? 23.802  25.223  -4.826  1.00 0.00 ? 305 UNK A C   1 
ATOM 1223 O O   . UNK A 1 306 ? 22.992  25.275  -5.749  1.00 0.00 ? 305 UNK A O   1 
ATOM 1224 N N   . UNK A 1 307 ? 23.536  24.835  -3.584  1.00 0.00 ? 306 UNK A N   1 
ATOM 1225 C CA  . UNK A 1 307 ? 22.178  24.465  -3.176  1.00 0.00 ? 306 UNK A CA  1 
ATOM 1226 C C   . UNK A 1 307 ? 21.381  23.899  -4.364  1.00 0.00 ? 306 UNK A C   1 
ATOM 1227 O O   . UNK A 1 307 ? 20.388  24.480  -4.800  1.00 0.00 ? 306 UNK A O   1 
ATOM 1228 N N   . UNK A 1 308 ? 21.863  22.753  -4.840  1.00 0.00 ? 307 UNK A N   1 
ATOM 1229 C CA  . UNK A 1 308 ? 21.206  22.109  -5.988  1.00 0.00 ? 307 UNK A CA  1 
ATOM 1230 C C   . UNK A 1 308 ? 21.233  20.580  -5.804  1.00 0.00 ? 307 UNK A C   1 
ATOM 1231 O O   . UNK A 1 308 ? 22.271  20.000  -5.489  1.00 0.00 ? 307 UNK A O   1 
ATOM 1232 N N   . UNK A 1 309 ? 20.063  19.985  -6.023  1.00 0.00 ? 308 UNK A N   1 
ATOM 1233 C CA  . UNK A 1 309 ? 19.927  18.539  -5.815  1.00 0.00 ? 308 UNK A CA  1 
ATOM 1234 C C   . UNK A 1 309 ? 19.259  17.821  -6.999  1.00 0.00 ? 308 UNK A C   1 
ATOM 1235 O O   . UNK A 1 309 ? 18.622  18.437  -7.849  1.00 0.00 ? 308 UNK A O   1 
ATOM 1236 N N   . UNK A 1 310 ? 19.458  16.508  -6.976  1.00 0.00 ? 309 UNK A N   1 
ATOM 1237 C CA  . UNK A 1 310 ? 18.957  15.613  -8.019  1.00 0.00 ? 309 UNK A CA  1 
ATOM 1238 C C   . UNK A 1 310 ? 17.499  15.197  -7.754  1.00 0.00 ? 309 UNK A C   1 
ATOM 1239 O O   . UNK A 1 310 ? 17.238  14.212  -7.065  1.00 0.00 ? 309 UNK A O   1 
ATOM 1240 N N   . UNK A 1 311 ? 16.596  15.956  -8.371  1.00 0.00 ? 310 UNK A N   1 
ATOM 1241 C CA  . UNK A 1 311 ? 15.166  15.675  -8.207  1.00 0.00 ? 310 UNK A CA  1 
ATOM 1242 C C   . UNK A 1 311 ? 14.682  14.617  -9.210  1.00 0.00 ? 310 UNK A C   1 
ATOM 1243 O O   . UNK A 1 311 ? 13.515  14.222  -9.189  1.00 0.00 ? 310 UNK A O   1 
ATOM 1244 N N   . UNK A 1 312 ? 15.604  14.188  -10.071 1.00 0.00 ? 311 UNK A N   1 
ATOM 1245 C CA  . UNK A 1 312 ? 15.215  13.175  -11.067 1.00 0.00 ? 311 UNK A CA  1 
ATOM 1246 C C   . UNK A 1 312 ? 16.401  12.272  -11.439 1.00 0.00 ? 311 UNK A C   1 
ATOM 1247 O O   . UNK A 1 312 ? 17.543  12.718  -11.538 1.00 0.00 ? 311 UNK A O   1 
ATOM 1248 N N   . UNK A 1 313 ? 16.061  10.998  -11.625 1.00 0.00 ? 312 UNK A N   1 
ATOM 1249 C CA  . UNK A 1 313 ? 17.093  10.029  -12.047 1.00 0.00 ? 312 UNK A CA  1 
ATOM 1250 C C   . UNK A 1 313 ? 17.479  10.423  -13.491 1.00 0.00 ? 312 UNK A C   1 
ATOM 1251 O O   . UNK A 1 313 ? 16.753  10.129  -14.439 1.00 0.00 ? 312 UNK A O   1 
ATOM 1252 N N   . UNK A 1 314 ? 18.593  11.143  -13.577 1.00 0.00 ? 313 UNK A N   1 
ATOM 1253 C CA  . UNK A 1 314 ? 19.035  11.624  -14.896 1.00 0.00 ? 313 UNK A CA  1 
ATOM 1254 C C   . UNK A 1 314 ? 18.767  10.545  -15.961 1.00 0.00 ? 313 UNK A C   1 
ATOM 1255 O O   . UNK A 1 314 ? 18.536  9.379   -15.649 1.00 0.00 ? 313 UNK A O   1 
ATOM 1256 N N   . UNK A 1 315 ? 18.837  11.000  -17.208 1.00 0.00 ? 314 UNK A N   1 
ATOM 1257 C CA  . UNK A 1 315 ? 18.550  10.122  -18.339 1.00 0.00 ? 314 UNK A CA  1 
ATOM 1258 C C   . UNK A 1 315 ? 19.563  8.987   -18.523 1.00 0.00 ? 314 UNK A C   1 
ATOM 1259 O O   . UNK A 1 315 ? 19.221  7.806   -18.434 1.00 0.00 ? 314 UNK A O   1 
ATOM 1260 N N   . UNK A 1 316 ? 20.784  9.386   -18.877 1.00 0.00 ? 315 UNK A N   1 
ATOM 1261 C CA  . UNK A 1 316 ? 21.826  8.368   -19.104 1.00 0.00 ? 315 UNK A CA  1 
ATOM 1262 C C   . UNK A 1 316 ? 21.576  7.180   -18.150 1.00 0.00 ? 315 UNK A C   1 
ATOM 1263 O O   . UNK A 1 316 ? 21.117  6.118   -18.562 1.00 0.00 ? 315 UNK A O   1 
ATOM 1264 N N   . UNK A 1 317 ? 21.902  7.438   -16.890 1.00 0.00 ? 316 UNK A N   1 
ATOM 1265 C CA  . UNK A 1 317 ? 21.704  6.430   -15.839 1.00 0.00 ? 316 UNK A CA  1 
ATOM 1266 C C   . UNK A 1 317 ? 20.592  5.444   -16.248 1.00 0.00 ? 316 UNK A C   1 
ATOM 1267 O O   . UNK A 1 317 ? 20.661  4.254   -15.946 1.00 0.00 ? 316 UNK A O   1 
ATOM 1268 N N   . UNK A 1 318 ? 19.589  6.004   -16.919 1.00 0.00 ? 317 UNK A N   1 
ATOM 1269 C CA  . UNK A 1 318 ? 18.468  5.166   -17.379 1.00 0.00 ? 317 UNK A CA  1 
ATOM 1270 C C   . UNK A 1 318 ? 18.990  3.743   -17.660 1.00 0.00 ? 317 UNK A C   1 
ATOM 1271 O O   . UNK A 1 318 ? 18.418  2.755   -17.202 1.00 0.00 ? 317 UNK A O   1 
ATOM 1272 N N   . UNK A 1 319 ? 20.097  3.714   -18.393 1.00 0.00 ? 318 UNK A N   1 
ATOM 1273 C CA  . UNK A 1 319 ? 20.737  2.438   -18.738 1.00 0.00 ? 318 UNK A CA  1 
ATOM 1274 C C   . UNK A 1 319 ? 20.247  1.314   -17.811 1.00 0.00 ? 318 UNK A C   1 
ATOM 1275 O O   . UNK A 1 319 ? 19.893  0.222   -18.254 1.00 0.00 ? 318 UNK A O   1 
ATOM 1276 N N   . UNK A 1 320 ? 20.246  1.636   -16.518 1.00 0.00 ? 319 UNK A N   1 
ATOM 1277 C CA  . UNK A 1 320 ? 19.778  0.639   -15.538 1.00 0.00 ? 319 UNK A CA  1 
ATOM 1278 C C   . UNK A 1 320 ? 18.764  -0.304  -16.223 1.00 0.00 ? 319 UNK A C   1 
ATOM 1279 O O   . UNK A 1 320 ? 18.804  -1.517  -16.033 1.00 0.00 ? 319 UNK A O   1 
ATOM 1280 N N   . UNK A 1 321 ? 17.902  0.333   -17.007 1.00 0.00 ? 320 UNK A N   1 
ATOM 1281 C CA  . UNK A 1 321 ? 16.895  -0.403  -17.787 1.00 0.00 ? 320 UNK A CA  1 
ATOM 1282 C C   . UNK A 1 321 ? 17.498  -1.758  -18.213 1.00 0.00 ? 320 UNK A C   1 
ATOM 1283 O O   . UNK A 1 321 ? 16.853  -2.798  -18.121 1.00 0.00 ? 320 UNK A O   1 
ATOM 1284 N N   . UNK A 1 322 ? 18.739  -1.650  -18.671 1.00 0.00 ? 321 UNK A N   1 
ATOM 1285 C CA  . UNK A 1 322 ? 19.498  -2.826  -19.106 1.00 0.00 ? 321 UNK A CA  1 
ATOM 1286 C C   . UNK A 1 322 ? 19.238  -4.019  -18.169 1.00 0.00 ? 321 UNK A C   1 
ATOM 1287 O O   . UNK A 1 322 ? 18.988  -5.137  -18.616 1.00 0.00 ? 321 UNK A O   1 
ATOM 1288 N N   . UNK A 1 323 ? 19.348  -3.722  -16.877 1.00 0.00 ? 322 UNK A N   1 
ATOM 1289 C CA  . UNK A 1 323 ? 19.103  -4.772  -15.869 1.00 0.00 ? 322 UNK A CA  1 
ATOM 1290 C C   . UNK A 1 323 ? 17.728  -5.406  -16.178 1.00 0.00 ? 322 UNK A C   1 
ATOM 1291 O O   . UNK A 1 323 ? 17.566  -6.623  -16.140 1.00 0.00 ? 322 UNK A O   1 
ATOM 1292 N N   . UNK A 1 324 ? 16.796  -4.515  -16.496 1.00 0.00 ? 323 UNK A N   1 
ATOM 1293 C CA  . UNK A 1 324 ? 15.425  -4.921  -16.816 1.00 0.00 ? 323 UNK A CA  1 
ATOM 1294 C C   . UNK A 1 324 ? 15.384  -5.997  -17.913 1.00 0.00 ? 323 UNK A C   1 
ATOM 1295 O O   . UNK A 1 324 ? 14.524  -6.878  -17.909 1.00 0.00 ? 323 UNK A O   1 
ATOM 1296 N N   . UNK A 1 325 ? 16.334  -5.873  -18.836 1.00 0.00 ? 324 UNK A N   1 
ATOM 1297 C CA  . UNK A 1 325 ? 16.406  -6.845  -19.937 1.00 0.00 ? 324 UNK A CA  1 
ATOM 1298 C C   . UNK A 1 325 ? 16.897  -8.206  -19.413 1.00 0.00 ? 324 UNK A C   1 
ATOM 1299 O O   . UNK A 1 325 ? 16.347  -9.253  -19.751 1.00 0.00 ? 324 UNK A O   1 
ATOM 1300 N N   . UNK A 1 326 ? 17.953  -8.129  -18.609 1.00 0.00 ? 325 UNK A N   1 
ATOM 1301 C CA  . UNK A 1 326 ? 18.548  -9.361  -18.069 1.00 0.00 ? 325 UNK A CA  1 
ATOM 1302 C C   . UNK A 1 326 ? 17.458  -10.231 -17.405 1.00 0.00 ? 325 UNK A C   1 
ATOM 1303 O O   . UNK A 1 326 ? 17.353  -11.423 -17.686 1.00 0.00 ? 325 UNK A O   1 
ATOM 1304 N N   . UNK A 1 327 ? 16.727  -9.577  -16.515 1.00 0.00 ? 326 UNK A N   1 
ATOM 1305 C CA  . UNK A 1 327 ? 15.764  -10.226 -15.635 1.00 0.00 ? 326 UNK A CA  1 
ATOM 1306 C C   . UNK A 1 327 ? 14.382  -10.488 -16.254 1.00 0.00 ? 326 UNK A C   1 
ATOM 1307 O O   . UNK A 1 327 ? 14.256  -10.841 -17.423 1.00 0.00 ? 326 UNK A O   1 
ATOM 1308 N N   . UNK A 1 328 ? 13.389  -10.325 -15.384 1.00 0.00 ? 327 UNK A N   1 
ATOM 1309 C CA  . UNK A 1 328 ? 11.984  -10.544 -15.737 1.00 0.00 ? 327 UNK A CA  1 
ATOM 1310 C C   . UNK A 1 328 ? 11.053  -9.807  -14.753 1.00 0.00 ? 327 UNK A C   1 
ATOM 1311 O O   . UNK A 1 328 ? 10.784  -8.617  -14.918 1.00 0.00 ? 327 UNK A O   1 
ATOM 1312 N N   . UNK A 1 329 ? 10.612  -10.546 -13.739 1.00 0.00 ? 328 UNK A N   1 
ATOM 1313 C CA  . UNK A 1 329 ? 9.722   -9.966  -12.723 1.00 0.00 ? 328 UNK A CA  1 
ATOM 1314 C C   . UNK A 1 329 ? 10.397  -8.791  -11.998 1.00 0.00 ? 328 UNK A C   1 
ATOM 1315 O O   . UNK A 1 329 ? 11.624  -8.741  -11.886 1.00 0.00 ? 328 UNK A O   1 
ATOM 1316 N N   . UNK A 1 330 ? 9.562   -7.859  -11.537 1.00 0.00 ? 329 UNK A N   1 
ATOM 1317 C CA  . UNK A 1 330 ? 10.111  -6.669  -10.871 1.00 0.00 ? 329 UNK A CA  1 
ATOM 1318 C C   . UNK A 1 330 ? 9.170   -6.088  -9.800  1.00 0.00 ? 329 UNK A C   1 
ATOM 1319 O O   . UNK A 1 330 ? 7.959   -6.007  -9.995  1.00 0.00 ? 329 UNK A O   1 
ATOM 1320 N N   . UNK A 1 331 ? 9.798   -5.687  -8.700  1.00 0.00 ? 330 UNK A N   1 
ATOM 1321 C CA  . UNK A 1 331 ? 9.100   -5.047  -7.578  1.00 0.00 ? 330 UNK A CA  1 
ATOM 1322 C C   . UNK A 1 331 ? 9.320   -3.521  -7.604  1.00 0.00 ? 330 UNK A C   1 
ATOM 1323 O O   . UNK A 1 331 ? 10.380  -3.048  -8.015  1.00 0.00 ? 330 UNK A O   1 
ATOM 1324 N N   . UNK A 1 332 ? 8.284   -2.797  -7.182  1.00 0.00 ? 331 UNK A N   1 
ATOM 1325 C CA  . UNK A 1 332 ? 8.377   -1.334  -7.099  1.00 0.00 ? 331 UNK A CA  1 
ATOM 1326 C C   . UNK A 1 332 ? 7.728   -0.799  -5.810  1.00 0.00 ? 331 UNK A C   1 
ATOM 1327 O O   . UNK A 1 332 ? 6.503   -0.805  -5.674  1.00 0.00 ? 331 UNK A O   1 
ATOM 1328 N N   . UNK A 1 333 ? 8.573   -0.301  -4.907  1.00 0.00 ? 332 UNK A N   1 
ATOM 1329 C CA  . UNK A 1 333 ? 8.033   0.254   -3.657  1.00 0.00 ? 332 UNK A CA  1 
ATOM 1330 C C   . UNK A 1 333 ? 8.482   1.705   -3.427  1.00 0.00 ? 332 UNK A C   1 
ATOM 1331 O O   . UNK A 1 333 ? 7.939   2.402   -2.566  1.00 0.00 ? 332 UNK A O   1 
ATOM 1332 N N   . UNK A 1 334 ? 9.503   2.107   -4.180  1.00 0.00 ? 333 UNK A N   1 
ATOM 1333 C CA  . UNK A 1 334 ? 10.027  3.475   -4.005  1.00 0.00 ? 333 UNK A CA  1 
ATOM 1334 C C   . UNK A 1 334 ? 9.953   4.227   -5.347  1.00 0.00 ? 333 UNK A C   1 
ATOM 1335 O O   . UNK A 1 334 ? 9.584   3.651   -6.370  1.00 0.00 ? 333 UNK A O   1 
ATOM 1336 N N   . UNK A 1 335 ? 10.325  5.502   -5.288  1.00 0.00 ? 334 UNK A N   1 
ATOM 1337 C CA  . UNK A 1 335 ? 10.289  6.333   -6.498  1.00 0.00 ? 334 UNK A CA  1 
ATOM 1338 C C   . UNK A 1 335 ? 11.681  6.461   -7.140  1.00 0.00 ? 334 UNK A C   1 
ATOM 1339 O O   . UNK A 1 335 ? 12.594  5.697   -6.833  1.00 0.00 ? 334 UNK A O   1 
ATOM 1340 N N   . UNK A 1 336 ? 11.770  7.445   -8.027  1.00 0.00 ? 335 UNK A N   1 
ATOM 1341 C CA  . UNK A 1 336 ? 13.041  7.760   -8.693  1.00 0.00 ? 335 UNK A CA  1 
ATOM 1342 C C   . UNK A 1 336 ? 13.241  9.289   -8.678  1.00 0.00 ? 335 UNK A C   1 
ATOM 1343 O O   . UNK A 1 336 ? 13.961  9.850   -9.501  1.00 0.00 ? 335 UNK A O   1 
ATOM 1344 N N   . UNK A 1 337 ? 12.567  9.906   -7.710  1.00 0.00 ? 336 UNK A N   1 
ATOM 1345 C CA  . UNK A 1 337 ? 12.664  11.364  -7.559  1.00 0.00 ? 336 UNK A CA  1 
ATOM 1346 C C   . UNK A 1 337 ? 11.266  11.985  -7.383  1.00 0.00 ? 336 UNK A C   1 
ATOM 1347 O O   . UNK A 1 337 ? 10.375  11.391  -6.780  1.00 0.00 ? 336 UNK A O   1 
ATOM 1348 N N   . UNK A 1 338 ? 11.146  13.191  -7.929  1.00 0.00 ? 337 UNK A N   1 
ATOM 1349 C CA  . UNK A 1 338 ? 9.882   13.938  -7.834  1.00 0.00 ? 337 UNK A CA  1 
ATOM 1350 C C   . UNK A 1 338 ? 9.033   13.669  -9.092  1.00 0.00 ? 337 UNK A C   1 
ATOM 1351 O O   . UNK A 1 338 ? 9.226   14.294  -10.134 1.00 0.00 ? 337 UNK A O   1 
ATOM 1352 N N   . UNK A 1 339 ? 8.135   12.702  -8.938  1.00 0.00 ? 338 UNK A N   1 
ATOM 1353 C CA  . UNK A 1 339 ? 7.295   12.292  -10.074 1.00 0.00 ? 338 UNK A CA  1 
ATOM 1354 C C   . UNK A 1 339 ? 5.930   12.999  -10.003 1.00 0.00 ? 338 UNK A C   1 
ATOM 1355 O O   . UNK A 1 339 ? 4.912   12.459  -10.440 1.00 0.00 ? 338 UNK A O   1 
ATOM 1356 N N   . UNK A 1 340 ? 5.949   14.194  -9.413  1.00 0.00 ? 339 UNK A N   1 
ATOM 1357 C CA  . UNK A 1 340 ? 4.695   14.962  -9.316  1.00 0.00 ? 339 UNK A CA  1 
ATOM 1358 C C   . UNK A 1 340 ? 4.664   15.985  -10.472 1.00 0.00 ? 339 UNK A C   1 
ATOM 1359 O O   . UNK A 1 340 ? 3.641   16.181  -11.123 1.00 0.00 ? 339 UNK A O   1 
ATOM 1360 N N   . UNK A 1 341 ? 5.831   16.588  -10.688 1.00 0.00 ? 340 UNK A N   1 
ATOM 1361 C CA  . UNK A 1 341 ? 5.953   17.633  -11.701 1.00 0.00 ? 340 UNK A CA  1 
ATOM 1362 C C   . UNK A 1 341 ? 6.582   17.201  -13.027 1.00 0.00 ? 340 UNK A C   1 
ATOM 1363 O O   . UNK A 1 341 ? 6.318   16.124  -13.560 1.00 0.00 ? 340 UNK A O   1 
ATOM 1364 N N   . UNK A 1 342 ? 7.367   18.133  -13.572 1.00 0.00 ? 341 UNK A N   1 
ATOM 1365 C CA  . UNK A 1 342 ? 8.081   17.843  -14.830 1.00 0.00 ? 341 UNK A CA  1 
ATOM 1366 C C   . UNK A 1 342 ? 9.391   17.113  -14.446 1.00 0.00 ? 341 UNK A C   1 
ATOM 1367 O O   . UNK A 1 342 ? 9.509   15.903  -14.626 1.00 0.00 ? 341 UNK A O   1 
ATOM 1368 N N   . UNK A 1 343 ? 10.282  17.894  -13.851 1.00 0.00 ? 342 UNK A N   1 
ATOM 1369 C CA  . UNK A 1 343 ? 11.566  17.407  -13.355 1.00 0.00 ? 342 UNK A CA  1 
ATOM 1370 C C   . UNK A 1 343 ? 11.714  15.878  -13.419 1.00 0.00 ? 342 UNK A C   1 
ATOM 1371 O O   . UNK A 1 343 ? 11.811  15.284  -14.491 1.00 0.00 ? 342 UNK A O   1 
ATOM 1372 N N   . UNK A 1 344 ? 11.758  15.298  -12.223 1.00 0.00 ? 343 UNK A N   1 
ATOM 1373 C CA  . UNK A 1 344 ? 12.018  13.867  -12.076 1.00 0.00 ? 343 UNK A CA  1 
ATOM 1374 C C   . UNK A 1 344 ? 11.011  12.987  -12.827 1.00 0.00 ? 343 UNK A C   1 
ATOM 1375 O O   . UNK A 1 344 ? 11.105  11.757  -12.795 1.00 0.00 ? 343 UNK A O   1 
ATOM 1376 N N   . UNK A 1 345 ? 10.064  13.649  -13.487 1.00 0.00 ? 344 UNK A N   1 
ATOM 1377 C CA  . UNK A 1 345 ? 9.085   12.880  -14.279 1.00 0.00 ? 344 UNK A CA  1 
ATOM 1378 C C   . UNK A 1 345 ? 9.854   12.000  -15.286 1.00 0.00 ? 344 UNK A C   1 
ATOM 1379 O O   . UNK A 1 345 ? 9.483   10.857  -15.541 1.00 0.00 ? 344 UNK A O   1 
ATOM 1380 N N   . UNK A 1 346 ? 10.924  12.594  -15.799 1.00 0.00 ? 345 UNK A N   1 
ATOM 1381 C CA  . UNK A 1 346 ? 11.802  11.921  -16.758 1.00 0.00 ? 345 UNK A CA  1 
ATOM 1382 C C   . UNK A 1 346 ? 11.876  10.404  -16.528 1.00 0.00 ? 345 UNK A C   1 
ATOM 1383 O O   . UNK A 1 346 ? 11.346  9.619   -17.316 1.00 0.00 ? 345 UNK A O   1 
ATOM 1384 N N   . UNK A 1 347 ? 12.575  10.045  -15.455 1.00 0.00 ? 346 UNK A N   1 
ATOM 1385 C CA  . UNK A 1 347 ? 12.822  8.630   -15.158 1.00 0.00 ? 346 UNK A CA  1 
ATOM 1386 C C   . UNK A 1 347 ? 11.506  7.836   -15.082 1.00 0.00 ? 346 UNK A C   1 
ATOM 1387 O O   . UNK A 1 347 ? 11.345  6.812   -15.745 1.00 0.00 ? 346 UNK A O   1 
ATOM 1388 N N   . UNK A 1 348 ? 10.613  8.360   -14.250 1.00 0.00 ? 347 UNK A N   1 
ATOM 1389 C CA  . UNK A 1 348 ? 9.319   7.709   -14.012 1.00 0.00 ? 347 UNK A CA  1 
ATOM 1390 C C   . UNK A 1 348 ? 8.794   7.055   -15.305 1.00 0.00 ? 347 UNK A C   1 
ATOM 1391 O O   . UNK A 1 348 ? 8.814   5.834   -15.449 1.00 0.00 ? 347 UNK A O   1 
ATOM 1392 N N   . UNK A 1 349 ? 8.345   7.930   -16.196 1.00 0.00 ? 348 UNK A N   1 
ATOM 1393 C CA  . UNK A 1 349 ? 7.825   7.488   -17.496 1.00 0.00 ? 348 UNK A CA  1 
ATOM 1394 C C   . UNK A 1 349 ? 8.735   6.388   -18.077 1.00 0.00 ? 348 UNK A C   1 
ATOM 1395 O O   . UNK A 1 349 ? 8.328   5.235   -18.203 1.00 0.00 ? 348 UNK A O   1 
ATOM 1396 N N   . UNK A 1 350 ? 9.953   6.816   -18.392 1.00 0.00 ? 349 UNK A N   1 
ATOM 1397 C CA  . UNK A 1 350 ? 10.964  5.888   -18.914 1.00 0.00 ? 349 UNK A CA  1 
ATOM 1398 C C   . UNK A 1 350 ? 10.806  4.509   -18.238 1.00 0.00 ? 349 UNK A C   1 
ATOM 1399 O O   . UNK A 1 350 ? 10.520  3.517   -18.907 1.00 0.00 ? 349 UNK A O   1 
ATOM 1400 N N   . UNK A 1 351 ? 11.006  4.533   -16.927 1.00 0.00 ? 350 UNK A N   1 
ATOM 1401 C CA  . UNK A 1 351 ? 10.926  3.311   -16.112 1.00 0.00 ? 350 UNK A CA  1 
ATOM 1402 C C   . UNK A 1 351 ? 9.663   2.522   -16.516 1.00 0.00 ? 350 UNK A C   1 
ATOM 1403 O O   . UNK A 1 351 ? 9.742   1.417   -17.045 1.00 0.00 ? 350 UNK A O   1 
ATOM 1404 N N   . UNK A 1 352 ? 8.543   3.180   -16.246 1.00 0.00 ? 351 UNK A N   1 
ATOM 1405 C CA  . UNK A 1 352 ? 7.222   2.619   -16.537 1.00 0.00 ? 351 UNK A CA  1 
ATOM 1406 C C   . UNK A 1 352 ? 7.213   1.946   -17.923 1.00 0.00 ? 351 UNK A C   1 
ATOM 1407 O O   . UNK A 1 352 ? 6.545   0.932   -18.126 1.00 0.00 ? 351 UNK A O   1 
ATOM 1408 N N   . UNK A 1 353 ? 7.976   2.561   -18.821 1.00 0.00 ? 352 UNK A N   1 
ATOM 1409 C CA  . UNK A 1 353 ? 8.126   1.991   -20.171 1.00 0.00 ? 352 UNK A CA  1 
ATOM 1410 C C   . UNK A 1 353 ? 8.867   0.644   -20.027 1.00 0.00 ? 352 UNK A C   1 
ATOM 1411 O O   . UNK A 1 353 ? 8.371   -0.401  -20.437 1.00 0.00 ? 352 UNK A O   1 
ATOM 1412 N N   . UNK A 1 354 ? 10.035  0.748   -19.400 1.00 0.00 ? 353 UNK A N   1 
ATOM 1413 C CA  . UNK A 1 354 ? 10.853  -0.454  -19.169 1.00 0.00 ? 353 UNK A CA  1 
ATOM 1414 C C   . UNK A 1 354 ? 9.967   -1.546  -18.536 1.00 0.00 ? 353 UNK A C   1 
ATOM 1415 O O   . UNK A 1 354 ? 9.812   -2.632  -19.092 1.00 0.00 ? 353 UNK A O   1 
ATOM 1416 N N   . UNK A 1 355 ? 9.409   -1.180  -17.388 1.00 0.00 ? 354 UNK A N   1 
ATOM 1417 C CA  . UNK A 1 355 ? 8.516   -2.098  -16.664 1.00 0.00 ? 354 UNK A CA  1 
ATOM 1418 C C   . UNK A 1 355 ? 7.517   -2.726  -17.656 1.00 0.00 ? 354 UNK A C   1 
ATOM 1419 O O   . UNK A 1 355 ? 7.417   -3.947  -17.769 1.00 0.00 ? 354 UNK A O   1 
ATOM 1420 N N   . UNK A 1 356 ? 6.824   -1.843  -18.372 1.00 0.00 ? 355 UNK A N   1 
ATOM 1421 C CA  . UNK A 1 356 ? 5.806   -2.289  -19.320 1.00 0.00 ? 355 UNK A CA  1 
ATOM 1422 C C   . UNK A 1 356 ? 6.368   -2.986  -20.556 1.00 0.00 ? 355 UNK A C   1 
ATOM 1423 O O   . UNK A 1 356 ? 5.830   -3.999  -21.015 1.00 0.00 ? 355 UNK A O   1 
ATOM 1424 N N   . UNK A 1 357 ? 7.516   -2.484  -21.008 1.00 0.00 ? 356 UNK A N   1 
ATOM 1425 C CA  . UNK A 1 357 ? 8.219   -3.176  -22.102 1.00 0.00 ? 356 UNK A CA  1 
ATOM 1426 C C   . UNK A 1 357 ? 8.389   -4.657  -21.709 1.00 0.00 ? 356 UNK A C   1 
ATOM 1427 O O   . UNK A 1 357 ? 7.805   -5.543  -22.331 1.00 0.00 ? 356 UNK A O   1 
ATOM 1428 N N   . UNK A 1 358 ? 9.057   -4.806  -20.544 1.00 0.00 ? 357 UNK A N   1 
ATOM 1429 C CA  . UNK A 1 358 ? 9.198   -6.169  -20.000 1.00 0.00 ? 357 UNK A CA  1 
ATOM 1430 C C   . UNK A 1 358 ? 7.803   -6.830  -19.992 1.00 0.00 ? 357 UNK A C   1 
ATOM 1431 O O   . UNK A 1 358 ? 7.582   -7.849  -20.640 1.00 0.00 ? 357 UNK A O   1 
ATOM 1432 N N   . UNK A 1 359 ? 6.913   -6.178  -19.249 1.00 0.00 ? 358 UNK A N   1 
ATOM 1433 C CA  . UNK A 1 359 ? 5.537   -6.676  -19.124 1.00 0.00 ? 358 UNK A CA  1 
ATOM 1434 C C   . UNK A 1 359 ? 5.071   -7.301  -20.451 1.00 0.00 ? 358 UNK A C   1 
ATOM 1435 O O   . UNK A 1 359 ? 4.720   -8.479  -20.506 1.00 0.00 ? 358 UNK A O   1 
ATOM 1436 N N   . UNK A 1 360 ? 5.094   -6.466  -21.486 1.00 0.00 ? 359 UNK A N   1 
ATOM 1437 C CA  . UNK A 1 360 ? 4.660   -6.921  -22.812 1.00 0.00 ? 359 UNK A CA  1 
ATOM 1438 C C   . UNK A 1 360 ? 5.591   -8.013  -23.362 1.00 0.00 ? 359 UNK A C   1 
ATOM 1439 O O   . UNK A 1 360 ? 5.140   -9.077  -23.787 1.00 0.00 ? 359 UNK A O   1 
ATOM 1440 N N   . UNK A 1 361 ? 6.880   -7.687  -23.350 1.00 0.00 ? 360 UNK A N   1 
ATOM 1441 C CA  . UNK A 1 361 ? 7.885   -8.649  -23.825 1.00 0.00 ? 360 UNK A CA  1 
ATOM 1442 C C   . UNK A 1 361 ? 7.564   -10.052 -23.273 1.00 0.00 ? 360 UNK A C   1 
ATOM 1443 O O   . UNK A 1 361 ? 7.539   -11.032 -24.017 1.00 0.00 ? 360 UNK A O   1 
ATOM 1444 N N   . UNK A 1 362 ? 7.343   -10.076 -21.963 1.00 0.00 ? 361 UNK A N   1 
ATOM 1445 C CA  . UNK A 1 362 ? 7.060   -11.337 -21.265 1.00 0.00 ? 361 UNK A CA  1 
ATOM 1446 C C   . UNK A 1 362 ? 7.639   -11.286 -19.837 1.00 0.00 ? 361 UNK A C   1 
ATOM 1447 O O   . UNK A 1 362 ? 8.525   -12.066 -19.492 1.00 0.00 ? 361 UNK A O   1 
ATOM 1448 N N   . UNK A 1 363 ? 7.108   -10.338 -19.072 1.00 0.00 ? 362 UNK A N   1 
ATOM 1449 C CA  . UNK A 1 363 ? 7.573   -10.123 -17.694 1.00 0.00 ? 362 UNK A CA  1 
ATOM 1450 C C   . UNK A 1 363 ? 6.363   -9.936  -16.756 1.00 0.00 ? 362 UNK A C   1 
ATOM 1451 O O   . UNK A 1 363 ? 5.398   -9.260  -17.112 1.00 0.00 ? 362 UNK A O   1 
ATOM 1452 N N   . UNK A 1 364 ? 6.451   -10.579 -15.595 1.00 0.00 ? 363 UNK A N   1 
ATOM 1453 C CA  . UNK A 1 364 ? 5.386   -10.447 -14.585 1.00 0.00 ? 363 UNK A CA  1 
ATOM 1454 C C   . UNK A 1 364 ? 5.815   -9.416  -13.518 1.00 0.00 ? 363 UNK A C   1 
ATOM 1455 O O   . UNK A 1 364 ? 6.768   -9.653  -12.775 1.00 0.00 ? 363 UNK A O   1 
ATOM 1456 N N   . UNK A 1 365 ? 5.122   -8.284  -13.531 1.00 0.00 ? 364 UNK A N   1 
ATOM 1457 C CA  . UNK A 1 365 ? 5.502   -7.108  -12.753 1.00 0.00 ? 364 UNK A CA  1 
ATOM 1458 C C   . UNK A 1 365 ? 4.758   -6.895  -11.424 1.00 0.00 ? 364 UNK A C   1 
ATOM 1459 O O   . UNK A 1 365 ? 3.665   -7.415  -11.211 1.00 0.00 ? 364 UNK A O   1 
ATOM 1460 N N   . UNK A 1 366 ? 5.398   -6.086  -10.582 1.00 0.00 ? 365 UNK A N   1 
ATOM 1461 C CA  . UNK A 1 366 ? 4.858   -5.715  -9.269  1.00 0.00 ? 365 UNK A CA  1 
ATOM 1462 C C   . UNK A 1 366 ? 5.232   -4.263  -8.905  1.00 0.00 ? 365 UNK A C   1 
ATOM 1463 O O   . UNK A 1 366 ? 6.262   -3.754  -9.349  1.00 0.00 ? 365 UNK A O   1 
ATOM 1464 N N   . UNK A 1 367 ? 4.373   -3.637  -8.104  1.00 0.00 ? 366 UNK A N   1 
ATOM 1465 C CA  . UNK A 1 367 ? 4.631   -2.261  -7.644  1.00 0.00 ? 366 UNK A CA  1 
ATOM 1466 C C   . UNK A 1 367 ? 3.438   -1.734  -6.823  1.00 0.00 ? 366 UNK A C   1 
ATOM 1467 O O   . UNK A 1 367 ? 2.315   -1.671  -7.328  1.00 0.00 ? 366 UNK A O   1 
ATOM 1468 N N   . UNK A 1 368 ? 3.702   -1.409  -5.556  1.00 0.00 ? 367 UNK A N   1 
ATOM 1469 C CA  . UNK A 1 368 ? 2.610   -0.921  -4.701  1.00 0.00 ? 367 UNK A CA  1 
ATOM 1470 C C   . UNK A 1 368 ? 2.966   0.351   -3.911  1.00 0.00 ? 367 UNK A C   1 
ATOM 1471 O O   . UNK A 1 368 ? 4.122   0.766   -3.855  1.00 0.00 ? 367 UNK A O   1 
ATOM 1472 N N   . UNK A 1 369 ? 1.924   0.907   -3.301  1.00 0.00 ? 368 UNK A N   1 
ATOM 1473 C CA  . UNK A 1 369 ? 2.033   2.062   -2.413  1.00 0.00 ? 368 UNK A CA  1 
ATOM 1474 C C   . UNK A 1 369 ? 2.019   3.411   -3.151  1.00 0.00 ? 368 UNK A C   1 
ATOM 1475 O O   . UNK A 1 369 ? 1.551   3.517   -4.283  1.00 0.00 ? 368 UNK A O   1 
ATOM 1476 N N   . UNK A 1 370 ? 2.595   4.399   -2.468  1.00 0.00 ? 369 UNK A N   1 
ATOM 1477 C CA  . UNK A 1 370 ? 2.670   5.759   -3.009  1.00 0.00 ? 369 UNK A CA  1 
ATOM 1478 C C   . UNK A 1 370 ? 3.374   5.780   -4.372  1.00 0.00 ? 369 UNK A C   1 
ATOM 1479 O O   . UNK A 1 370 ? 2.871   6.343   -5.344  1.00 0.00 ? 369 UNK A O   1 
ATOM 1480 N N   . UNK A 1 371 ? 4.535   5.127   -4.394  1.00 0.00 ? 370 UNK A N   1 
ATOM 1481 C CA  . UNK A 1 371 ? 5.286   5.076   -5.663  1.00 0.00 ? 370 UNK A CA  1 
ATOM 1482 C C   . UNK A 1 371 ? 4.275   4.831   -6.802  1.00 0.00 ? 370 UNK A C   1 
ATOM 1483 O O   . UNK A 1 371 ? 4.030   5.703   -7.632  1.00 0.00 ? 370 UNK A O   1 
ATOM 1484 N N   . UNK A 1 372 ? 3.719   3.625   -6.763  1.00 0.00 ? 371 UNK A N   1 
ATOM 1485 C CA  . UNK A 1 372 ? 2.745   3.216   -7.781  1.00 0.00 ? 371 UNK A CA  1 
ATOM 1486 C C   . UNK A 1 372 ? 1.657   4.294   -7.954  1.00 0.00 ? 371 UNK A C   1 
ATOM 1487 O O   . UNK A 1 372 ? 1.457   4.820   -9.047  1.00 0.00 ? 371 UNK A O   1 
ATOM 1488 N N   . UNK A 1 373 ? 0.975   4.550   -6.844  1.00 0.00 ? 372 UNK A N   1 
ATOM 1489 C CA  . UNK A 1 373 ? -0.120  5.520   -6.826  1.00 0.00 ? 372 UNK A CA  1 
ATOM 1490 C C   . UNK A 1 373 ? 0.174   6.744   -7.708  1.00 0.00 ? 372 UNK A C   1 
ATOM 1491 O O   . UNK A 1 373 ? -0.644  7.130   -8.544  1.00 0.00 ? 372 UNK A O   1 
ATOM 1492 N N   . UNK A 1 374 ? 1.339   7.337   -7.457  1.00 0.00 ? 373 UNK A N   1 
ATOM 1493 C CA  . UNK A 1 374 ? 1.738   8.521   -8.232  1.00 0.00 ? 373 UNK A CA  1 
ATOM 1494 C C   . UNK A 1 374 ? 1.523   8.260   -9.735  1.00 0.00 ? 373 UNK A C   1 
ATOM 1495 O O   . UNK A 1 374 ? 0.847   9.027   -10.418 1.00 0.00 ? 373 UNK A O   1 
ATOM 1496 N N   . UNK A 1 375 ? 2.127   7.164   -10.184 1.00 0.00 ? 374 UNK A N   1 
ATOM 1497 C CA  . UNK A 1 375 ? 2.055   6.808   -11.607 1.00 0.00 ? 374 UNK A CA  1 
ATOM 1498 C C   . UNK A 1 375 ? 0.586   6.663   -12.045 1.00 0.00 ? 374 UNK A C   1 
ATOM 1499 O O   . UNK A 1 375 ? -0.070  7.641   -12.398 1.00 0.00 ? 374 UNK A O   1 
ATOM 1500 N N   . UNK A 1 376 ? 0.138   5.412   -12.004 1.00 0.00 ? 375 UNK A N   1 
ATOM 1501 C CA  . UNK A 1 376 ? -1.240  5.110   -12.422 1.00 0.00 ? 375 UNK A CA  1 
ATOM 1502 C C   . UNK A 1 376 ? -1.628  3.700   -11.926 1.00 0.00 ? 375 UNK A C   1 
ATOM 1503 O O   . UNK A 1 376 ? -1.569  3.406   -10.736 1.00 0.00 ? 375 UNK A O   1 
ATOM 1504 N N   . UNK A 1 377 ? -1.993  2.896   -12.913 1.00 0.00 ? 376 UNK A N   1 
ATOM 1505 C CA  . UNK A 1 377 ? -2.362  1.493   -12.688 1.00 0.00 ? 376 UNK A CA  1 
ATOM 1506 C C   . UNK A 1 377 ? -2.738  0.877   -14.051 1.00 0.00 ? 376 UNK A C   1 
ATOM 1507 O O   . UNK A 1 377 ? -3.446  1.498   -14.842 1.00 0.00 ? 376 UNK A O   1 
ATOM 1508 N N   . UNK A 1 378 ? -2.212  -0.322  -14.279 1.00 0.00 ? 377 UNK A N   1 
ATOM 1509 C CA  . UNK A 1 378 ? -2.428  -0.963  -15.589 1.00 0.00 ? 377 UNK A CA  1 
ATOM 1510 C C   . UNK A 1 378 ? -1.108  -0.923  -16.387 1.00 0.00 ? 377 UNK A C   1 
ATOM 1511 O O   . UNK A 1 378 ? -0.532  0.141   -16.602 1.00 0.00 ? 377 UNK A O   1 
ATOM 1512 N N   . UNK A 1 379 ? -0.683  -2.123  -16.761 1.00 0.00 ? 378 UNK A N   1 
ATOM 1513 C CA  . UNK A 1 379 ? 0.590   -2.287  -17.478 1.00 0.00 ? 378 UNK A CA  1 
ATOM 1514 C C   . UNK A 1 379 ? 1.554   -3.089  -16.580 1.00 0.00 ? 378 UNK A C   1 
ATOM 1515 O O   . UNK A 1 379 ? 2.448   -3.781  -17.058 1.00 0.00 ? 378 UNK A O   1 
ATOM 1516 N N   . UNK A 1 380 ? 1.283   -2.956  -15.286 1.00 0.00 ? 379 UNK A N   1 
ATOM 1517 C CA  . UNK A 1 380 ? 2.072   -3.666  -14.271 1.00 0.00 ? 379 UNK A CA  1 
ATOM 1518 C C   . UNK A 1 380 ? 1.291   -4.916  -13.821 1.00 0.00 ? 379 UNK A C   1 
ATOM 1519 O O   . UNK A 1 380 ? 0.068   -4.974  -13.941 1.00 0.00 ? 379 UNK A O   1 
ATOM 1520 N N   . UNK A 1 381 ? 2.053   -5.888  -13.332 1.00 0.00 ? 380 UNK A N   1 
ATOM 1521 C CA  . UNK A 1 381 ? 1.429   -7.144  -12.891 1.00 0.00 ? 380 UNK A CA  1 
ATOM 1522 C C   . UNK A 1 381 ? 0.365   -6.875  -11.814 1.00 0.00 ? 380 UNK A C   1 
ATOM 1523 O O   . UNK A 1 381 ? -0.812  -7.192  -11.994 1.00 0.00 ? 380 UNK A O   1 
ATOM 1524 N N   . UNK A 1 382 ? 0.825   -6.318  -10.692 1.00 0.00 ? 381 UNK A N   1 
ATOM 1525 C CA  . UNK A 1 382 ? -0.120  -6.055  -9.598  1.00 0.00 ? 381 UNK A CA  1 
ATOM 1526 C C   . UNK A 1 382 ? 0.199   -4.763  -8.827  1.00 0.00 ? 381 UNK A C   1 
ATOM 1527 O O   . UNK A 1 382 ? 1.273   -4.620  -8.244  1.00 0.00 ? 381 UNK A O   1 
ATOM 1528 N N   . UNK A 1 383 ? -0.796  -3.880  -8.814  1.00 0.00 ? 382 UNK A N   1 
ATOM 1529 C CA  . UNK A 1 383 ? -0.668  -2.616  -8.071  1.00 0.00 ? 382 UNK A CA  1 
ATOM 1530 C C   . UNK A 1 383 ? -1.263  -2.797  -6.660  1.00 0.00 ? 382 UNK A C   1 
ATOM 1531 O O   . UNK A 1 383 ? -2.456  -3.058  -6.509  1.00 0.00 ? 382 UNK A O   1 
ATOM 1532 N N   . UNK A 1 384 ? -0.378  -2.682  -5.674  1.00 0.00 ? 383 UNK A N   1 
ATOM 1533 C CA  . UNK A 1 384 ? -0.812  -2.822  -4.275  1.00 0.00 ? 383 UNK A CA  1 
ATOM 1534 C C   . UNK A 1 384 ? -1.302  -1.457  -3.754  1.00 0.00 ? 383 UNK A C   1 
ATOM 1535 O O   . UNK A 1 384 ? -0.691  -0.425  -4.026  1.00 0.00 ? 383 UNK A O   1 
ATOM 1536 N N   . UNK A 1 385 ? -2.416  -1.519  -3.032  1.00 0.00 ? 384 UNK A N   1 
ATOM 1537 C CA  . UNK A 1 385 ? -3.020  -0.300  -2.483  1.00 0.00 ? 384 UNK A CA  1 
ATOM 1538 C C   . UNK A 1 385 ? -2.528  0.001   -1.060  1.00 0.00 ? 384 UNK A C   1 
ATOM 1539 O O   . UNK A 1 385 ? -2.863  1.038   -0.485  1.00 0.00 ? 384 UNK A O   1 
ATOM 1540 N N   . UNK A 1 386 ? -1.730  -0.923  -0.529  1.00 0.00 ? 385 UNK A N   1 
ATOM 1541 C CA  . UNK A 1 386 ? -1.219  -0.730  0.838   1.00 0.00 ? 385 UNK A CA  1 
ATOM 1542 C C   . UNK A 1 386 ? 0.303   -0.521  0.825   1.00 0.00 ? 385 UNK A C   1 
ATOM 1543 O O   . UNK A 1 386 ? 1.078   -1.453  1.039   1.00 0.00 ? 385 UNK A O   1 
ATOM 1544 N N   . UNK A 1 387 ? 0.677   0.729   0.563   1.00 0.00 ? 386 UNK A N   1 
ATOM 1545 C CA  . UNK A 1 387 ? 2.117   1.047   0.557   1.00 0.00 ? 386 UNK A CA  1 
ATOM 1546 C C   . UNK A 1 387 ? 2.771   0.367   1.778   1.00 0.00 ? 386 UNK A C   1 
ATOM 1547 O O   . UNK A 1 387 ? 3.637   -0.493  1.629   1.00 0.00 ? 386 UNK A O   1 
ATOM 1548 N N   . UNK A 1 388 ? 2.316   0.797   2.952   1.00 0.00 ? 387 UNK A N   1 
ATOM 1549 C CA  . UNK A 1 388 ? 2.839   0.203   4.197   1.00 0.00 ? 387 UNK A CA  1 
ATOM 1550 C C   . UNK A 1 388 ? 2.859   -1.331  4.025   1.00 0.00 ? 387 UNK A C   1 
ATOM 1551 O O   . UNK A 1 388 ? 3.881   -1.977  4.240   1.00 0.00 ? 387 UNK A O   1 
ATOM 1552 N N   . UNK A 1 389 ? 1.712   -1.829  3.579   1.00 0.00 ? 388 UNK A N   1 
ATOM 1553 C CA  . UNK A 1 389 ? 1.547   -3.266  3.337   1.00 0.00 ? 388 UNK A CA  1 
ATOM 1554 C C   . UNK A 1 389 ? 2.749   -3.849  2.577   1.00 0.00 ? 388 UNK A C   1 
ATOM 1555 O O   . UNK A 1 389 ? 3.390   -4.798  3.025   1.00 0.00 ? 388 UNK A O   1 
ATOM 1556 N N   . UNK A 1 390 ? 3.005   -3.230  1.430   1.00 0.00 ? 389 UNK A N   1 
ATOM 1557 C CA  . UNK A 1 390 ? 4.119   -3.655  0.577   1.00 0.00 ? 389 UNK A CA  1 
ATOM 1558 C C   . UNK A 1 390 ? 5.441   -3.710  1.363   1.00 0.00 ? 389 UNK A C   1 
ATOM 1559 O O   . UNK A 1 390 ? 6.157   -4.711  1.332   1.00 0.00 ? 389 UNK A O   1 
ATOM 1560 N N   . UNK A 1 391 ? 5.728   -2.587  2.013   1.00 0.00 ? 390 UNK A N   1 
ATOM 1561 C CA  . UNK A 1 391 ? 6.963   -2.468  2.798   1.00 0.00 ? 390 UNK A CA  1 
ATOM 1562 C C   . UNK A 1 391 ? 7.156   -3.715  3.681   1.00 0.00 ? 390 UNK A C   1 
ATOM 1563 O O   . UNK A 1 391 ? 8.076   -4.505  3.472   1.00 0.00 ? 390 UNK A O   1 
ATOM 1564 N N   . UNK A 1 392 ? 6.255   -3.837  4.652   1.00 0.00 ? 391 UNK A N   1 
ATOM 1565 C CA  . UNK A 1 392 ? 6.341   -4.962  5.594   1.00 0.00 ? 391 UNK A CA  1 
ATOM 1566 C C   . UNK A 1 392 ? 6.633   -6.269  4.834   1.00 0.00 ? 391 UNK A C   1 
ATOM 1567 O O   . UNK A 1 392 ? 7.832   -6.804  4.997   1.00 0.00 ? 391 UNK A O   1 
ATOM 1568 N N   . UNK A 1 393 ? 5.366   -6.372  3.589   1.00 0.00 ? 392 UNK A N   1 
ATOM 1569 C CA  . UNK A 1 393 ? 5.673   -7.761  3.052   1.00 0.00 ? 392 UNK A CA  1 
ATOM 1570 C C   . UNK A 1 393 ? 7.194   -8.093  2.755   1.00 0.00 ? 392 UNK A C   1 
ATOM 1571 O O   . UNK A 1 393 ? 7.613   -9.071  3.158   1.00 0.00 ? 392 UNK A O   1 
ATOM 1572 N N   . UNK A 1 394 ? 7.718   -7.236  1.887   1.00 0.00 ? 393 UNK A N   1 
ATOM 1573 C CA  . UNK A 1 394 ? 9.105   -7.346  1.445   1.00 0.00 ? 393 UNK A CA  1 
ATOM 1574 C C   . UNK A 1 394 ? 10.130  -7.337  2.583   1.00 0.00 ? 393 UNK A C   1 
ATOM 1575 O O   . UNK A 1 394 ? 10.969  -8.233  2.696   1.00 0.00 ? 393 UNK A O   1 
ATOM 1576 N N   . UNK A 1 395 ? 10.078  -6.263  3.371   1.00 0.00 ? 394 UNK A N   1 
ATOM 1577 C CA  . UNK A 1 395 ? 11.107  -6.109  4.411   1.00 0.00 ? 394 UNK A CA  1 
ATOM 1578 C C   . UNK A 1 395 ? 11.346  -7.447  5.130   1.00 0.00 ? 394 UNK A C   1 
ATOM 1579 O O   . UNK A 1 395 ? 12.479  -7.804  5.452   1.00 0.00 ? 394 UNK A O   1 
ATOM 1580 N N   . UNK A 1 396 ? 10.235  -8.134  5.397   1.00 0.00 ? 395 UNK A N   1 
ATOM 1581 C CA  . UNK A 1 396 ? 10.360  -9.451  6.031   1.00 0.00 ? 395 UNK A CA  1 
ATOM 1582 C C   . UNK A 1 396 ? 9.911   -9.454  7.499   1.00 0.00 ? 395 UNK A C   1 
ATOM 1583 O O   . UNK A 1 396 ? 10.723  -9.591  8.414   1.00 0.00 ? 395 UNK A O   1 
ATOM 1584 N N   . UNK A 1 397 ? 8.597   -9.369  7.653   1.00 0.00 ? 396 UNK A N   1 
ATOM 1585 C CA  . UNK A 1 397 ? 7.984   -9.399  8.989   1.00 0.00 ? 396 UNK A CA  1 
ATOM 1586 C C   . UNK A 1 397 ? 6.538   -9.885  8.804   1.00 0.00 ? 396 UNK A C   1 
ATOM 1587 O O   . UNK A 1 397 ? 5.823   -9.448  7.901   1.00 0.00 ? 396 UNK A O   1 
ATOM 1588 N N   . UNK A 1 398 ? 6.161   -10.843 9.652   1.00 0.00 ? 397 UNK A N   1 
ATOM 1589 C CA  . UNK A 1 398 ? 4.763   -11.316 9.488   1.00 0.00 ? 397 UNK A CA  1 
ATOM 1590 C C   . UNK A 1 398 ? 3.866   -10.061 9.580   1.00 0.00 ? 397 UNK A C   1 
ATOM 1591 O O   . UNK A 1 398 ? 4.241   -8.970  9.156   1.00 0.00 ? 397 UNK A O   1 
ATOM 1592 N N   . UNK A 1 399 ? 2.712   -10.278 10.206  1.00 0.00 ? 398 UNK A N   1 
ATOM 1593 C CA  . UNK A 1 399 ? 1.812   -9.151  10.473  1.00 0.00 ? 398 UNK A CA  1 
ATOM 1594 C C   . UNK A 1 399 ? 0.405   -9.655  10.843  1.00 0.00 ? 398 UNK A C   1 
ATOM 1595 O O   . UNK A 1 399 ? -0.004  -10.747 10.459  1.00 0.00 ? 398 UNK A O   1 
ATOM 1596 N N   . UNK A 1 400 ? -0.284  -8.782  11.575  1.00 0.00 ? 399 UNK A N   1 
ATOM 1597 C CA  . UNK A 1 400 ? -1.617  -9.115  12.081  1.00 0.00 ? 399 UNK A CA  1 
ATOM 1598 C C   . UNK A 1 400 ? -2.517  -9.690  10.976  1.00 0.00 ? 399 UNK A C   1 
ATOM 1599 O O   . UNK A 1 400 ? -2.646  -10.905 10.826  1.00 0.00 ? 399 UNK A O   1 
ATOM 1600 N N   . UNK A 1 401 ? -3.119  -8.763  10.235  1.00 0.00 ? 400 UNK A N   1 
ATOM 1601 C CA  . UNK A 1 401 ? -4.024  -9.159  9.148   1.00 0.00 ? 400 UNK A CA  1 
ATOM 1602 C C   . UNK A 1 401 ? -3.567  -10.493 8.529   1.00 0.00 ? 400 UNK A C   1 
ATOM 1603 O O   . UNK A 1 401 ? -4.296  -11.484 8.555   1.00 0.00 ? 400 UNK A O   1 
ATOM 1604 N N   . UNK A 1 402 ? -2.348  -10.448 8.011   1.00 0.00 ? 401 UNK A N   1 
ATOM 1605 C CA  . UNK A 1 402 ? -1.727  -11.592 7.352   1.00 0.00 ? 401 UNK A CA  1 
ATOM 1606 C C   . UNK A 1 402 ? -1.882  -12.907 8.128   1.00 0.00 ? 401 UNK A C   1 
ATOM 1607 O O   . UNK A 1 402 ? -2.449  -13.877 7.623   1.00 0.00 ? 401 UNK A O   1 
ATOM 1608 N N   . UNK A 1 403 ? -1.309  -12.907 9.329   1.00 0.00 ? 402 UNK A N   1 
ATOM 1609 C CA  . UNK A 1 403 ? -1.278  -14.141 10.124  1.00 0.00 ? 402 UNK A CA  1 
ATOM 1610 C C   . UNK A 1 403 ? -2.701  -14.559 10.532  1.00 0.00 ? 402 UNK A C   1 
ATOM 1611 O O   . UNK A 1 403 ? -3.055  -15.736 10.485  1.00 0.00 ? 402 UNK A O   1 
ATOM 1612 N N   . UNK A 1 404 ? -3.466  -13.545 10.923  1.00 0.00 ? 403 UNK A N   1 
ATOM 1613 C CA  . UNK A 1 404 ? -4.831  -13.780 11.404  1.00 0.00 ? 403 UNK A CA  1 
ATOM 1614 C C   . UNK A 1 404 ? -5.688  -14.479 10.333  1.00 0.00 ? 403 UNK A C   1 
ATOM 1615 O O   . UNK A 1 404 ? -6.330  -15.496 10.598  1.00 0.00 ? 403 UNK A O   1 
ATOM 1616 N N   . UNK A 1 405 ? -5.673  -13.878 9.150   1.00 0.00 ? 404 UNK A N   1 
ATOM 1617 C CA  . UNK A 1 405 ? -6.446  -14.381 8.015   1.00 0.00 ? 404 UNK A CA  1 
ATOM 1618 C C   . UNK A 1 405 ? -6.512  -15.916 7.942   1.00 0.00 ? 404 UNK A C   1 
ATOM 1619 O O   . UNK A 1 405 ? -5.667  -16.547 7.304   1.00 0.00 ? 404 UNK A O   1 
ATOM 1620 N N   . UNK A 1 406 ? -7.549  -16.450 8.574   1.00 0.00 ? 405 UNK A N   1 
ATOM 1621 C CA  . UNK A 1 406 ? -7.807  -17.886 8.606   1.00 0.00 ? 405 UNK A CA  1 
ATOM 1622 C C   . UNK A 1 406 ? -7.238  -18.622 7.377   1.00 0.00 ? 405 UNK A C   1 
ATOM 1623 O O   . UNK A 1 406 ? -7.286  -18.119 6.258   1.00 0.00 ? 405 UNK A O   1 
ATOM 1624 N N   . UNK A 1 407 ? -6.679  -19.772 7.703   1.00 0.00 ? 406 UNK A N   1 
ATOM 1625 C CA  . UNK A 1 407 ? -5.956  -20.671 6.805   1.00 0.00 ? 406 UNK A CA  1 
ATOM 1626 C C   . UNK A 1 407 ? -6.895  -21.706 6.149   1.00 0.00 ? 406 UNK A C   1 
ATOM 1627 O O   . UNK A 1 407 ? -7.682  -22.347 6.850   1.00 0.00 ? 406 UNK A O   1 
ATOM 1628 N N   . UNK A 1 408 ? -6.694  -21.936 4.851   1.00 0.00 ? 407 UNK A N   1 
ATOM 1629 C CA  . UNK A 1 408 ? -7.493  -22.983 4.196   1.00 0.00 ? 407 UNK A CA  1 
ATOM 1630 C C   . UNK A 1 408 ? -6.821  -23.568 2.947   1.00 0.00 ? 407 UNK A C   1 
ATOM 1631 O O   . UNK A 1 408 ? -5.670  -23.144 2.663   1.00 0.00 ? 407 UNK A O   1 
ATOM 1632 O OXT . UNK A 1 408 ? -7.500  -24.428 2.317   1.00 0.00 ? 407 UNK A OXT 1 
# 
